data_7FES
#
_entry.id   7FES
#
_cell.length_a   1.00
_cell.length_b   1.00
_cell.length_c   1.00
_cell.angle_alpha   90.00
_cell.angle_beta   90.00
_cell.angle_gamma   90.00
#
_symmetry.space_group_name_H-M   'P 1'
#
_entity_poly.entity_id   1
_entity_poly.type   'polypeptide(L)'
_entity_poly.pdbx_seq_one_letter_code
;NLIPTVIEQTNRGERAYDIYSRLLKDRIIMLGSAIDDNVANSIVSQLLFLAAEDPEKEISLYINSPGGSITAGMAIYDTM
QFIKPKVSTICIGMAASMGAFLLAAGEKGKRYALPNSEVMIHQPLGGAQGQATEIEIAAKRILLLRDKLNKVLAERTGQP
LEVIERDTDRDNFKSAEEALEYGLIDKILTHTEDKKHHHHHH
;
_entity_poly.pdbx_strand_id   A,B,C,D,E,F,G,H,I,J,K,L,M,N
#
# COMPACT_ATOMS: atom_id res chain seq x y z
N ILE A 19 -10.02 -16.30 -24.31
CA ILE A 19 -9.45 -17.12 -25.37
C ILE A 19 -9.46 -18.60 -25.00
N TYR A 20 -9.23 -18.90 -23.71
CA TYR A 20 -9.27 -20.29 -23.25
C TYR A 20 -10.61 -20.93 -23.58
N SER A 21 -11.67 -20.14 -23.55
CA SER A 21 -12.99 -20.67 -23.86
C SER A 21 -13.08 -21.21 -25.26
N ARG A 22 -12.68 -20.40 -26.24
CA ARG A 22 -12.86 -20.79 -27.63
C ARG A 22 -12.03 -22.01 -27.98
N LEU A 23 -10.93 -22.21 -27.26
CA LEU A 23 -10.19 -23.46 -27.38
C LEU A 23 -11.09 -24.63 -27.07
N LEU A 24 -11.88 -24.50 -26.01
CA LEU A 24 -12.52 -25.65 -25.41
C LEU A 24 -13.62 -26.22 -26.31
N LYS A 25 -14.01 -25.48 -27.35
CA LYS A 25 -15.18 -25.86 -28.12
C LYS A 25 -14.92 -27.12 -28.95
N ASP A 26 -13.64 -27.45 -29.18
CA ASP A 26 -13.27 -28.70 -29.82
C ASP A 26 -12.43 -29.60 -28.93
N ARG A 27 -12.61 -29.49 -27.61
CA ARG A 27 -12.07 -30.47 -26.66
C ARG A 27 -10.56 -30.44 -26.62
N ILE A 28 -10.00 -29.26 -26.33
CA ILE A 28 -8.57 -29.09 -26.12
C ILE A 28 -8.37 -28.24 -24.88
N ILE A 29 -7.25 -28.46 -24.20
CA ILE A 29 -6.94 -27.82 -22.93
C ILE A 29 -5.51 -27.32 -22.99
N MET A 30 -5.17 -26.45 -22.04
CA MET A 30 -3.82 -25.97 -21.87
C MET A 30 -3.46 -25.95 -20.40
N LEU A 31 -2.17 -26.10 -20.14
CA LEU A 31 -1.64 -26.23 -18.78
C LEU A 31 -0.17 -25.84 -18.87
N GLY A 32 0.16 -24.62 -18.44
CA GLY A 32 1.54 -24.19 -18.51
C GLY A 32 2.08 -23.37 -17.36
N SER A 33 1.22 -22.87 -16.49
CA SER A 33 1.68 -21.83 -15.58
C SER A 33 2.52 -22.42 -14.45
N ALA A 34 1.89 -23.23 -13.63
CA ALA A 34 2.46 -23.77 -12.40
C ALA A 34 1.37 -24.67 -11.85
N ILE A 35 1.62 -25.25 -10.68
CA ILE A 35 0.73 -26.25 -10.11
C ILE A 35 0.51 -25.93 -8.64
N ASP A 36 -0.72 -25.58 -8.29
CA ASP A 36 -1.20 -25.41 -6.94
C ASP A 36 -2.48 -26.22 -6.76
N ASP A 37 -3.18 -25.96 -5.66
CA ASP A 37 -4.50 -26.54 -5.47
C ASP A 37 -5.58 -25.77 -6.21
N ASN A 38 -5.38 -24.46 -6.38
CA ASN A 38 -6.43 -23.64 -6.99
C ASN A 38 -6.65 -24.04 -8.43
N VAL A 39 -5.57 -24.12 -9.20
CA VAL A 39 -5.68 -24.53 -10.59
C VAL A 39 -6.15 -25.97 -10.67
N ALA A 40 -5.73 -26.80 -9.72
CA ALA A 40 -6.07 -28.22 -9.73
C ALA A 40 -7.57 -28.43 -9.78
N ASN A 41 -8.32 -27.55 -9.15
CA ASN A 41 -9.77 -27.67 -9.16
C ASN A 41 -10.33 -27.30 -10.53
N SER A 42 -9.57 -26.54 -11.31
CA SER A 42 -10.08 -26.11 -12.61
C SER A 42 -10.04 -27.24 -13.61
N ILE A 43 -8.92 -27.96 -13.66
CA ILE A 43 -8.73 -28.96 -14.70
C ILE A 43 -9.71 -30.09 -14.52
N VAL A 44 -9.80 -30.62 -13.29
CA VAL A 44 -10.77 -31.65 -12.96
C VAL A 44 -12.15 -31.24 -13.39
N SER A 45 -12.52 -29.99 -13.11
CA SER A 45 -13.83 -29.51 -13.50
C SER A 45 -13.94 -29.43 -15.01
N GLN A 46 -12.86 -28.98 -15.65
CA GLN A 46 -12.83 -28.95 -17.10
C GLN A 46 -13.03 -30.34 -17.67
N LEU A 47 -12.34 -31.31 -17.10
CA LEU A 47 -12.45 -32.68 -17.56
C LEU A 47 -13.85 -33.21 -17.39
N LEU A 48 -14.56 -32.71 -16.38
CA LEU A 48 -15.84 -33.28 -16.04
C LEU A 48 -16.95 -32.73 -16.91
N PHE A 49 -16.83 -31.45 -17.28
CA PHE A 49 -17.77 -30.90 -18.25
C PHE A 49 -17.67 -31.64 -19.57
N LEU A 50 -16.45 -31.93 -20.00
CA LEU A 50 -16.24 -32.49 -21.32
C LEU A 50 -16.72 -33.92 -21.42
N ALA A 51 -16.96 -34.57 -20.28
CA ALA A 51 -17.43 -35.94 -20.29
C ALA A 51 -18.92 -36.02 -20.57
N ALA A 52 -19.68 -35.09 -20.00
CA ALA A 52 -21.13 -35.20 -20.01
C ALA A 52 -21.77 -34.64 -21.27
N GLU A 53 -20.98 -34.13 -22.22
CA GLU A 53 -21.49 -33.71 -23.51
C GLU A 53 -21.41 -34.82 -24.54
N ASP A 54 -20.32 -35.60 -24.51
CA ASP A 54 -20.19 -36.80 -25.30
C ASP A 54 -19.34 -37.78 -24.51
N PRO A 55 -19.53 -39.09 -24.69
CA PRO A 55 -18.73 -40.05 -23.94
C PRO A 55 -17.48 -40.51 -24.69
N GLU A 56 -17.38 -40.19 -25.98
CA GLU A 56 -16.43 -40.85 -26.87
C GLU A 56 -15.60 -39.92 -27.73
N LYS A 57 -15.92 -38.63 -27.82
CA LYS A 57 -15.09 -37.72 -28.59
C LYS A 57 -13.70 -37.65 -27.98
N GLU A 58 -12.70 -38.03 -28.77
CA GLU A 58 -11.33 -38.07 -28.31
C GLU A 58 -10.91 -36.69 -27.82
N ILE A 59 -9.87 -36.69 -27.01
CA ILE A 59 -9.41 -35.50 -26.31
C ILE A 59 -7.90 -35.51 -26.29
N SER A 60 -7.31 -34.34 -26.16
CA SER A 60 -5.87 -34.18 -26.12
C SER A 60 -5.51 -33.33 -24.93
N LEU A 61 -4.22 -33.04 -24.81
CA LEU A 61 -3.73 -32.24 -23.71
C LEU A 61 -2.32 -31.74 -23.98
N TYR A 62 -2.12 -30.44 -23.83
CA TYR A 62 -0.89 -29.76 -24.18
C TYR A 62 -0.30 -29.18 -22.90
N ILE A 63 1.02 -29.18 -22.81
CA ILE A 63 1.72 -28.92 -21.56
C ILE A 63 2.93 -28.06 -21.82
N ASN A 64 3.19 -27.11 -20.92
CA ASN A 64 4.50 -26.46 -20.86
C ASN A 64 4.72 -25.99 -19.42
N SER A 65 5.28 -26.87 -18.59
CA SER A 65 5.21 -26.73 -17.15
C SER A 65 6.55 -26.42 -16.51
N PRO A 66 6.56 -25.75 -15.35
CA PRO A 66 7.79 -25.61 -14.57
C PRO A 66 7.99 -26.67 -13.51
N GLY A 67 6.90 -27.30 -13.07
CA GLY A 67 6.93 -28.14 -11.89
C GLY A 67 5.65 -28.10 -11.10
N GLY A 68 5.68 -28.59 -9.87
CA GLY A 68 4.49 -28.63 -9.06
C GLY A 68 4.68 -29.35 -7.75
N SER A 69 3.59 -29.43 -7.01
CA SER A 69 3.54 -30.18 -5.77
C SER A 69 3.35 -31.65 -6.08
N ILE A 70 3.02 -32.41 -5.04
CA ILE A 70 2.91 -33.87 -5.11
C ILE A 70 1.46 -34.31 -4.97
N THR A 71 0.68 -33.58 -4.21
CA THR A 71 -0.64 -34.06 -3.81
C THR A 71 -1.59 -34.17 -4.99
N ALA A 72 -1.49 -33.24 -5.95
CA ALA A 72 -2.43 -33.24 -7.07
C ALA A 72 -2.00 -34.19 -8.16
N GLY A 73 -0.76 -34.66 -8.13
CA GLY A 73 -0.28 -35.54 -9.17
C GLY A 73 -1.10 -36.80 -9.28
N MET A 74 -1.58 -37.29 -8.15
CA MET A 74 -2.52 -38.40 -8.17
C MET A 74 -3.91 -37.93 -8.48
N ALA A 75 -4.25 -36.71 -8.02
CA ALA A 75 -5.58 -36.16 -8.17
C ALA A 75 -6.04 -36.17 -9.61
N ILE A 76 -5.10 -36.00 -10.52
CA ILE A 76 -5.42 -35.96 -11.94
C ILE A 76 -5.30 -37.33 -12.55
N TYR A 77 -4.32 -38.11 -12.09
CA TYR A 77 -4.08 -39.42 -12.68
C TYR A 77 -5.24 -40.35 -12.40
N ASP A 78 -5.82 -40.24 -11.21
CA ASP A 78 -6.97 -41.06 -10.88
C ASP A 78 -8.16 -40.75 -11.77
N THR A 79 -8.38 -39.46 -12.05
CA THR A 79 -9.53 -39.07 -12.82
C THR A 79 -9.36 -39.45 -14.27
N MET A 80 -8.17 -39.18 -14.81
CA MET A 80 -7.81 -39.60 -16.16
C MET A 80 -8.02 -41.08 -16.37
N GLN A 81 -7.87 -41.81 -15.28
CA GLN A 81 -8.17 -43.24 -15.22
C GLN A 81 -9.52 -43.25 -14.51
N PHE A 82 -10.63 -43.15 -15.25
CA PHE A 82 -12.02 -43.04 -14.71
C PHE A 82 -13.13 -42.93 -15.76
N ILE A 83 -12.97 -42.13 -16.83
CA ILE A 83 -14.04 -41.80 -17.81
C ILE A 83 -14.23 -42.84 -18.93
N LYS A 84 -15.33 -42.63 -19.67
CA LYS A 84 -15.73 -43.28 -20.92
C LYS A 84 -14.72 -43.10 -22.04
N PRO A 85 -14.25 -41.90 -22.36
CA PRO A 85 -13.33 -41.73 -23.49
C PRO A 85 -11.87 -41.93 -23.09
N LYS A 86 -10.99 -41.72 -24.06
CA LYS A 86 -9.54 -41.85 -23.90
C LYS A 86 -8.92 -40.47 -23.75
N VAL A 87 -7.59 -40.44 -23.62
CA VAL A 87 -6.83 -39.22 -23.45
C VAL A 87 -5.50 -39.34 -24.18
N SER A 88 -5.14 -38.28 -24.90
CA SER A 88 -3.83 -38.14 -25.53
C SER A 88 -3.08 -37.01 -24.87
N THR A 89 -1.75 -37.00 -25.07
CA THR A 89 -0.88 -36.06 -24.41
C THR A 89 0.20 -35.60 -25.36
N ILE A 90 0.63 -34.36 -25.15
CA ILE A 90 1.67 -33.73 -25.94
C ILE A 90 2.52 -32.90 -25.00
N CYS A 91 3.81 -32.83 -25.27
CA CYS A 91 4.75 -32.02 -24.50
C CYS A 91 5.33 -30.93 -25.38
N ILE A 92 5.91 -29.93 -24.74
CA ILE A 92 6.45 -28.75 -25.39
C ILE A 92 7.65 -28.28 -24.58
N GLY A 93 8.82 -28.33 -25.19
CA GLY A 93 10.00 -27.75 -24.59
C GLY A 93 10.31 -28.37 -23.24
N MET A 94 10.00 -27.60 -22.21
CA MET A 94 10.26 -27.97 -20.84
C MET A 94 9.13 -28.83 -20.31
N ALA A 95 9.48 -29.79 -19.47
CA ALA A 95 8.48 -30.58 -18.76
C ALA A 95 9.13 -31.12 -17.49
N ALA A 96 8.42 -31.00 -16.39
CA ALA A 96 9.00 -31.21 -15.08
C ALA A 96 8.68 -32.61 -14.58
N SER A 97 9.02 -32.85 -13.31
CA SER A 97 8.73 -34.14 -12.68
C SER A 97 7.25 -34.45 -12.72
N MET A 98 6.39 -33.46 -12.47
CA MET A 98 4.96 -33.73 -12.35
C MET A 98 4.33 -33.95 -13.70
N GLY A 99 4.57 -33.03 -14.64
CA GLY A 99 4.00 -33.18 -15.96
C GLY A 99 4.49 -34.43 -16.66
N ALA A 100 5.70 -34.87 -16.30
CA ALA A 100 6.23 -36.11 -16.83
C ALA A 100 5.32 -37.27 -16.47
N PHE A 101 4.98 -37.42 -15.19
CA PHE A 101 4.06 -38.46 -14.78
C PHE A 101 2.74 -38.34 -15.51
N LEU A 102 2.29 -37.11 -15.72
CA LEU A 102 1.10 -36.89 -16.52
C LEU A 102 1.34 -37.27 -17.97
N LEU A 103 2.56 -37.09 -18.45
CA LEU A 103 2.85 -37.38 -19.84
C LEU A 103 2.61 -38.86 -20.15
N ALA A 104 3.15 -39.75 -19.32
CA ALA A 104 2.98 -41.18 -19.52
C ALA A 104 1.76 -41.67 -18.76
N ALA A 105 0.61 -41.18 -19.20
CA ALA A 105 -0.65 -41.47 -18.56
C ALA A 105 -1.78 -41.77 -19.53
N GLY A 106 -1.70 -41.33 -20.77
CA GLY A 106 -2.69 -41.67 -21.76
C GLY A 106 -2.39 -43.02 -22.36
N GLU A 107 -3.03 -43.32 -23.49
CA GLU A 107 -2.76 -44.58 -24.16
C GLU A 107 -1.31 -44.60 -24.63
N LYS A 108 -0.82 -45.80 -24.92
CA LYS A 108 0.60 -46.01 -25.11
C LYS A 108 1.14 -45.35 -26.38
N GLY A 109 0.36 -45.31 -27.45
CA GLY A 109 0.82 -44.78 -28.72
C GLY A 109 0.15 -43.46 -29.07
N LYS A 110 -0.10 -42.66 -28.05
CA LYS A 110 -0.71 -41.34 -28.20
C LYS A 110 -0.02 -40.36 -27.29
N ARG A 111 1.30 -40.47 -27.19
CA ARG A 111 2.10 -39.66 -26.29
C ARG A 111 3.24 -39.09 -27.11
N TYR A 112 2.96 -38.00 -27.81
CA TYR A 112 3.91 -37.40 -28.71
C TYR A 112 4.65 -36.26 -28.01
N ALA A 113 5.70 -35.78 -28.66
CA ALA A 113 6.50 -34.69 -28.15
C ALA A 113 7.08 -33.93 -29.33
N LEU A 114 8.11 -33.13 -29.06
CA LEU A 114 8.72 -32.25 -30.04
C LEU A 114 10.23 -32.40 -30.00
N PRO A 115 10.92 -32.10 -31.09
CA PRO A 115 12.37 -32.32 -31.14
C PRO A 115 13.20 -31.16 -30.61
N ASN A 116 12.74 -30.54 -29.54
CA ASN A 116 13.53 -29.54 -28.84
C ASN A 116 13.29 -29.60 -27.34
N SER A 117 12.71 -30.68 -26.86
CA SER A 117 12.07 -30.68 -25.56
C SER A 117 12.91 -31.39 -24.52
N GLU A 118 12.89 -30.83 -23.32
CA GLU A 118 13.56 -31.39 -22.16
C GLU A 118 12.53 -31.98 -21.21
N VAL A 119 12.94 -33.04 -20.54
CA VAL A 119 12.16 -33.61 -19.44
C VAL A 119 13.11 -33.88 -18.29
N MET A 120 12.54 -33.93 -17.09
CA MET A 120 13.33 -34.18 -15.89
C MET A 120 12.49 -34.98 -14.92
N ILE A 121 13.17 -35.55 -13.93
CA ILE A 121 12.52 -36.30 -12.88
C ILE A 121 13.17 -35.90 -11.56
N HIS A 122 12.36 -35.86 -10.50
CA HIS A 122 12.68 -35.21 -9.25
C HIS A 122 11.45 -35.37 -8.35
N GLN A 123 11.66 -35.25 -7.05
CA GLN A 123 10.57 -35.38 -6.09
C GLN A 123 9.43 -34.40 -6.38
N ALA A 138 1.90 -35.43 8.61
CA ALA A 138 2.02 -35.35 7.16
C ALA A 138 3.35 -35.88 6.72
N ALA A 139 3.78 -36.98 7.35
CA ALA A 139 5.02 -37.65 7.04
C ALA A 139 4.82 -39.08 6.59
N LYS A 140 4.21 -39.91 7.43
CA LYS A 140 3.97 -41.31 7.07
C LYS A 140 3.06 -41.41 5.86
N ARG A 141 2.25 -40.37 5.63
CA ARG A 141 1.40 -40.33 4.44
C ARG A 141 2.24 -40.32 3.17
N ILE A 142 3.25 -39.44 3.13
CA ILE A 142 3.92 -39.13 1.87
C ILE A 142 4.75 -40.32 1.40
N LEU A 143 5.31 -41.08 2.33
CA LEU A 143 6.18 -42.18 1.94
C LEU A 143 5.43 -43.24 1.14
N LEU A 144 4.11 -43.28 1.28
CA LEU A 144 3.31 -44.13 0.44
C LEU A 144 3.29 -43.61 -1.00
N LEU A 145 3.41 -42.30 -1.17
CA LEU A 145 3.23 -41.71 -2.49
C LEU A 145 4.47 -41.92 -3.34
N ARG A 146 5.64 -41.56 -2.81
CA ARG A 146 6.88 -41.70 -3.55
C ARG A 146 7.13 -43.15 -3.96
N ASP A 147 6.59 -44.10 -3.20
CA ASP A 147 6.69 -45.50 -3.59
C ASP A 147 5.59 -45.88 -4.57
N LYS A 148 4.35 -45.50 -4.24
CA LYS A 148 3.22 -45.74 -5.15
C LYS A 148 3.47 -45.12 -6.50
N LEU A 149 4.12 -43.96 -6.50
CA LEU A 149 4.40 -43.26 -7.75
C LEU A 149 5.32 -44.08 -8.63
N ASN A 150 6.39 -44.62 -8.06
CA ASN A 150 7.36 -45.35 -8.85
C ASN A 150 6.77 -46.65 -9.38
N LYS A 151 5.83 -47.23 -8.64
CA LYS A 151 5.18 -48.46 -9.10
C LYS A 151 4.52 -48.27 -10.45
N VAL A 152 3.83 -47.16 -10.63
CA VAL A 152 3.22 -46.84 -11.92
C VAL A 152 4.30 -46.75 -12.97
N LEU A 153 5.20 -45.80 -12.78
CA LEU A 153 6.08 -45.35 -13.85
C LEU A 153 7.10 -46.40 -14.22
N ALA A 154 7.37 -47.36 -13.32
CA ALA A 154 8.26 -48.47 -13.60
C ALA A 154 7.52 -49.69 -14.12
N GLU A 155 6.26 -49.54 -14.52
CA GLU A 155 5.45 -50.63 -15.04
C GLU A 155 4.87 -50.35 -16.41
N ARG A 156 4.75 -49.09 -16.79
CA ARG A 156 4.37 -48.73 -18.16
C ARG A 156 5.51 -48.92 -19.14
N THR A 157 6.73 -49.14 -18.64
CA THR A 157 7.93 -49.17 -19.47
C THR A 157 8.63 -50.51 -19.36
N GLY A 158 8.49 -51.20 -18.23
CA GLY A 158 9.18 -52.45 -17.99
C GLY A 158 10.47 -52.25 -17.21
N GLN A 159 11.01 -51.05 -17.25
CA GLN A 159 12.24 -50.71 -16.57
C GLN A 159 12.11 -50.94 -15.07
N PRO A 160 13.12 -51.56 -14.42
CA PRO A 160 12.96 -51.87 -12.99
C PRO A 160 13.37 -50.74 -12.07
N LEU A 161 13.04 -50.90 -10.78
CA LEU A 161 13.21 -49.86 -9.78
C LEU A 161 14.66 -49.40 -9.62
N GLU A 162 15.62 -50.30 -9.79
CA GLU A 162 17.02 -49.93 -9.61
C GLU A 162 17.41 -48.83 -10.58
N VAL A 163 16.79 -48.82 -11.76
CA VAL A 163 17.04 -47.77 -12.73
C VAL A 163 16.42 -46.47 -12.25
N ILE A 164 15.32 -46.58 -11.50
CA ILE A 164 14.49 -45.42 -11.20
C ILE A 164 15.18 -44.53 -10.18
N GLU A 165 15.66 -45.13 -9.10
CA GLU A 165 15.97 -44.38 -7.90
C GLU A 165 17.12 -43.40 -8.11
N ARG A 166 18.28 -43.91 -8.51
CA ARG A 166 19.44 -43.05 -8.74
C ARG A 166 19.20 -42.04 -9.83
N ASP A 167 18.24 -42.28 -10.73
CA ASP A 167 17.87 -41.34 -11.78
C ASP A 167 16.66 -40.52 -11.40
N THR A 168 16.19 -40.64 -10.16
CA THR A 168 15.05 -39.88 -9.67
C THR A 168 15.45 -38.81 -8.67
N ASP A 169 16.39 -39.09 -7.78
CA ASP A 169 16.92 -38.07 -6.89
C ASP A 169 17.83 -37.07 -7.58
N ARG A 170 18.55 -37.49 -8.61
CA ARG A 170 19.51 -36.63 -9.29
C ARG A 170 18.77 -35.67 -10.21
N ASP A 171 19.51 -34.98 -11.08
CA ASP A 171 18.94 -34.01 -12.00
C ASP A 171 19.81 -34.05 -13.26
N ASN A 172 19.30 -34.73 -14.28
CA ASN A 172 19.97 -34.84 -15.56
C ASN A 172 18.94 -34.70 -16.67
N PHE A 173 19.09 -33.64 -17.45
CA PHE A 173 18.11 -33.28 -18.46
C PHE A 173 18.28 -34.20 -19.65
N LYS A 174 17.37 -35.14 -19.79
CA LYS A 174 17.29 -35.93 -21.01
C LYS A 174 16.76 -35.07 -22.14
N SER A 175 16.62 -35.69 -23.30
CA SER A 175 16.15 -35.04 -24.51
C SER A 175 14.95 -35.77 -25.09
N ALA A 176 14.59 -35.34 -26.29
CA ALA A 176 13.55 -36.02 -27.03
C ALA A 176 13.92 -37.47 -27.30
N GLU A 177 15.00 -37.67 -28.05
CA GLU A 177 15.29 -38.99 -28.61
C GLU A 177 15.60 -40.01 -27.53
N GLU A 178 16.57 -39.69 -26.67
CA GLU A 178 17.01 -40.64 -25.67
C GLU A 178 15.91 -41.01 -24.70
N ALA A 179 14.90 -40.15 -24.55
CA ALA A 179 13.77 -40.49 -23.71
C ALA A 179 13.01 -41.69 -24.24
N LEU A 180 12.96 -41.85 -25.56
CA LEU A 180 12.20 -42.95 -26.15
C LEU A 180 12.74 -44.28 -25.69
N GLU A 181 14.07 -44.41 -25.61
CA GLU A 181 14.66 -45.63 -25.08
C GLU A 181 14.26 -45.86 -23.64
N TYR A 182 14.05 -44.78 -22.88
CA TYR A 182 13.68 -44.88 -21.48
C TYR A 182 12.25 -45.34 -21.30
N GLY A 183 11.39 -45.13 -22.29
CA GLY A 183 10.06 -45.68 -22.29
C GLY A 183 9.00 -44.73 -21.79
N LEU A 184 9.08 -43.48 -22.23
CA LEU A 184 8.13 -42.45 -21.87
C LEU A 184 7.21 -42.07 -23.01
N ILE A 185 7.51 -42.49 -24.23
CA ILE A 185 6.96 -41.88 -25.42
C ILE A 185 7.20 -42.83 -26.58
N ASP A 186 6.32 -42.75 -27.58
CA ASP A 186 6.23 -43.77 -28.61
C ASP A 186 6.89 -43.33 -29.91
N LYS A 187 6.49 -42.19 -30.44
CA LYS A 187 6.98 -41.77 -31.76
C LYS A 187 6.86 -40.26 -31.87
N ILE A 188 7.99 -39.57 -31.73
CA ILE A 188 8.09 -38.21 -32.24
C ILE A 188 7.71 -38.20 -33.71
N LEU A 189 7.06 -37.13 -34.14
CA LEU A 189 6.72 -36.94 -35.55
C LEU A 189 7.95 -36.59 -36.38
N ILE B 19 -18.12 -21.74 -16.88
CA ILE B 19 -18.03 -23.07 -16.27
C ILE B 19 -19.17 -23.33 -15.31
N TYR B 20 -19.33 -22.44 -14.34
CA TYR B 20 -20.31 -22.66 -13.29
C TYR B 20 -21.72 -22.74 -13.86
N SER B 21 -22.10 -21.77 -14.69
CA SER B 21 -23.35 -21.89 -15.41
C SER B 21 -23.35 -23.13 -16.30
N ARG B 22 -22.17 -23.51 -16.78
CA ARG B 22 -22.07 -24.58 -17.76
C ARG B 22 -22.19 -25.94 -17.08
N LEU B 23 -21.60 -26.08 -15.91
CA LEU B 23 -21.68 -27.34 -15.19
C LEU B 23 -22.98 -27.43 -14.41
N LEU B 24 -23.35 -26.34 -13.75
CA LEU B 24 -24.51 -26.35 -12.86
C LEU B 24 -25.79 -26.64 -13.64
N LYS B 25 -25.80 -26.31 -14.92
CA LYS B 25 -26.90 -26.73 -15.78
C LYS B 25 -26.97 -28.25 -15.87
N ASP B 26 -25.85 -28.93 -15.62
CA ASP B 26 -25.81 -30.38 -15.60
C ASP B 26 -25.99 -30.95 -14.20
N ARG B 27 -26.41 -30.13 -13.23
CA ARG B 27 -26.81 -30.61 -11.92
C ARG B 27 -25.63 -31.12 -11.11
N ILE B 28 -24.56 -30.33 -11.06
CA ILE B 28 -23.33 -30.72 -10.37
C ILE B 28 -22.79 -29.52 -9.59
N ILE B 29 -22.05 -29.83 -8.52
CA ILE B 29 -21.51 -28.85 -7.61
C ILE B 29 -20.05 -29.20 -7.37
N MET B 30 -19.29 -28.21 -6.89
CA MET B 30 -17.90 -28.39 -6.50
C MET B 30 -17.65 -27.69 -5.18
N LEU B 31 -16.63 -28.17 -4.48
CA LEU B 31 -16.29 -27.69 -3.14
C LEU B 31 -14.81 -28.04 -2.93
N GLY B 32 -13.95 -27.04 -3.07
CA GLY B 32 -12.53 -27.30 -3.22
C GLY B 32 -11.56 -26.58 -2.32
N SER B 33 -11.93 -25.40 -1.82
CA SER B 33 -10.93 -24.50 -1.28
C SER B 33 -10.76 -24.66 0.22
N ALA B 34 -11.80 -24.30 0.96
CA ALA B 34 -11.74 -24.19 2.41
C ALA B 34 -13.14 -23.78 2.84
N ILE B 35 -13.34 -23.57 4.13
CA ILE B 35 -14.68 -23.41 4.69
C ILE B 35 -14.69 -22.19 5.60
N ASP B 36 -15.52 -21.21 5.25
CA ASP B 36 -15.85 -20.05 6.06
C ASP B 36 -17.36 -19.96 6.18
N ASP B 37 -17.83 -18.79 6.61
CA ASP B 37 -19.26 -18.52 6.57
C ASP B 37 -19.72 -18.11 5.18
N ASN B 38 -18.89 -17.37 4.43
CA ASN B 38 -19.34 -16.83 3.16
C ASN B 38 -19.65 -17.93 2.17
N VAL B 39 -18.73 -18.87 2.03
CA VAL B 39 -18.95 -20.00 1.14
C VAL B 39 -20.14 -20.81 1.61
N ALA B 40 -20.31 -20.91 2.92
CA ALA B 40 -21.43 -21.65 3.48
C ALA B 40 -22.75 -21.11 2.97
N ASN B 41 -22.82 -19.79 2.80
CA ASN B 41 -24.03 -19.18 2.27
C ASN B 41 -24.19 -19.47 0.79
N SER B 42 -23.10 -19.82 0.11
CA SER B 42 -23.20 -20.05 -1.32
C SER B 42 -23.76 -21.43 -1.62
N ILE B 43 -23.37 -22.42 -0.83
CA ILE B 43 -23.73 -23.80 -1.13
C ILE B 43 -25.22 -23.97 -0.96
N VAL B 44 -25.72 -23.55 0.19
CA VAL B 44 -27.15 -23.52 0.47
C VAL B 44 -27.89 -22.85 -0.66
N SER B 45 -27.34 -21.78 -1.20
CA SER B 45 -28.00 -21.05 -2.26
C SER B 45 -28.07 -21.92 -3.51
N GLN B 46 -26.94 -22.54 -3.85
CA GLN B 46 -26.92 -23.49 -4.95
C GLN B 46 -27.88 -24.63 -4.66
N LEU B 47 -27.87 -25.13 -3.44
CA LEU B 47 -28.73 -26.23 -3.05
C LEU B 47 -30.20 -25.86 -3.16
N LEU B 48 -30.53 -24.59 -3.08
CA LEU B 48 -31.91 -24.16 -3.14
C LEU B 48 -32.32 -23.76 -4.54
N PHE B 49 -31.37 -23.26 -5.33
CA PHE B 49 -31.67 -22.98 -6.73
C PHE B 49 -32.08 -24.25 -7.46
N LEU B 50 -31.51 -25.38 -7.07
CA LEU B 50 -31.66 -26.62 -7.80
C LEU B 50 -32.87 -27.42 -7.34
N ALA B 51 -33.53 -26.99 -6.28
CA ALA B 51 -34.71 -27.70 -5.81
C ALA B 51 -35.83 -27.61 -6.84
N ALA B 52 -36.27 -26.39 -7.12
CA ALA B 52 -37.49 -26.17 -7.88
C ALA B 52 -37.41 -26.69 -9.30
N GLU B 53 -36.21 -26.73 -9.87
CA GLU B 53 -36.03 -27.20 -11.24
C GLU B 53 -35.95 -28.72 -11.23
N ASP B 54 -37.08 -29.37 -11.52
CA ASP B 54 -37.18 -30.82 -11.59
C ASP B 54 -36.66 -31.47 -10.32
N PRO B 55 -37.39 -31.40 -9.20
CA PRO B 55 -36.90 -31.99 -7.95
C PRO B 55 -36.65 -33.50 -8.00
N GLU B 56 -37.00 -34.19 -9.09
CA GLU B 56 -36.66 -35.61 -9.22
C GLU B 56 -35.22 -35.83 -9.66
N LYS B 57 -34.50 -34.78 -10.03
CA LYS B 57 -33.11 -34.92 -10.43
C LYS B 57 -32.24 -35.20 -9.22
N GLU B 58 -31.87 -36.46 -9.04
CA GLU B 58 -30.80 -36.76 -8.11
C GLU B 58 -29.55 -36.00 -8.51
N ILE B 59 -28.78 -35.61 -7.51
CA ILE B 59 -27.63 -34.75 -7.73
C ILE B 59 -26.41 -35.42 -7.12
N SER B 60 -25.31 -34.68 -7.10
CA SER B 60 -24.06 -35.20 -6.60
C SER B 60 -23.33 -34.10 -5.87
N LEU B 61 -22.12 -34.41 -5.44
CA LEU B 61 -21.29 -33.45 -4.74
C LEU B 61 -19.87 -33.96 -4.71
N TYR B 62 -18.96 -33.20 -5.27
CA TYR B 62 -17.55 -33.53 -5.31
C TYR B 62 -16.81 -32.66 -4.31
N ILE B 63 -15.70 -33.18 -3.81
CA ILE B 63 -15.06 -32.64 -2.62
C ILE B 63 -13.56 -32.63 -2.81
N ASN B 64 -12.90 -31.61 -2.26
CA ASN B 64 -11.48 -31.65 -2.01
C ASN B 64 -11.20 -30.61 -0.93
N SER B 65 -11.03 -31.06 0.31
CA SER B 65 -11.11 -30.20 1.48
C SER B 65 -9.83 -30.18 2.30
N PRO B 66 -9.44 -29.03 2.86
CA PRO B 66 -8.40 -29.02 3.88
C PRO B 66 -8.93 -29.10 5.29
N GLY B 67 -10.20 -28.75 5.48
CA GLY B 67 -10.75 -28.60 6.80
C GLY B 67 -11.87 -27.57 6.80
N GLY B 68 -11.94 -26.85 7.91
CA GLY B 68 -13.02 -25.91 8.09
C GLY B 68 -13.34 -25.70 9.55
N SER B 69 -14.42 -24.96 9.79
CA SER B 69 -14.91 -24.70 11.13
C SER B 69 -15.98 -25.73 11.48
N ILE B 70 -16.69 -25.46 12.57
CA ILE B 70 -17.68 -26.38 13.11
C ILE B 70 -19.10 -25.97 12.76
N THR B 71 -19.36 -24.68 12.61
CA THR B 71 -20.73 -24.20 12.64
C THR B 71 -21.48 -24.57 11.36
N ALA B 72 -20.83 -24.41 10.21
CA ALA B 72 -21.47 -24.76 8.96
C ALA B 72 -21.70 -26.25 8.82
N GLY B 73 -20.99 -27.06 9.59
CA GLY B 73 -21.08 -28.50 9.48
C GLY B 73 -22.48 -29.00 9.66
N MET B 74 -23.17 -28.43 10.63
CA MET B 74 -24.58 -28.74 10.80
C MET B 74 -25.42 -28.01 9.77
N ALA B 75 -24.96 -26.83 9.36
CA ALA B 75 -25.73 -25.97 8.47
C ALA B 75 -26.08 -26.67 7.17
N ILE B 76 -25.21 -27.57 6.73
CA ILE B 76 -25.44 -28.27 5.48
C ILE B 76 -26.19 -29.56 5.72
N TYR B 77 -25.89 -30.25 6.81
CA TYR B 77 -26.45 -31.58 7.02
C TYR B 77 -27.95 -31.49 7.24
N ASP B 78 -28.38 -30.51 8.03
CA ASP B 78 -29.81 -30.35 8.25
C ASP B 78 -30.52 -29.93 6.97
N THR B 79 -29.84 -29.11 6.16
CA THR B 79 -30.40 -28.68 4.90
C THR B 79 -30.58 -29.85 3.97
N MET B 80 -29.60 -30.75 3.94
CA MET B 80 -29.63 -31.89 3.05
C MET B 80 -30.86 -32.75 3.30
N GLN B 81 -31.34 -32.81 4.54
CA GLN B 81 -32.51 -33.63 4.84
C GLN B 81 -33.81 -32.90 4.59
N PHE B 82 -33.82 -31.57 4.69
CA PHE B 82 -35.07 -30.80 4.58
C PHE B 82 -35.72 -31.02 3.22
N ILE B 83 -34.93 -31.31 2.20
CA ILE B 83 -35.45 -31.33 0.85
C ILE B 83 -36.12 -32.67 0.55
N LYS B 84 -36.81 -32.74 -0.58
CA LYS B 84 -37.34 -33.98 -1.13
C LYS B 84 -36.28 -34.75 -1.92
N PRO B 85 -35.48 -34.11 -2.80
CA PRO B 85 -34.47 -34.85 -3.56
C PRO B 85 -33.44 -35.56 -2.70
N LYS B 86 -32.55 -36.32 -3.37
CA LYS B 86 -31.54 -37.13 -2.71
C LYS B 86 -30.15 -36.76 -3.22
N VAL B 87 -29.15 -37.12 -2.43
CA VAL B 87 -27.81 -36.57 -2.59
C VAL B 87 -26.78 -37.69 -2.53
N SER B 88 -25.95 -37.74 -3.57
CA SER B 88 -24.79 -38.62 -3.64
C SER B 88 -23.53 -37.81 -3.40
N THR B 89 -22.49 -38.50 -2.96
CA THR B 89 -21.26 -37.86 -2.55
C THR B 89 -20.08 -38.65 -3.04
N ILE B 90 -19.00 -37.94 -3.34
CA ILE B 90 -17.78 -38.51 -3.87
C ILE B 90 -16.61 -37.77 -3.26
N CYS B 91 -15.56 -38.52 -2.92
CA CYS B 91 -14.35 -37.97 -2.36
C CYS B 91 -13.21 -38.03 -3.37
N ILE B 92 -12.22 -37.18 -3.14
CA ILE B 92 -11.05 -37.07 -4.00
C ILE B 92 -9.84 -36.84 -3.11
N GLY B 93 -8.91 -37.78 -3.14
CA GLY B 93 -7.64 -37.57 -2.51
C GLY B 93 -7.74 -37.31 -1.02
N MET B 94 -7.61 -36.02 -0.70
CA MET B 94 -7.61 -35.57 0.67
C MET B 94 -9.03 -35.18 1.07
N ALA B 95 -9.49 -35.74 2.20
CA ALA B 95 -10.77 -35.36 2.80
C ALA B 95 -10.54 -35.06 4.26
N ALA B 96 -11.08 -33.94 4.71
CA ALA B 96 -10.82 -33.44 6.05
C ALA B 96 -11.86 -33.95 7.04
N SER B 97 -11.83 -33.41 8.25
CA SER B 97 -12.73 -33.84 9.31
C SER B 97 -14.19 -33.55 8.95
N MET B 98 -14.48 -32.33 8.51
CA MET B 98 -15.85 -31.97 8.24
C MET B 98 -16.35 -32.60 6.95
N GLY B 99 -15.53 -32.52 5.90
CA GLY B 99 -15.93 -33.12 4.64
C GLY B 99 -16.19 -34.61 4.77
N ALA B 100 -15.51 -35.25 5.71
CA ALA B 100 -15.84 -36.63 6.04
C ALA B 100 -17.26 -36.73 6.55
N PHE B 101 -17.64 -35.85 7.47
CA PHE B 101 -19.02 -35.81 7.94
C PHE B 101 -19.97 -35.61 6.78
N LEU B 102 -19.57 -34.78 5.82
CA LEU B 102 -20.36 -34.63 4.61
C LEU B 102 -20.34 -35.92 3.79
N LEU B 103 -19.23 -36.63 3.82
CA LEU B 103 -19.11 -37.85 3.03
C LEU B 103 -20.15 -38.88 3.42
N ALA B 104 -20.50 -38.95 4.70
CA ALA B 104 -21.47 -39.91 5.21
C ALA B 104 -22.81 -39.25 5.42
N ALA B 105 -23.12 -38.28 4.58
CA ALA B 105 -24.33 -37.49 4.67
C ALA B 105 -25.43 -38.00 3.75
N GLY B 106 -25.06 -38.59 2.64
CA GLY B 106 -25.99 -38.95 1.61
C GLY B 106 -26.61 -40.31 1.84
N GLU B 107 -27.16 -40.87 0.77
CA GLU B 107 -27.84 -42.13 0.88
C GLU B 107 -26.84 -43.25 1.12
N LYS B 108 -27.34 -44.48 1.14
CA LYS B 108 -26.57 -45.57 1.70
C LYS B 108 -25.56 -46.11 0.68
N GLY B 109 -26.06 -46.60 -0.45
CA GLY B 109 -25.22 -47.18 -1.47
C GLY B 109 -25.13 -46.27 -2.68
N LYS B 110 -25.08 -44.97 -2.42
CA LYS B 110 -25.03 -43.95 -3.46
C LYS B 110 -23.98 -42.93 -3.10
N ARG B 111 -22.86 -43.43 -2.59
CA ARG B 111 -21.72 -42.65 -2.14
C ARG B 111 -20.47 -43.46 -2.43
N TYR B 112 -19.43 -42.81 -2.94
CA TYR B 112 -18.26 -43.49 -3.46
C TYR B 112 -17.00 -42.71 -3.13
N ALA B 113 -15.87 -43.30 -3.51
CA ALA B 113 -14.58 -42.66 -3.39
C ALA B 113 -13.66 -43.22 -4.46
N LEU B 114 -12.36 -42.97 -4.30
CA LEU B 114 -11.37 -43.29 -5.32
C LEU B 114 -10.25 -44.14 -4.73
N PRO B 115 -9.61 -44.97 -5.54
CA PRO B 115 -8.56 -45.84 -5.01
C PRO B 115 -7.19 -45.21 -5.00
N ASN B 116 -7.11 -43.94 -4.61
CA ASN B 116 -5.84 -43.34 -4.27
C ASN B 116 -6.00 -42.30 -3.16
N SER B 117 -7.13 -42.27 -2.49
CA SER B 117 -7.50 -41.17 -1.61
C SER B 117 -7.44 -41.59 -0.15
N GLU B 118 -7.63 -40.59 0.71
CA GLU B 118 -7.57 -40.79 2.14
C GLU B 118 -8.50 -39.79 2.81
N VAL B 119 -8.63 -39.96 4.12
CA VAL B 119 -9.45 -39.08 4.96
C VAL B 119 -8.66 -38.78 6.23
N MET B 120 -9.31 -38.03 7.12
CA MET B 120 -8.76 -37.69 8.41
C MET B 120 -9.88 -37.10 9.23
N ILE B 121 -9.97 -37.54 10.48
CA ILE B 121 -11.10 -37.21 11.34
C ILE B 121 -10.63 -36.83 12.73
N HIS B 122 -10.62 -35.53 13.00
CA HIS B 122 -10.44 -34.95 14.31
C HIS B 122 -11.32 -33.70 14.35
N GLN B 123 -11.03 -32.78 15.27
CA GLN B 123 -11.71 -31.50 15.27
C GLN B 123 -11.53 -30.78 13.94
N ALA B 138 -19.85 -18.55 24.27
CA ALA B 138 -19.65 -19.40 23.11
C ALA B 138 -18.92 -20.67 23.48
N ALA B 139 -19.11 -21.12 24.73
CA ALA B 139 -18.47 -22.31 25.23
C ALA B 139 -19.39 -23.52 25.23
N LYS B 140 -20.51 -23.42 25.94
CA LYS B 140 -21.43 -24.55 26.00
C LYS B 140 -22.00 -24.84 24.63
N ARG B 141 -22.21 -23.79 23.82
CA ARG B 141 -22.80 -23.96 22.50
C ARG B 141 -21.93 -24.82 21.61
N ILE B 142 -20.62 -24.60 21.68
CA ILE B 142 -19.68 -25.46 20.97
C ILE B 142 -19.77 -26.88 21.49
N LEU B 143 -19.76 -27.02 22.80
CA LEU B 143 -19.51 -28.30 23.43
C LEU B 143 -20.59 -29.31 23.08
N LEU B 144 -21.84 -28.87 22.96
CA LEU B 144 -22.91 -29.80 22.63
C LEU B 144 -22.72 -30.38 21.24
N LEU B 145 -22.17 -29.60 20.31
CA LEU B 145 -22.11 -30.04 18.93
C LEU B 145 -21.18 -31.23 18.77
N ARG B 146 -20.10 -31.28 19.56
CA ARG B 146 -19.19 -32.41 19.51
C ARG B 146 -19.90 -33.72 19.81
N ASP B 147 -20.95 -33.65 20.63
CA ASP B 147 -21.74 -34.84 20.92
C ASP B 147 -22.71 -35.13 19.78
N LYS B 148 -23.55 -34.17 19.45
CA LYS B 148 -24.52 -34.35 18.38
C LYS B 148 -23.82 -34.72 17.07
N LEU B 149 -22.68 -34.10 16.81
CA LEU B 149 -21.90 -34.45 15.63
C LEU B 149 -21.44 -35.89 15.70
N ASN B 150 -20.94 -36.29 16.85
CA ASN B 150 -20.49 -37.67 17.03
C ASN B 150 -21.67 -38.62 17.04
N LYS B 151 -22.84 -38.12 17.43
CA LYS B 151 -24.02 -38.97 17.55
C LYS B 151 -24.40 -39.56 16.21
N VAL B 152 -24.45 -38.72 15.17
CA VAL B 152 -24.82 -39.17 13.84
C VAL B 152 -23.86 -40.22 13.35
N LEU B 153 -22.57 -39.87 13.39
CA LEU B 153 -21.56 -40.65 12.71
C LEU B 153 -21.44 -42.05 13.30
N ALA B 154 -21.86 -42.22 14.54
CA ALA B 154 -21.90 -43.55 15.14
C ALA B 154 -23.17 -44.30 14.78
N GLU B 155 -24.29 -43.59 14.61
CA GLU B 155 -25.54 -44.23 14.21
C GLU B 155 -25.71 -44.23 12.70
N ARG B 156 -24.64 -44.56 12.00
CA ARG B 156 -24.68 -44.83 10.57
C ARG B 156 -23.85 -46.02 10.14
N THR B 157 -22.96 -46.51 11.00
CA THR B 157 -21.89 -47.42 10.61
C THR B 157 -21.91 -48.71 11.41
N GLY B 158 -22.97 -48.95 12.18
CA GLY B 158 -23.03 -50.12 13.03
C GLY B 158 -21.90 -50.20 14.03
N GLN B 159 -21.36 -49.07 14.48
CA GLN B 159 -20.21 -49.02 15.36
C GLN B 159 -20.61 -48.53 16.75
N PRO B 160 -19.84 -48.87 17.80
CA PRO B 160 -20.03 -48.25 19.11
C PRO B 160 -19.33 -46.91 19.25
N LEU B 161 -19.37 -46.33 20.44
CA LEU B 161 -18.96 -44.95 20.65
C LEU B 161 -17.50 -44.78 21.02
N GLU B 162 -16.98 -45.56 21.95
CA GLU B 162 -15.60 -45.36 22.38
C GLU B 162 -14.62 -45.70 21.27
N VAL B 163 -15.08 -46.48 20.29
CA VAL B 163 -14.34 -46.64 19.05
C VAL B 163 -14.12 -45.28 18.39
N ILE B 164 -15.04 -44.34 18.61
CA ILE B 164 -15.05 -43.10 17.87
C ILE B 164 -14.15 -42.07 18.54
N GLU B 165 -14.47 -41.72 19.79
CA GLU B 165 -13.78 -40.64 20.48
C GLU B 165 -12.30 -40.94 20.61
N ARG B 166 -11.95 -42.21 20.76
CA ARG B 166 -10.55 -42.59 20.84
C ARG B 166 -9.84 -42.29 19.53
N ASP B 167 -10.45 -42.61 18.41
CA ASP B 167 -9.85 -42.35 17.12
C ASP B 167 -10.04 -40.91 16.68
N THR B 168 -10.88 -40.14 17.36
CA THR B 168 -11.18 -38.78 16.97
C THR B 168 -10.10 -37.80 17.37
N ASP B 169 -9.76 -37.74 18.65
CA ASP B 169 -8.73 -36.81 19.11
C ASP B 169 -7.39 -37.05 18.43
N ARG B 170 -7.07 -38.30 18.12
CA ARG B 170 -5.79 -38.63 17.53
C ARG B 170 -5.81 -38.28 16.04
N ASP B 171 -4.83 -38.77 15.28
CA ASP B 171 -4.68 -38.41 13.88
C ASP B 171 -4.01 -39.58 13.18
N ASN B 172 -4.76 -40.26 12.32
CA ASN B 172 -4.26 -41.43 11.60
C ASN B 172 -4.87 -41.45 10.21
N PHE B 173 -4.03 -41.19 9.22
CA PHE B 173 -4.49 -41.10 7.85
C PHE B 173 -4.82 -42.49 7.31
N LYS B 174 -6.10 -42.75 7.15
CA LYS B 174 -6.57 -44.02 6.63
C LYS B 174 -6.65 -43.98 5.11
N SER B 175 -7.11 -45.08 4.54
CA SER B 175 -7.13 -45.29 3.10
C SER B 175 -8.53 -45.62 2.62
N ALA B 176 -8.59 -46.04 1.36
CA ALA B 176 -9.83 -46.49 0.78
C ALA B 176 -10.35 -47.73 1.48
N GLU B 177 -9.53 -48.79 1.51
CA GLU B 177 -10.02 -50.11 1.92
C GLU B 177 -10.44 -50.11 3.38
N GLU B 178 -9.52 -49.73 4.26
CA GLU B 178 -9.78 -49.78 5.69
C GLU B 178 -10.92 -48.88 6.10
N ALA B 179 -11.22 -47.87 5.29
CA ALA B 179 -12.40 -47.06 5.54
C ALA B 179 -13.67 -47.88 5.35
N LEU B 180 -13.67 -48.79 4.37
CA LEU B 180 -14.89 -49.53 4.06
C LEU B 180 -15.31 -50.40 5.24
N GLU B 181 -14.34 -51.00 5.93
CA GLU B 181 -14.67 -51.77 7.13
C GLU B 181 -15.02 -50.86 8.29
N TYR B 182 -14.80 -49.55 8.14
CA TYR B 182 -15.15 -48.58 9.16
C TYR B 182 -16.53 -47.96 8.88
N GLY B 183 -17.19 -48.48 7.84
CA GLY B 183 -18.58 -48.13 7.59
C GLY B 183 -18.82 -46.70 7.18
N LEU B 184 -17.79 -46.06 6.64
CA LEU B 184 -17.96 -44.73 6.06
C LEU B 184 -18.51 -44.77 4.65
N ILE B 185 -18.02 -45.70 3.84
CA ILE B 185 -18.11 -45.59 2.39
C ILE B 185 -18.13 -46.99 1.81
N ASP B 186 -18.60 -47.10 0.58
CA ASP B 186 -18.78 -48.40 -0.05
C ASP B 186 -18.96 -48.22 -1.54
N LYS B 187 -19.07 -49.35 -2.23
CA LYS B 187 -19.51 -49.39 -3.63
C LYS B 187 -18.49 -48.78 -4.57
N ILE B 188 -17.24 -48.64 -4.11
CA ILE B 188 -16.18 -48.09 -4.94
C ILE B 188 -15.95 -48.97 -6.16
N LEU B 189 -15.63 -48.33 -7.28
CA LEU B 189 -15.28 -49.02 -8.52
C LEU B 189 -14.13 -50.00 -8.34
N ILE C 19 -26.23 -15.15 -10.61
CA ILE C 19 -26.91 -16.16 -9.83
C ILE C 19 -28.21 -15.61 -9.28
N TYR C 20 -28.12 -14.41 -8.71
CA TYR C 20 -29.29 -13.79 -8.08
C TYR C 20 -30.42 -13.54 -9.06
N SER C 21 -30.11 -13.40 -10.35
CA SER C 21 -31.15 -13.12 -11.35
C SER C 21 -32.17 -14.25 -11.43
N ARG C 22 -31.72 -15.43 -11.88
CA ARG C 22 -32.64 -16.55 -12.02
C ARG C 22 -33.08 -17.06 -10.66
N LEU C 23 -32.29 -16.78 -9.62
CA LEU C 23 -32.76 -16.96 -8.26
C LEU C 23 -33.99 -16.13 -7.98
N LEU C 24 -33.83 -14.81 -8.00
CA LEU C 24 -34.77 -13.90 -7.36
C LEU C 24 -36.17 -13.98 -7.95
N LYS C 25 -36.31 -14.63 -9.11
CA LYS C 25 -37.63 -14.81 -9.72
C LYS C 25 -38.62 -15.44 -8.75
N ASP C 26 -38.20 -16.48 -8.05
CA ASP C 26 -39.14 -17.30 -7.28
C ASP C 26 -39.18 -16.87 -5.82
N ARG C 27 -39.51 -15.59 -5.61
CA ARG C 27 -40.04 -15.08 -4.35
C ARG C 27 -39.13 -15.35 -3.15
N ILE C 28 -37.82 -15.32 -3.36
CA ILE C 28 -36.87 -15.73 -2.33
C ILE C 28 -35.75 -14.70 -2.20
N ILE C 29 -35.25 -14.55 -0.97
CA ILE C 29 -34.19 -13.63 -0.62
C ILE C 29 -33.25 -14.37 0.32
N MET C 30 -32.08 -13.78 0.54
CA MET C 30 -31.12 -14.27 1.51
C MET C 30 -30.53 -13.11 2.29
N LEU C 31 -30.02 -13.44 3.47
CA LEU C 31 -29.49 -12.47 4.41
C LEU C 31 -28.48 -13.22 5.28
N GLY C 32 -27.19 -13.06 4.96
CA GLY C 32 -26.20 -13.99 5.46
C GLY C 32 -25.06 -13.42 6.29
N SER C 33 -24.61 -12.22 5.97
CA SER C 33 -23.26 -11.80 6.38
C SER C 33 -23.27 -11.07 7.71
N ALA C 34 -23.90 -9.90 7.72
CA ALA C 34 -23.88 -8.99 8.86
C ALA C 34 -24.89 -7.92 8.54
N ILE C 35 -24.92 -6.87 9.36
CA ILE C 35 -25.94 -5.83 9.27
C ILE C 35 -25.23 -4.48 9.40
N ASP C 36 -25.28 -3.69 8.36
CA ASP C 36 -24.85 -2.31 8.31
C ASP C 36 -25.98 -1.45 7.75
N ASP C 37 -25.65 -0.21 7.39
CA ASP C 37 -26.61 0.63 6.68
C ASP C 37 -26.64 0.30 5.20
N ASN C 38 -25.51 -0.11 4.64
CA ASN C 38 -25.44 -0.30 3.19
C ASN C 38 -26.37 -1.40 2.74
N VAL C 39 -26.32 -2.54 3.42
CA VAL C 39 -27.20 -3.65 3.11
C VAL C 39 -28.64 -3.28 3.43
N ALA C 40 -28.84 -2.44 4.44
CA ALA C 40 -30.18 -2.06 4.85
C ALA C 40 -30.93 -1.41 3.71
N ASN C 41 -30.22 -0.64 2.88
CA ASN C 41 -30.85 0.00 1.74
C ASN C 41 -31.03 -0.98 0.60
N SER C 42 -30.15 -1.98 0.53
CA SER C 42 -30.19 -2.92 -0.57
C SER C 42 -31.38 -3.84 -0.44
N ILE C 43 -31.76 -4.16 0.79
CA ILE C 43 -32.80 -5.15 1.01
C ILE C 43 -34.16 -4.56 0.75
N VAL C 44 -34.42 -3.40 1.37
CA VAL C 44 -35.67 -2.68 1.19
C VAL C 44 -36.01 -2.53 -0.28
N SER C 45 -34.99 -2.30 -1.09
CA SER C 45 -35.20 -2.24 -2.53
C SER C 45 -35.74 -3.56 -3.05
N GLN C 46 -35.16 -4.66 -2.59
CA GLN C 46 -35.62 -5.97 -3.05
C GLN C 46 -37.05 -6.21 -2.64
N LEU C 47 -37.40 -5.77 -1.43
CA LEU C 47 -38.78 -5.85 -0.99
C LEU C 47 -39.68 -5.07 -1.93
N LEU C 48 -39.18 -3.95 -2.43
CA LEU C 48 -40.02 -3.04 -3.18
C LEU C 48 -40.12 -3.48 -4.64
N PHE C 49 -39.09 -4.15 -5.14
CA PHE C 49 -39.11 -4.61 -6.51
C PHE C 49 -40.12 -5.73 -6.66
N LEU C 50 -40.11 -6.69 -5.74
CA LEU C 50 -41.10 -7.76 -5.83
C LEU C 50 -42.49 -7.20 -5.59
N ALA C 51 -42.58 -6.14 -4.80
CA ALA C 51 -43.85 -5.59 -4.38
C ALA C 51 -44.63 -4.96 -5.51
N ALA C 52 -44.12 -3.88 -6.12
CA ALA C 52 -44.84 -3.22 -7.20
C ALA C 52 -44.89 -4.08 -8.46
N GLU C 53 -44.06 -5.12 -8.53
CA GLU C 53 -44.12 -6.01 -9.69
C GLU C 53 -45.26 -6.99 -9.58
N ASP C 54 -45.53 -7.48 -8.38
CA ASP C 54 -46.60 -8.44 -8.17
C ASP C 54 -47.03 -8.43 -6.70
N PRO C 55 -48.12 -7.72 -6.34
CA PRO C 55 -48.68 -7.81 -4.99
C PRO C 55 -49.64 -8.99 -4.80
N GLU C 56 -49.23 -10.16 -5.25
CA GLU C 56 -49.87 -11.43 -4.94
C GLU C 56 -48.87 -12.49 -4.49
N LYS C 57 -47.63 -12.38 -4.95
CA LYS C 57 -46.59 -13.37 -4.70
C LYS C 57 -46.33 -13.59 -3.22
N GLU C 58 -46.71 -14.74 -2.71
CA GLU C 58 -46.41 -15.11 -1.33
C GLU C 58 -44.91 -15.30 -1.22
N ILE C 59 -44.26 -14.36 -0.56
CA ILE C 59 -42.82 -14.34 -0.42
C ILE C 59 -42.40 -15.25 0.72
N SER C 60 -41.10 -15.50 0.84
CA SER C 60 -40.50 -16.19 1.95
C SER C 60 -39.22 -15.47 2.31
N LEU C 61 -38.47 -16.03 3.25
CA LEU C 61 -37.22 -15.41 3.65
C LEU C 61 -36.39 -16.41 4.45
N TYR C 62 -35.06 -16.30 4.30
CA TYR C 62 -34.09 -17.12 4.99
C TYR C 62 -33.06 -16.22 5.64
N ILE C 63 -32.44 -16.72 6.69
CA ILE C 63 -31.68 -15.89 7.62
C ILE C 63 -30.43 -16.63 8.05
N ASN C 64 -29.34 -15.88 8.23
CA ASN C 64 -28.17 -16.33 8.99
C ASN C 64 -27.36 -15.10 9.32
N SER C 65 -27.12 -14.85 10.61
CA SER C 65 -26.63 -13.56 11.04
C SER C 65 -25.76 -13.69 12.28
N PRO C 66 -24.78 -12.80 12.48
CA PRO C 66 -24.12 -12.68 13.77
C PRO C 66 -24.74 -11.65 14.69
N GLY C 67 -25.39 -10.65 14.09
CA GLY C 67 -25.97 -9.56 14.84
C GLY C 67 -26.15 -8.36 13.95
N GLY C 68 -26.14 -7.20 14.60
CA GLY C 68 -26.32 -5.97 13.87
C GLY C 68 -26.44 -4.79 14.81
N SER C 69 -26.79 -3.66 14.21
CA SER C 69 -27.08 -2.45 14.97
C SER C 69 -28.56 -2.46 15.34
N ILE C 70 -29.06 -1.31 15.78
CA ILE C 70 -30.45 -1.14 16.19
C ILE C 70 -31.22 -0.22 15.26
N THR C 71 -30.51 0.68 14.60
CA THR C 71 -31.16 1.68 13.76
C THR C 71 -31.91 1.07 12.60
N ALA C 72 -31.48 -0.09 12.12
CA ALA C 72 -32.10 -0.73 10.96
C ALA C 72 -33.13 -1.78 11.34
N GLY C 73 -33.23 -2.14 12.61
CA GLY C 73 -34.23 -3.12 13.00
C GLY C 73 -35.62 -2.62 12.74
N MET C 74 -35.91 -1.40 13.18
CA MET C 74 -37.20 -0.81 12.89
C MET C 74 -37.30 -0.40 11.43
N ALA C 75 -36.16 -0.24 10.77
CA ALA C 75 -36.15 0.20 9.37
C ALA C 75 -36.86 -0.79 8.48
N ILE C 76 -36.92 -2.05 8.90
CA ILE C 76 -37.49 -3.10 8.07
C ILE C 76 -38.89 -3.45 8.54
N TYR C 77 -39.06 -3.65 9.84
CA TYR C 77 -40.30 -4.19 10.38
C TYR C 77 -41.47 -3.28 10.03
N ASP C 78 -41.23 -1.98 10.02
CA ASP C 78 -42.22 -1.04 9.52
C ASP C 78 -42.59 -1.33 8.08
N THR C 79 -41.62 -1.79 7.29
CA THR C 79 -41.85 -2.03 5.88
C THR C 79 -42.56 -3.35 5.67
N MET C 80 -42.06 -4.39 6.34
CA MET C 80 -42.56 -5.75 6.24
C MET C 80 -44.06 -5.86 6.40
N GLN C 81 -44.68 -4.94 7.13
CA GLN C 81 -46.11 -4.92 7.35
C GLN C 81 -46.82 -3.96 6.40
N PHE C 82 -46.11 -2.92 5.95
CA PHE C 82 -46.67 -1.85 5.15
C PHE C 82 -47.24 -2.35 3.83
N ILE C 83 -46.69 -3.43 3.29
CA ILE C 83 -47.13 -3.89 1.99
C ILE C 83 -48.47 -4.61 2.10
N LYS C 84 -49.02 -4.94 0.94
CA LYS C 84 -50.21 -5.79 0.89
C LYS C 84 -49.89 -7.28 1.10
N PRO C 85 -48.88 -7.86 0.46
CA PRO C 85 -48.67 -9.30 0.62
C PRO C 85 -48.20 -9.69 2.01
N LYS C 86 -47.96 -10.99 2.18
CA LYS C 86 -47.54 -11.58 3.44
C LYS C 86 -46.05 -11.90 3.39
N VAL C 87 -45.49 -12.30 4.52
CA VAL C 87 -44.07 -12.61 4.63
C VAL C 87 -43.88 -13.81 5.55
N SER C 88 -43.09 -14.78 5.08
CA SER C 88 -42.71 -15.94 5.87
C SER C 88 -41.21 -15.86 6.17
N THR C 89 -40.83 -16.44 7.30
CA THR C 89 -39.47 -16.32 7.79
C THR C 89 -38.98 -17.65 8.33
N ILE C 90 -37.69 -17.89 8.14
CA ILE C 90 -37.05 -19.15 8.46
C ILE C 90 -35.65 -18.85 8.96
N CYS C 91 -35.18 -19.68 9.89
CA CYS C 91 -33.84 -19.59 10.44
C CYS C 91 -33.09 -20.88 10.21
N ILE C 92 -31.77 -20.79 10.22
CA ILE C 92 -30.89 -21.95 10.14
C ILE C 92 -29.77 -21.75 11.14
N GLY C 93 -29.52 -22.77 11.96
CA GLY C 93 -28.33 -22.74 12.80
C GLY C 93 -28.40 -21.61 13.81
N MET C 94 -27.67 -20.55 13.50
CA MET C 94 -27.51 -19.41 14.37
C MET C 94 -28.45 -18.29 13.98
N ALA C 95 -28.94 -17.56 14.99
CA ALA C 95 -29.70 -16.35 14.74
C ALA C 95 -29.46 -15.39 15.89
N ALA C 96 -29.31 -14.13 15.57
CA ALA C 96 -28.82 -13.14 16.49
C ALA C 96 -29.96 -12.30 17.03
N SER C 97 -29.62 -11.27 17.82
CA SER C 97 -30.60 -10.36 18.39
C SER C 97 -31.50 -9.75 17.33
N MET C 98 -30.89 -9.18 16.29
CA MET C 98 -31.67 -8.47 15.30
C MET C 98 -32.47 -9.42 14.43
N GLY C 99 -31.85 -10.52 14.02
CA GLY C 99 -32.58 -11.50 13.24
C GLY C 99 -33.74 -12.11 14.00
N ALA C 100 -33.59 -12.18 15.32
CA ALA C 100 -34.66 -12.72 16.15
C ALA C 100 -35.90 -11.87 16.05
N PHE C 101 -35.76 -10.56 16.25
CA PHE C 101 -36.87 -9.64 16.06
C PHE C 101 -37.47 -9.80 14.67
N LEU C 102 -36.61 -9.98 13.67
CA LEU C 102 -37.11 -10.24 12.33
C LEU C 102 -37.77 -11.60 12.24
N LEU C 103 -37.30 -12.55 13.04
CA LEU C 103 -37.86 -13.89 13.00
C LEU C 103 -39.34 -13.88 13.38
N ALA C 104 -39.74 -13.00 14.29
CA ALA C 104 -41.11 -12.91 14.76
C ALA C 104 -41.86 -11.79 14.08
N ALA C 105 -41.54 -11.58 12.80
CA ALA C 105 -42.10 -10.49 12.02
C ALA C 105 -43.21 -10.95 11.10
N GLY C 106 -43.20 -12.20 10.69
CA GLY C 106 -44.17 -12.70 9.74
C GLY C 106 -45.44 -13.15 10.42
N GLU C 107 -46.33 -13.70 9.61
CA GLU C 107 -47.60 -14.18 10.12
C GLU C 107 -47.36 -15.29 11.14
N LYS C 108 -48.33 -15.45 12.03
CA LYS C 108 -48.17 -16.31 13.20
C LYS C 108 -47.85 -17.75 12.85
N GLY C 109 -48.32 -18.24 11.71
CA GLY C 109 -48.22 -19.66 11.39
C GLY C 109 -47.25 -19.99 10.27
N LYS C 110 -46.32 -19.10 9.99
CA LYS C 110 -45.36 -19.27 8.91
C LYS C 110 -43.98 -18.84 9.35
N ARG C 111 -43.58 -19.26 10.55
CA ARG C 111 -42.30 -18.92 11.15
C ARG C 111 -41.67 -20.23 11.62
N TYR C 112 -41.04 -20.92 10.69
CA TYR C 112 -40.44 -22.21 10.96
C TYR C 112 -38.96 -22.09 11.26
N ALA C 113 -38.37 -23.20 11.68
CA ALA C 113 -36.95 -23.28 11.94
C ALA C 113 -36.52 -24.74 11.83
N LEU C 114 -35.28 -25.01 12.22
CA LEU C 114 -34.63 -26.29 11.99
C LEU C 114 -34.23 -26.96 13.29
N PRO C 115 -34.15 -28.29 13.31
CA PRO C 115 -33.84 -28.98 14.55
C PRO C 115 -32.35 -29.16 14.80
N ASN C 116 -31.58 -28.14 14.49
CA ASN C 116 -30.20 -28.06 14.94
C ASN C 116 -29.78 -26.63 15.22
N SER C 117 -30.74 -25.73 15.40
CA SER C 117 -30.51 -24.30 15.38
C SER C 117 -30.74 -23.70 16.75
N GLU C 118 -30.17 -22.51 16.94
CA GLU C 118 -30.27 -21.75 18.15
C GLU C 118 -30.68 -20.33 17.83
N VAL C 119 -30.93 -19.57 18.89
CA VAL C 119 -31.16 -18.14 18.81
C VAL C 119 -30.51 -17.47 20.01
N MET C 120 -30.70 -16.17 20.10
CA MET C 120 -30.29 -15.37 21.25
C MET C 120 -31.15 -14.12 21.25
N ILE C 121 -31.30 -13.55 22.43
CA ILE C 121 -32.11 -12.36 22.61
C ILE C 121 -31.42 -11.49 23.64
N HIS C 122 -30.89 -10.37 23.18
CA HIS C 122 -29.88 -9.62 23.92
C HIS C 122 -29.60 -8.36 23.13
N GLN C 123 -29.06 -7.34 23.79
CA GLN C 123 -28.64 -6.12 23.12
C GLN C 123 -29.81 -5.44 22.42
N ALA C 138 -28.54 11.45 20.01
CA ALA C 138 -28.31 10.03 19.84
C ALA C 138 -28.87 9.28 21.03
N ALA C 139 -28.60 9.81 22.22
CA ALA C 139 -28.93 9.12 23.46
C ALA C 139 -30.43 9.01 23.68
N LYS C 140 -31.12 10.15 23.76
CA LYS C 140 -32.54 10.13 24.10
C LYS C 140 -33.34 9.35 23.06
N ARG C 141 -32.86 9.32 21.81
CA ARG C 141 -33.63 8.68 20.74
C ARG C 141 -33.41 7.17 20.73
N ILE C 142 -32.22 6.72 21.07
CA ILE C 142 -31.92 5.30 21.00
C ILE C 142 -32.59 4.57 22.15
N LEU C 143 -32.71 5.24 23.29
CA LEU C 143 -33.27 4.62 24.47
C LEU C 143 -34.74 4.28 24.26
N LEU C 144 -35.44 5.09 23.48
CA LEU C 144 -36.86 4.85 23.26
C LEU C 144 -37.07 3.52 22.54
N LEU C 145 -36.14 3.14 21.67
CA LEU C 145 -36.32 1.93 20.90
C LEU C 145 -36.29 0.69 21.78
N ARG C 146 -35.37 0.64 22.75
CA ARG C 146 -35.27 -0.51 23.64
C ARG C 146 -36.58 -0.75 24.37
N ASP C 147 -37.34 0.32 24.61
CA ASP C 147 -38.65 0.17 25.24
C ASP C 147 -39.73 -0.10 24.20
N LYS C 148 -39.69 0.63 23.08
CA LYS C 148 -40.60 0.36 21.98
C LYS C 148 -40.42 -1.07 21.48
N LEU C 149 -39.19 -1.54 21.47
CA LEU C 149 -38.89 -2.86 20.95
C LEU C 149 -39.54 -3.94 21.80
N ASN C 150 -39.38 -3.86 23.11
CA ASN C 150 -39.88 -4.90 23.98
C ASN C 150 -41.41 -4.94 23.93
N LYS C 151 -42.04 -3.77 23.79
CA LYS C 151 -43.49 -3.71 23.69
C LYS C 151 -43.99 -4.57 22.53
N VAL C 152 -43.29 -4.50 21.39
CA VAL C 152 -43.64 -5.34 20.26
C VAL C 152 -43.55 -6.80 20.64
N LEU C 153 -42.37 -7.20 21.10
CA LEU C 153 -42.02 -8.61 21.13
C LEU C 153 -42.86 -9.38 22.13
N ALA C 154 -43.50 -8.69 23.05
CA ALA C 154 -44.40 -9.34 24.00
C ALA C 154 -45.81 -9.47 23.46
N GLU C 155 -46.33 -8.44 22.82
CA GLU C 155 -47.69 -8.48 22.30
C GLU C 155 -47.84 -9.43 21.13
N ARG C 156 -46.73 -9.82 20.49
CA ARG C 156 -46.76 -10.80 19.42
C ARG C 156 -46.84 -12.22 19.94
N THR C 157 -46.43 -12.45 21.18
CA THR C 157 -46.37 -13.77 21.78
C THR C 157 -47.32 -13.92 22.97
N GLY C 158 -47.31 -12.95 23.88
CA GLY C 158 -48.24 -12.90 24.99
C GLY C 158 -47.61 -12.81 26.36
N GLN C 159 -46.32 -13.13 26.44
CA GLN C 159 -45.64 -13.25 27.72
C GLN C 159 -45.53 -11.89 28.39
N PRO C 160 -45.46 -11.80 29.73
CA PRO C 160 -45.26 -10.48 30.37
C PRO C 160 -43.96 -9.83 29.95
N LEU C 161 -43.90 -8.50 30.02
CA LEU C 161 -42.78 -7.78 29.46
C LEU C 161 -41.52 -7.92 30.32
N GLU C 162 -41.70 -8.14 31.61
CA GLU C 162 -40.54 -8.18 32.51
C GLU C 162 -39.76 -9.46 32.31
N VAL C 163 -40.45 -10.59 32.30
CA VAL C 163 -39.82 -11.85 31.97
C VAL C 163 -39.16 -11.77 30.61
N ILE C 164 -39.77 -11.04 29.67
CA ILE C 164 -39.12 -10.78 28.39
C ILE C 164 -37.90 -9.93 28.61
N GLU C 165 -38.05 -8.80 29.29
CA GLU C 165 -36.92 -7.97 29.64
C GLU C 165 -35.88 -8.72 30.46
N ARG C 166 -36.33 -9.60 31.36
CA ARG C 166 -35.43 -10.12 32.38
C ARG C 166 -34.29 -10.95 31.79
N ASP C 167 -34.46 -11.48 30.58
CA ASP C 167 -33.44 -12.27 29.91
C ASP C 167 -32.97 -11.58 28.65
N THR C 168 -33.11 -10.25 28.62
CA THR C 168 -32.79 -9.45 27.47
C THR C 168 -31.46 -8.74 27.58
N ASP C 169 -30.77 -8.89 28.71
CA ASP C 169 -29.35 -8.59 28.80
C ASP C 169 -28.56 -9.82 29.27
N ARG C 170 -29.27 -10.93 29.54
CA ARG C 170 -28.64 -12.18 29.93
C ARG C 170 -28.46 -13.06 28.70
N ASP C 171 -27.21 -13.26 28.29
CA ASP C 171 -26.95 -14.22 27.23
C ASP C 171 -27.13 -15.63 27.76
N ASN C 172 -28.03 -16.38 27.11
CA ASN C 172 -28.26 -17.77 27.44
C ASN C 172 -28.85 -18.43 26.21
N PHE C 173 -28.03 -19.21 25.52
CA PHE C 173 -28.36 -19.68 24.20
C PHE C 173 -29.36 -20.81 24.27
N LYS C 174 -30.50 -20.60 23.62
CA LYS C 174 -31.59 -21.56 23.60
C LYS C 174 -31.58 -22.35 22.30
N SER C 175 -32.45 -23.36 22.25
CA SER C 175 -32.52 -24.28 21.14
C SER C 175 -33.84 -24.15 20.40
N ALA C 176 -34.06 -25.09 19.49
CA ALA C 176 -35.32 -25.19 18.80
C ALA C 176 -36.47 -25.36 19.77
N GLU C 177 -36.45 -26.45 20.55
CA GLU C 177 -37.62 -26.85 21.31
C GLU C 177 -37.98 -25.83 22.38
N GLU C 178 -37.01 -25.49 23.23
CA GLU C 178 -37.28 -24.59 24.33
C GLU C 178 -37.63 -23.18 23.86
N ALA C 179 -37.32 -22.85 22.62
CA ALA C 179 -37.76 -21.58 22.07
C ALA C 179 -39.26 -21.55 21.87
N LEU C 180 -39.86 -22.69 21.56
CA LEU C 180 -41.28 -22.71 21.22
C LEU C 180 -42.14 -22.30 22.41
N GLU C 181 -41.66 -22.48 23.63
CA GLU C 181 -42.41 -22.07 24.80
C GLU C 181 -42.63 -20.57 24.81
N TYR C 182 -41.63 -19.81 24.33
CA TYR C 182 -41.75 -18.36 24.33
C TYR C 182 -42.80 -17.89 23.34
N GLY C 183 -43.11 -18.70 22.34
CA GLY C 183 -43.97 -18.28 21.26
C GLY C 183 -43.26 -17.50 20.19
N LEU C 184 -41.93 -17.48 20.19
CA LEU C 184 -41.15 -16.97 19.08
C LEU C 184 -41.60 -17.54 17.75
N ILE C 185 -41.96 -18.81 17.74
CA ILE C 185 -42.26 -19.55 16.54
C ILE C 185 -43.48 -20.42 16.82
N ASP C 186 -43.90 -21.17 15.80
CA ASP C 186 -45.19 -21.84 15.80
C ASP C 186 -45.12 -23.28 15.38
N LYS C 187 -44.08 -23.71 14.69
CA LYS C 187 -44.05 -25.05 14.12
C LYS C 187 -42.65 -25.30 13.58
N ILE C 188 -42.15 -26.49 13.80
CA ILE C 188 -41.03 -27.02 13.06
C ILE C 188 -41.50 -28.31 12.39
N LEU C 189 -40.97 -28.56 11.19
CA LEU C 189 -41.36 -29.70 10.38
C LEU C 189 -41.17 -31.04 11.10
N ILE D 19 -30.00 -4.34 -11.23
CA ILE D 19 -30.87 -3.96 -10.12
C ILE D 19 -31.41 -2.56 -10.40
N TYR D 20 -30.54 -1.69 -10.88
CA TYR D 20 -30.98 -0.37 -11.31
C TYR D 20 -31.94 -0.44 -12.48
N SER D 21 -31.73 -1.39 -13.39
CA SER D 21 -32.50 -1.44 -14.64
C SER D 21 -34.00 -1.57 -14.36
N ARG D 22 -34.34 -2.23 -13.25
CA ARG D 22 -35.71 -2.42 -12.85
C ARG D 22 -36.14 -1.37 -11.83
N LEU D 23 -35.18 -0.80 -11.11
CA LEU D 23 -35.48 0.27 -10.17
C LEU D 23 -36.09 1.46 -10.88
N LEU D 24 -35.36 2.01 -11.85
CA LEU D 24 -35.80 3.22 -12.53
C LEU D 24 -37.07 2.93 -13.31
N LYS D 25 -37.25 1.70 -13.72
CA LYS D 25 -38.54 1.29 -14.21
C LYS D 25 -39.54 1.34 -13.07
N ASP D 26 -40.75 1.77 -13.38
CA ASP D 26 -41.83 2.17 -12.47
C ASP D 26 -41.57 3.56 -11.92
N ARG D 27 -40.51 4.24 -12.33
CA ARG D 27 -40.22 5.62 -11.94
C ARG D 27 -40.09 5.74 -10.43
N ILE D 28 -39.06 5.09 -9.89
CA ILE D 28 -38.73 5.15 -8.48
C ILE D 28 -37.23 5.28 -8.33
N ILE D 29 -36.80 5.97 -7.27
CA ILE D 29 -35.42 6.31 -7.03
C ILE D 29 -35.12 6.01 -5.57
N MET D 30 -33.82 6.07 -5.23
CA MET D 30 -33.41 5.96 -3.84
C MET D 30 -32.23 6.88 -3.59
N LEU D 31 -32.10 7.24 -2.32
CA LEU D 31 -31.21 8.32 -1.87
C LEU D 31 -30.80 7.93 -0.45
N GLY D 32 -29.66 7.25 -0.32
CA GLY D 32 -29.48 6.37 0.82
C GLY D 32 -28.26 6.50 1.68
N SER D 33 -27.18 7.06 1.15
CA SER D 33 -25.88 6.92 1.76
C SER D 33 -25.42 8.21 2.43
N ALA D 34 -25.28 9.27 1.66
CA ALA D 34 -24.70 10.51 2.11
C ALA D 34 -24.83 11.48 0.95
N ILE D 35 -24.30 12.68 1.07
CA ILE D 35 -24.53 13.75 0.11
C ILE D 35 -23.20 14.44 -0.15
N ASP D 36 -22.68 14.28 -1.36
CA ASP D 36 -21.53 14.95 -1.89
C ASP D 36 -21.90 15.67 -3.18
N ASP D 37 -20.89 16.09 -3.94
CA ASP D 37 -21.13 16.59 -5.28
C ASP D 37 -21.28 15.45 -6.28
N ASN D 38 -20.60 14.32 -6.04
CA ASN D 38 -20.61 13.23 -7.01
C ASN D 38 -22.02 12.70 -7.20
N VAL D 39 -22.66 12.34 -6.09
CA VAL D 39 -24.02 11.83 -6.14
C VAL D 39 -24.97 12.90 -6.63
N ALA D 40 -24.67 14.16 -6.32
CA ALA D 40 -25.54 15.26 -6.70
C ALA D 40 -25.76 15.30 -8.19
N ASN D 41 -24.74 14.93 -8.95
CA ASN D 41 -24.87 14.89 -10.40
C ASN D 41 -25.68 13.69 -10.85
N SER D 42 -25.68 12.63 -10.04
CA SER D 42 -26.37 11.42 -10.44
C SER D 42 -27.88 11.61 -10.37
N ILE D 43 -28.35 12.32 -9.37
CA ILE D 43 -29.79 12.43 -9.16
C ILE D 43 -30.40 13.27 -10.25
N VAL D 44 -29.86 14.48 -10.42
CA VAL D 44 -30.32 15.42 -11.44
C VAL D 44 -30.41 14.73 -12.79
N SER D 45 -29.42 13.91 -13.10
CA SER D 45 -29.40 13.23 -14.38
C SER D 45 -30.57 12.27 -14.48
N GLN D 46 -30.82 11.53 -13.41
CA GLN D 46 -31.93 10.61 -13.40
C GLN D 46 -33.24 11.35 -13.57
N LEU D 47 -33.41 12.43 -12.81
CA LEU D 47 -34.60 13.25 -12.89
C LEU D 47 -34.80 13.78 -14.30
N LEU D 48 -33.71 14.05 -15.00
CA LEU D 48 -33.81 14.53 -16.36
C LEU D 48 -34.11 13.41 -17.32
N PHE D 49 -33.59 12.21 -17.02
CA PHE D 49 -33.83 11.07 -17.88
C PHE D 49 -35.30 10.71 -17.88
N LEU D 50 -35.91 10.66 -16.71
CA LEU D 50 -37.34 10.39 -16.63
C LEU D 50 -38.12 11.48 -17.32
N ALA D 51 -37.70 12.72 -17.10
CA ALA D 51 -38.38 13.87 -17.66
C ALA D 51 -38.39 13.87 -19.18
N ALA D 52 -37.39 13.26 -19.81
CA ALA D 52 -37.35 13.22 -21.26
C ALA D 52 -38.36 12.24 -21.83
N GLU D 53 -38.85 11.30 -21.01
CA GLU D 53 -39.99 10.47 -21.38
C GLU D 53 -41.25 11.17 -20.90
N ASP D 54 -42.40 10.48 -21.00
CA ASP D 54 -43.75 10.97 -20.71
C ASP D 54 -43.79 11.83 -19.45
N PRO D 55 -44.13 13.11 -19.55
CA PRO D 55 -44.38 13.88 -18.33
C PRO D 55 -45.42 13.25 -17.40
N GLU D 56 -46.49 12.67 -17.94
CA GLU D 56 -47.59 12.16 -17.11
C GLU D 56 -47.31 10.73 -16.67
N LYS D 57 -46.22 10.59 -15.91
CA LYS D 57 -45.75 9.31 -15.40
C LYS D 57 -45.37 9.44 -13.94
N GLU D 58 -46.32 9.95 -13.15
CA GLU D 58 -46.11 10.52 -11.83
C GLU D 58 -45.11 9.74 -10.99
N ILE D 59 -44.22 10.48 -10.35
CA ILE D 59 -43.02 9.94 -9.78
C ILE D 59 -43.18 9.87 -8.27
N SER D 60 -42.26 9.17 -7.62
CA SER D 60 -42.18 9.10 -6.18
C SER D 60 -40.71 9.18 -5.79
N LEU D 61 -40.45 9.09 -4.49
CA LEU D 61 -39.09 9.15 -4.01
C LEU D 61 -39.02 8.66 -2.57
N TYR D 62 -37.93 7.96 -2.27
CA TYR D 62 -37.67 7.40 -0.95
C TYR D 62 -36.34 7.93 -0.48
N ILE D 63 -36.18 7.97 0.85
CA ILE D 63 -35.09 8.70 1.48
C ILE D 63 -34.61 7.92 2.69
N ASN D 64 -33.30 7.95 2.91
CA ASN D 64 -32.74 7.61 4.21
C ASN D 64 -31.32 8.16 4.25
N SER D 65 -31.10 9.18 5.07
CA SER D 65 -29.93 10.04 4.96
C SER D 65 -29.29 10.29 6.31
N PRO D 66 -27.97 10.52 6.35
CA PRO D 66 -27.33 11.00 7.57
C PRO D 66 -27.19 12.51 7.64
N GLY D 67 -27.25 13.15 6.49
CA GLY D 67 -27.06 14.58 6.38
C GLY D 67 -26.53 14.94 5.02
N GLY D 68 -25.79 16.03 4.98
CA GLY D 68 -25.22 16.47 3.73
C GLY D 68 -24.68 17.87 3.83
N SER D 69 -24.14 18.34 2.71
CA SER D 69 -23.72 19.73 2.59
C SER D 69 -24.92 20.56 2.15
N ILE D 70 -24.65 21.81 1.82
CA ILE D 70 -25.67 22.83 1.62
C ILE D 70 -25.71 23.30 0.18
N THR D 71 -24.56 23.30 -0.48
CA THR D 71 -24.48 23.75 -1.86
C THR D 71 -25.36 22.92 -2.79
N ALA D 72 -25.55 21.64 -2.49
CA ALA D 72 -26.41 20.79 -3.29
C ALA D 72 -27.84 20.75 -2.77
N GLY D 73 -28.05 21.18 -1.52
CA GLY D 73 -29.41 21.26 -1.02
C GLY D 73 -30.29 22.12 -1.90
N MET D 74 -29.80 23.31 -2.22
CA MET D 74 -30.44 24.17 -3.21
C MET D 74 -29.81 23.97 -4.57
N ALA D 75 -29.68 22.69 -4.94
CA ALA D 75 -29.39 22.29 -6.30
C ALA D 75 -30.48 21.42 -6.88
N ILE D 76 -31.53 21.15 -6.12
CA ILE D 76 -32.50 20.13 -6.47
C ILE D 76 -33.91 20.69 -6.38
N TYR D 77 -34.20 21.41 -5.29
CA TYR D 77 -35.48 22.04 -5.12
C TYR D 77 -35.79 22.97 -6.28
N ASP D 78 -34.75 23.62 -6.79
CA ASP D 78 -34.83 24.30 -8.08
C ASP D 78 -35.37 23.37 -9.15
N THR D 79 -34.77 22.18 -9.25
CA THR D 79 -35.12 21.27 -10.32
C THR D 79 -36.50 20.68 -10.10
N MET D 80 -36.75 20.19 -8.89
CA MET D 80 -38.03 19.60 -8.54
C MET D 80 -39.19 20.52 -8.77
N GLN D 81 -38.98 21.83 -8.77
CA GLN D 81 -40.05 22.79 -8.81
C GLN D 81 -40.38 23.25 -10.22
N PHE D 82 -39.47 23.05 -11.18
CA PHE D 82 -39.73 23.53 -12.53
C PHE D 82 -40.62 22.59 -13.30
N ILE D 83 -40.26 21.30 -13.33
CA ILE D 83 -40.80 20.41 -14.35
C ILE D 83 -42.30 20.24 -14.22
N LYS D 84 -42.93 19.87 -15.33
CA LYS D 84 -44.37 19.61 -15.31
C LYS D 84 -44.78 18.45 -14.42
N PRO D 85 -44.09 17.31 -14.40
CA PRO D 85 -44.56 16.20 -13.56
C PRO D 85 -44.45 16.53 -12.08
N LYS D 86 -45.42 16.07 -11.30
CA LYS D 86 -45.44 16.29 -9.87
C LYS D 86 -44.58 15.24 -9.18
N VAL D 87 -44.21 15.54 -7.94
CA VAL D 87 -43.24 14.74 -7.20
C VAL D 87 -43.78 14.43 -5.82
N SER D 88 -43.65 13.16 -5.42
CA SER D 88 -44.05 12.68 -4.12
C SER D 88 -42.82 12.23 -3.36
N THR D 89 -42.89 12.35 -2.04
CA THR D 89 -41.76 12.08 -1.18
C THR D 89 -42.19 11.27 0.02
N ILE D 90 -41.27 10.42 0.47
CA ILE D 90 -41.51 9.51 1.58
C ILE D 90 -40.21 9.40 2.36
N CYS D 91 -40.32 9.25 3.67
CA CYS D 91 -39.19 9.19 4.57
C CYS D 91 -39.11 7.84 5.25
N ILE D 92 -37.89 7.50 5.68
CA ILE D 92 -37.59 6.26 6.37
C ILE D 92 -36.55 6.54 7.44
N GLY D 93 -36.81 6.03 8.63
CA GLY D 93 -35.81 6.01 9.67
C GLY D 93 -35.44 7.40 10.13
N MET D 94 -34.22 7.80 9.81
CA MET D 94 -33.64 9.04 10.31
C MET D 94 -33.72 10.04 9.16
N ALA D 95 -34.58 11.03 9.25
CA ALA D 95 -34.64 12.07 8.21
C ALA D 95 -33.84 13.22 8.81
N ALA D 96 -32.56 13.34 8.46
CA ALA D 96 -31.65 14.38 8.97
C ALA D 96 -31.77 15.63 8.09
N SER D 97 -30.98 16.69 8.39
CA SER D 97 -30.95 18.01 7.71
C SER D 97 -30.84 17.94 6.16
N MET D 98 -31.14 19.06 5.53
CA MET D 98 -31.28 19.19 4.06
C MET D 98 -32.14 18.01 3.70
N GLY D 99 -31.51 16.88 3.51
CA GLY D 99 -32.38 15.78 3.09
C GLY D 99 -33.81 15.90 3.57
N ALA D 100 -34.02 16.40 4.79
CA ALA D 100 -35.37 16.64 5.26
C ALA D 100 -36.02 17.80 4.54
N PHE D 101 -35.23 18.82 4.19
CA PHE D 101 -35.77 19.99 3.51
C PHE D 101 -36.47 19.62 2.22
N LEU D 102 -36.10 18.48 1.63
CA LEU D 102 -36.79 18.00 0.45
C LEU D 102 -38.12 17.37 0.81
N LEU D 103 -38.21 16.82 2.02
CA LEU D 103 -39.43 16.15 2.46
C LEU D 103 -40.64 17.06 2.32
N ALA D 104 -40.53 18.31 2.73
CA ALA D 104 -41.63 19.26 2.66
C ALA D 104 -41.68 19.94 1.30
N ALA D 105 -40.79 19.56 0.40
CA ALA D 105 -40.60 20.28 -0.84
C ALA D 105 -41.42 19.73 -2.00
N GLY D 106 -42.05 18.58 -1.81
CA GLY D 106 -42.92 18.03 -2.83
C GLY D 106 -44.30 18.63 -2.76
N GLU D 107 -45.21 18.05 -3.52
CA GLU D 107 -46.59 18.49 -3.53
C GLU D 107 -47.19 18.34 -2.14
N LYS D 108 -48.19 19.15 -1.85
CA LYS D 108 -48.68 19.31 -0.49
C LYS D 108 -49.49 18.13 0.01
N GLY D 109 -50.04 17.31 -0.86
CA GLY D 109 -50.96 16.26 -0.45
C GLY D 109 -50.45 14.86 -0.69
N LYS D 110 -49.12 14.68 -0.67
CA LYS D 110 -48.51 13.39 -0.91
C LYS D 110 -47.36 13.05 0.02
N ARG D 111 -46.93 13.97 0.86
CA ARG D 111 -45.73 13.79 1.67
C ARG D 111 -45.95 12.86 2.85
N TYR D 112 -46.04 11.57 2.60
CA TYR D 112 -46.26 10.58 3.64
C TYR D 112 -44.97 10.21 4.33
N ALA D 113 -45.11 9.49 5.45
CA ALA D 113 -43.97 9.00 6.21
C ALA D 113 -44.43 7.82 7.06
N LEU D 114 -43.59 7.42 8.01
CA LEU D 114 -43.72 6.17 8.73
C LEU D 114 -43.77 6.39 10.24
N PRO D 115 -44.41 5.48 10.98
CA PRO D 115 -44.54 5.68 12.43
C PRO D 115 -43.39 5.11 13.24
N ASN D 116 -42.17 5.27 12.75
CA ASN D 116 -40.99 4.93 13.53
C ASN D 116 -39.85 5.90 13.27
N SER D 117 -40.08 6.96 12.50
CA SER D 117 -39.02 7.67 11.82
C SER D 117 -38.78 8.99 12.52
N GLU D 118 -37.52 9.27 12.81
CA GLU D 118 -37.14 10.52 13.43
C GLU D 118 -36.85 11.54 12.35
N VAL D 119 -36.59 12.77 12.77
CA VAL D 119 -36.33 13.84 11.82
C VAL D 119 -35.70 15.01 12.55
N MET D 120 -34.64 15.59 11.98
CA MET D 120 -33.85 16.61 12.63
C MET D 120 -33.50 17.69 11.63
N ILE D 121 -33.66 18.95 12.04
CA ILE D 121 -33.72 20.08 11.13
C ILE D 121 -32.75 21.20 11.48
N HIS D 122 -31.61 20.87 12.08
CA HIS D 122 -30.59 21.86 12.32
C HIS D 122 -29.71 22.05 11.09
N GLN D 123 -29.22 23.27 10.93
CA GLN D 123 -28.40 23.72 9.81
C GLN D 123 -28.86 23.18 8.47
N ALA D 138 -17.01 32.86 -0.44
CA ALA D 138 -17.68 31.80 0.31
C ALA D 138 -18.38 32.38 1.52
N ALA D 139 -17.61 33.08 2.34
CA ALA D 139 -18.08 33.61 3.61
C ALA D 139 -18.77 34.95 3.49
N LYS D 140 -19.27 35.27 2.31
CA LYS D 140 -20.26 36.32 2.13
C LYS D 140 -21.53 35.78 1.49
N ARG D 141 -21.43 34.65 0.81
CA ARG D 141 -22.53 34.16 -0.01
C ARG D 141 -23.26 33.00 0.66
N ILE D 142 -22.52 32.16 1.38
CA ILE D 142 -23.14 31.02 2.04
C ILE D 142 -24.12 31.51 3.10
N LEU D 143 -23.85 32.67 3.66
CA LEU D 143 -24.72 33.25 4.67
C LEU D 143 -26.10 33.56 4.12
N LEU D 144 -26.19 33.78 2.80
CA LEU D 144 -27.47 34.13 2.21
C LEU D 144 -28.42 32.95 2.21
N LEU D 145 -27.90 31.75 2.05
CA LEU D 145 -28.77 30.58 1.89
C LEU D 145 -29.55 30.30 3.15
N ARG D 146 -28.89 30.41 4.30
CA ARG D 146 -29.55 30.08 5.56
C ARG D 146 -30.71 31.03 5.84
N ASP D 147 -30.70 32.22 5.21
CA ASP D 147 -31.86 33.09 5.25
C ASP D 147 -32.85 32.74 4.14
N LYS D 148 -32.33 32.49 2.94
CA LYS D 148 -33.17 32.03 1.85
C LYS D 148 -33.88 30.74 2.22
N LEU D 149 -33.17 29.87 2.92
CA LEU D 149 -33.67 28.54 3.21
C LEU D 149 -34.81 28.60 4.22
N ASN D 150 -34.58 29.30 5.33
CA ASN D 150 -35.61 29.41 6.36
C ASN D 150 -36.86 30.05 5.79
N LYS D 151 -36.69 30.99 4.86
CA LYS D 151 -37.84 31.70 4.31
C LYS D 151 -38.77 30.75 3.56
N VAL D 152 -38.19 29.76 2.90
CA VAL D 152 -38.99 28.76 2.20
C VAL D 152 -39.82 27.99 3.19
N LEU D 153 -39.13 27.27 4.07
CA LEU D 153 -39.73 26.24 4.89
C LEU D 153 -40.73 26.81 5.87
N ALA D 154 -40.58 28.08 6.24
CA ALA D 154 -41.57 28.75 7.07
C ALA D 154 -42.78 29.16 6.25
N GLU D 155 -42.57 29.56 4.99
CA GLU D 155 -43.69 29.91 4.13
C GLU D 155 -44.48 28.69 3.72
N ARG D 156 -43.86 27.51 3.77
CA ARG D 156 -44.54 26.28 3.39
C ARG D 156 -45.69 25.98 4.34
N THR D 157 -45.50 26.30 5.62
CA THR D 157 -46.40 25.88 6.68
C THR D 157 -47.16 27.06 7.29
N GLY D 158 -46.49 28.19 7.45
CA GLY D 158 -47.07 29.35 8.10
C GLY D 158 -46.67 29.39 9.55
N GLN D 159 -45.43 29.01 9.82
CA GLN D 159 -44.90 28.89 11.17
C GLN D 159 -43.78 29.92 11.34
N PRO D 160 -43.99 31.02 12.10
CA PRO D 160 -43.14 32.20 11.93
C PRO D 160 -41.68 32.01 12.32
N LEU D 161 -40.88 33.07 12.10
CA LEU D 161 -39.44 32.99 12.33
C LEU D 161 -39.08 32.66 13.77
N GLU D 162 -39.97 32.96 14.71
CA GLU D 162 -39.75 32.62 16.11
C GLU D 162 -39.48 31.13 16.23
N VAL D 163 -40.35 30.32 15.61
CA VAL D 163 -40.24 28.89 15.77
C VAL D 163 -38.98 28.37 15.09
N ILE D 164 -38.46 29.12 14.12
CA ILE D 164 -37.37 28.64 13.28
C ILE D 164 -36.07 28.67 14.06
N GLU D 165 -35.61 29.87 14.42
CA GLU D 165 -34.30 30.02 15.00
C GLU D 165 -34.24 29.48 16.41
N ARG D 166 -35.40 29.41 17.09
CA ARG D 166 -35.45 28.74 18.38
C ARG D 166 -35.05 27.28 18.24
N ASP D 167 -35.46 26.64 17.17
CA ASP D 167 -35.34 25.21 16.99
C ASP D 167 -34.25 24.83 16.00
N THR D 168 -33.80 25.76 15.16
CA THR D 168 -32.85 25.43 14.11
C THR D 168 -31.42 25.38 14.61
N ASP D 169 -31.00 26.32 15.44
CA ASP D 169 -29.65 26.30 15.98
C ASP D 169 -29.40 25.10 16.89
N ARG D 170 -30.45 24.48 17.41
CA ARG D 170 -30.34 23.48 18.46
C ARG D 170 -30.53 22.08 17.88
N ASP D 171 -30.62 21.08 18.76
CA ASP D 171 -30.66 19.67 18.38
C ASP D 171 -31.71 19.00 19.26
N ASN D 172 -32.85 18.70 18.65
CA ASN D 172 -33.96 18.05 19.33
C ASN D 172 -34.70 17.17 18.36
N PHE D 173 -34.68 15.87 18.62
CA PHE D 173 -35.25 14.89 17.72
C PHE D 173 -36.76 14.83 17.90
N LYS D 174 -37.48 14.83 16.78
CA LYS D 174 -38.93 14.79 16.77
C LYS D 174 -39.40 13.57 15.99
N SER D 175 -40.58 13.09 16.34
CA SER D 175 -41.12 11.86 15.81
C SER D 175 -42.04 12.12 14.64
N ALA D 176 -42.77 11.08 14.27
CA ALA D 176 -43.81 11.20 13.27
C ALA D 176 -44.85 12.24 13.68
N GLU D 177 -45.53 11.97 14.80
CA GLU D 177 -46.73 12.72 15.13
C GLU D 177 -46.42 14.19 15.40
N GLU D 178 -45.55 14.45 16.36
CA GLU D 178 -45.23 15.83 16.75
C GLU D 178 -44.65 16.63 15.59
N ALA D 179 -44.08 15.97 14.59
CA ALA D 179 -43.64 16.68 13.40
C ALA D 179 -44.82 17.21 12.60
N LEU D 180 -45.97 16.54 12.68
CA LEU D 180 -47.12 16.94 11.87
C LEU D 180 -47.60 18.33 12.24
N GLU D 181 -47.48 18.72 13.51
CA GLU D 181 -47.93 20.03 13.93
C GLU D 181 -47.14 21.14 13.26
N TYR D 182 -45.89 20.88 12.91
CA TYR D 182 -45.10 21.83 12.14
C TYR D 182 -45.58 21.99 10.72
N GLY D 183 -46.41 21.08 10.23
CA GLY D 183 -46.89 21.16 8.87
C GLY D 183 -45.94 20.61 7.83
N LEU D 184 -44.81 20.03 8.24
CA LEU D 184 -44.00 19.22 7.33
C LEU D 184 -44.87 18.19 6.64
N ILE D 185 -45.59 17.41 7.43
CA ILE D 185 -46.35 16.29 6.91
C ILE D 185 -47.78 16.72 6.63
N ASP D 186 -48.41 15.97 5.74
CA ASP D 186 -49.78 16.20 5.31
C ASP D 186 -50.69 15.04 5.64
N LYS D 187 -50.14 13.85 5.83
CA LYS D 187 -50.94 12.67 6.11
C LYS D 187 -49.99 11.52 6.39
N ILE D 188 -50.60 10.37 6.67
CA ILE D 188 -49.87 9.13 6.93
C ILE D 188 -50.89 8.01 6.91
N LEU D 189 -50.44 6.79 6.61
CA LEU D 189 -51.32 5.65 6.40
C LEU D 189 -52.32 5.43 7.54
N ILE E 19 -26.28 4.24 -17.93
CA ILE E 19 -27.06 5.47 -17.81
C ILE E 19 -26.66 6.49 -18.87
N TYR E 20 -25.36 6.68 -19.03
CA TYR E 20 -24.86 7.65 -19.98
C TYR E 20 -25.25 7.33 -21.41
N SER E 21 -25.68 6.10 -21.70
CA SER E 21 -26.14 5.78 -23.03
C SER E 21 -27.50 6.42 -23.30
N ARG E 22 -28.51 6.05 -22.53
CA ARG E 22 -29.84 6.59 -22.77
C ARG E 22 -29.87 8.07 -22.43
N LEU E 23 -28.98 8.50 -21.55
CA LEU E 23 -28.71 9.92 -21.38
C LEU E 23 -28.41 10.59 -22.69
N LEU E 24 -27.65 9.91 -23.53
CA LEU E 24 -27.10 10.50 -24.74
C LEU E 24 -28.00 10.28 -25.94
N LYS E 25 -28.85 9.26 -25.91
CA LYS E 25 -29.72 8.98 -27.03
C LYS E 25 -30.74 10.09 -27.27
N ASP E 26 -30.92 10.99 -26.29
CA ASP E 26 -31.68 12.21 -26.48
C ASP E 26 -30.79 13.43 -26.41
N ARG E 27 -29.58 13.33 -26.98
CA ARG E 27 -28.76 14.47 -27.41
C ARG E 27 -28.48 15.45 -26.29
N ILE E 28 -28.06 14.94 -25.13
CA ILE E 28 -27.81 15.76 -23.95
C ILE E 28 -26.53 15.27 -23.27
N ILE E 29 -25.86 16.20 -22.61
CA ILE E 29 -24.53 15.97 -22.06
C ILE E 29 -24.48 16.52 -20.64
N MET E 30 -23.51 16.04 -19.87
CA MET E 30 -23.19 16.55 -18.55
C MET E 30 -21.77 17.05 -18.51
N LEU E 31 -21.53 17.92 -17.53
CA LEU E 31 -20.20 18.46 -17.25
C LEU E 31 -20.26 18.96 -15.80
N GLY E 32 -19.75 18.16 -14.88
CA GLY E 32 -20.01 18.39 -13.47
C GLY E 32 -18.85 18.33 -12.51
N SER E 33 -17.76 17.68 -12.91
CA SER E 33 -16.75 17.26 -11.93
C SER E 33 -15.67 18.31 -11.76
N ALA E 34 -14.92 18.54 -12.82
CA ALA E 34 -13.70 19.32 -12.78
C ALA E 34 -13.18 19.35 -14.21
N ILE E 35 -12.03 19.94 -14.44
CA ILE E 35 -11.52 20.16 -15.78
C ILE E 35 -10.04 19.80 -15.80
N ASP E 36 -9.73 18.72 -16.48
CA ASP E 36 -8.38 18.31 -16.81
C ASP E 36 -8.24 18.16 -18.32
N ASP E 37 -7.12 17.58 -18.75
CA ASP E 37 -7.00 17.20 -20.15
C ASP E 37 -7.75 15.91 -20.45
N ASN E 38 -7.90 15.04 -19.44
CA ASN E 38 -8.52 13.74 -19.68
C ASN E 38 -9.97 13.91 -20.11
N VAL E 39 -10.75 14.64 -19.30
CA VAL E 39 -12.13 14.92 -19.63
C VAL E 39 -12.22 15.77 -20.87
N ALA E 40 -11.23 16.65 -21.07
CA ALA E 40 -11.23 17.54 -22.22
C ALA E 40 -11.25 16.75 -23.51
N ASN E 41 -10.53 15.64 -23.54
CA ASN E 41 -10.49 14.80 -24.73
C ASN E 41 -11.80 14.04 -24.90
N SER E 42 -12.64 14.01 -23.87
CA SER E 42 -13.84 13.21 -23.92
C SER E 42 -14.97 13.98 -24.58
N ILE E 43 -15.10 15.26 -24.22
CA ILE E 43 -16.25 16.04 -24.67
C ILE E 43 -16.20 16.22 -26.16
N VAL E 44 -15.03 16.64 -26.65
CA VAL E 44 -14.76 16.80 -28.07
C VAL E 44 -15.24 15.60 -28.86
N SER E 45 -15.05 14.41 -28.32
CA SER E 45 -15.47 13.21 -29.03
C SER E 45 -16.99 13.13 -29.06
N GLN E 46 -17.62 13.42 -27.94
CA GLN E 46 -19.08 13.39 -27.90
C GLN E 46 -19.65 14.41 -28.85
N LEU E 47 -19.08 15.61 -28.83
CA LEU E 47 -19.50 16.66 -29.74
C LEU E 47 -19.31 16.25 -31.18
N LEU E 48 -18.36 15.33 -31.42
CA LEU E 48 -18.12 14.81 -32.76
C LEU E 48 -18.97 13.59 -33.05
N PHE E 49 -19.34 12.83 -32.02
CA PHE E 49 -20.28 11.74 -32.20
C PHE E 49 -21.56 12.23 -32.85
N LEU E 50 -22.17 13.24 -32.25
CA LEU E 50 -23.46 13.73 -32.70
C LEU E 50 -23.41 14.36 -34.07
N ALA E 51 -22.26 14.85 -34.49
CA ALA E 51 -22.16 15.57 -35.75
C ALA E 51 -22.53 14.68 -36.93
N ALA E 52 -21.95 13.49 -36.98
CA ALA E 52 -22.16 12.59 -38.11
C ALA E 52 -23.47 11.84 -38.02
N GLU E 53 -24.23 12.02 -36.94
CA GLU E 53 -25.54 11.38 -36.82
C GLU E 53 -26.62 12.29 -37.37
N ASP E 54 -26.46 13.60 -37.23
CA ASP E 54 -27.35 14.58 -37.82
C ASP E 54 -26.68 15.94 -37.72
N PRO E 55 -26.64 16.74 -38.79
CA PRO E 55 -26.12 18.10 -38.67
C PRO E 55 -27.11 19.14 -38.17
N GLU E 56 -28.39 18.81 -38.04
CA GLU E 56 -29.40 19.76 -37.53
C GLU E 56 -30.26 19.03 -36.50
N LYS E 57 -29.76 18.97 -35.27
CA LYS E 57 -30.48 18.39 -34.14
C LYS E 57 -30.19 19.21 -32.89
N GLU E 58 -30.27 20.53 -33.01
CA GLU E 58 -29.62 21.50 -32.12
C GLU E 58 -29.70 21.11 -30.65
N ILE E 59 -28.56 21.10 -29.98
CA ILE E 59 -28.44 20.38 -28.73
C ILE E 59 -28.28 21.34 -27.57
N SER E 60 -28.20 20.77 -26.37
CA SER E 60 -28.16 21.51 -25.14
C SER E 60 -26.93 21.09 -24.36
N LEU E 61 -26.77 21.67 -23.18
CA LEU E 61 -25.62 21.36 -22.37
C LEU E 61 -25.84 21.89 -20.96
N TYR E 62 -25.65 21.02 -19.98
CA TYR E 62 -25.81 21.33 -18.57
C TYR E 62 -24.46 21.35 -17.90
N ILE E 63 -24.38 22.10 -16.81
CA ILE E 63 -23.12 22.42 -16.17
C ILE E 63 -23.31 22.43 -14.66
N ASN E 64 -22.30 21.97 -13.93
CA ASN E 64 -22.19 22.25 -12.50
C ASN E 64 -20.70 22.18 -12.16
N SER E 65 -20.02 23.32 -12.25
CA SER E 65 -18.57 23.35 -12.35
C SER E 65 -17.90 23.97 -11.13
N PRO E 66 -16.70 23.50 -10.76
CA PRO E 66 -15.88 24.24 -9.79
C PRO E 66 -14.91 25.21 -10.44
N GLY E 67 -14.59 24.97 -11.70
CA GLY E 67 -13.56 25.73 -12.38
C GLY E 67 -12.75 24.83 -13.29
N GLY E 68 -11.54 25.28 -13.59
CA GLY E 68 -10.69 24.51 -14.47
C GLY E 68 -9.42 25.26 -14.82
N SER E 69 -8.69 24.68 -15.77
CA SER E 69 -7.48 25.29 -16.29
C SER E 69 -7.81 26.27 -17.41
N ILE E 70 -6.79 26.71 -18.12
CA ILE E 70 -6.91 27.77 -19.11
C ILE E 70 -6.95 27.22 -20.53
N THR E 71 -6.34 26.06 -20.74
CA THR E 71 -6.02 25.64 -22.10
C THR E 71 -7.25 25.10 -22.81
N ALA E 72 -7.98 24.19 -22.18
CA ALA E 72 -9.11 23.55 -22.84
C ALA E 72 -10.26 24.51 -23.08
N GLY E 73 -10.23 25.68 -22.46
CA GLY E 73 -11.29 26.65 -22.64
C GLY E 73 -11.47 27.00 -24.09
N MET E 74 -10.34 27.26 -24.75
CA MET E 74 -10.40 27.52 -26.18
C MET E 74 -10.67 26.25 -26.95
N ALA E 75 -10.22 25.12 -26.42
CA ALA E 75 -10.33 23.84 -27.10
C ALA E 75 -11.78 23.50 -27.43
N ILE E 76 -12.70 23.98 -26.60
CA ILE E 76 -14.11 23.68 -26.78
C ILE E 76 -14.80 24.78 -27.58
N TYR E 77 -14.42 26.03 -27.33
CA TYR E 77 -15.15 27.15 -27.92
C TYR E 77 -14.97 27.17 -29.42
N ASP E 78 -13.76 26.89 -29.88
CA ASP E 78 -13.51 26.81 -31.31
C ASP E 78 -14.29 25.65 -31.92
N THR E 79 -14.41 24.56 -31.17
CA THR E 79 -15.06 23.38 -31.69
C THR E 79 -16.55 23.60 -31.84
N MET E 80 -17.18 24.21 -30.84
CA MET E 80 -18.56 24.66 -30.95
C MET E 80 -18.77 25.46 -32.23
N GLN E 81 -17.82 26.32 -32.54
CA GLN E 81 -17.89 27.20 -33.69
C GLN E 81 -17.62 26.47 -35.00
N PHE E 82 -16.98 25.31 -34.95
CA PHE E 82 -16.58 24.62 -36.18
C PHE E 82 -17.79 23.97 -36.83
N ILE E 83 -18.74 23.48 -36.04
CA ILE E 83 -19.80 22.65 -36.59
C ILE E 83 -20.89 23.49 -37.23
N LYS E 84 -21.80 22.83 -37.92
CA LYS E 84 -23.00 23.42 -38.46
C LYS E 84 -24.08 23.65 -37.40
N PRO E 85 -24.48 22.65 -36.62
CA PRO E 85 -25.65 22.83 -35.75
C PRO E 85 -25.39 23.82 -34.63
N LYS E 86 -26.45 24.06 -33.85
CA LYS E 86 -26.49 25.07 -32.81
C LYS E 86 -26.41 24.43 -31.43
N VAL E 87 -26.05 25.25 -30.44
CA VAL E 87 -25.73 24.77 -29.11
C VAL E 87 -26.38 25.69 -28.08
N SER E 88 -27.16 25.10 -27.17
CA SER E 88 -27.77 25.80 -26.05
C SER E 88 -27.07 25.39 -24.77
N THR E 89 -27.09 26.29 -23.78
CA THR E 89 -26.36 26.11 -22.55
C THR E 89 -27.20 26.55 -21.36
N ILE E 90 -26.97 25.87 -20.24
CA ILE E 90 -27.70 26.09 -19.00
C ILE E 90 -26.73 25.93 -17.85
N CYS E 91 -26.93 26.72 -16.80
CA CYS E 91 -26.08 26.68 -15.62
C CYS E 91 -26.87 26.29 -14.39
N ILE E 92 -26.15 25.82 -13.38
CA ILE E 92 -26.71 25.26 -12.16
C ILE E 92 -25.76 25.56 -11.03
N GLY E 93 -26.23 26.35 -10.07
CA GLY E 93 -25.43 26.62 -8.89
C GLY E 93 -24.15 27.35 -9.22
N MET E 94 -23.04 26.65 -9.05
CA MET E 94 -21.74 27.26 -9.21
C MET E 94 -21.28 27.21 -10.66
N ALA E 95 -20.52 28.23 -11.05
CA ALA E 95 -19.80 28.20 -12.31
C ALA E 95 -18.68 29.23 -12.23
N ALA E 96 -17.46 28.76 -12.09
CA ALA E 96 -16.31 29.63 -11.97
C ALA E 96 -15.89 30.09 -13.34
N SER E 97 -14.75 30.76 -13.44
CA SER E 97 -14.38 31.44 -14.67
C SER E 97 -13.72 30.52 -15.68
N MET E 98 -14.33 29.37 -15.92
CA MET E 98 -14.02 28.57 -17.09
C MET E 98 -15.24 27.99 -17.78
N GLY E 99 -16.31 27.71 -17.05
CA GLY E 99 -17.56 27.33 -17.68
C GLY E 99 -18.41 28.53 -18.01
N ALA E 100 -18.21 29.62 -17.28
CA ALA E 100 -18.89 30.86 -17.61
C ALA E 100 -18.55 31.31 -19.01
N PHE E 101 -17.29 31.18 -19.40
CA PHE E 101 -16.91 31.46 -20.78
C PHE E 101 -17.71 30.59 -21.73
N LEU E 102 -17.96 29.34 -21.35
CA LEU E 102 -18.75 28.47 -22.20
C LEU E 102 -20.20 28.90 -22.21
N LEU E 103 -20.70 29.33 -21.06
CA LEU E 103 -22.09 29.73 -20.93
C LEU E 103 -22.48 30.84 -21.90
N ALA E 104 -21.61 31.83 -22.10
CA ALA E 104 -21.94 32.97 -22.94
C ALA E 104 -21.37 32.77 -24.33
N ALA E 105 -21.29 31.52 -24.77
CA ALA E 105 -20.65 31.15 -26.01
C ALA E 105 -21.60 30.49 -26.99
N GLY E 106 -22.74 29.99 -26.51
CA GLY E 106 -23.73 29.44 -27.40
C GLY E 106 -24.50 30.54 -28.09
N GLU E 107 -25.60 30.19 -28.72
CA GLU E 107 -26.41 31.19 -29.39
C GLU E 107 -26.97 32.17 -28.37
N LYS E 108 -27.22 33.40 -28.82
CA LYS E 108 -27.57 34.47 -27.91
C LYS E 108 -28.92 34.25 -27.26
N GLY E 109 -29.85 33.63 -27.98
CA GLY E 109 -31.21 33.54 -27.51
C GLY E 109 -31.54 32.22 -26.84
N LYS E 110 -30.51 31.53 -26.32
CA LYS E 110 -30.69 30.18 -25.80
C LYS E 110 -29.81 29.91 -24.59
N ARG E 111 -29.48 30.94 -23.82
CA ARG E 111 -28.65 30.81 -22.63
C ARG E 111 -29.48 31.07 -21.39
N TYR E 112 -29.92 29.99 -20.74
CA TYR E 112 -30.84 30.06 -19.62
C TYR E 112 -30.10 29.75 -18.34
N ALA E 113 -30.74 30.05 -17.22
CA ALA E 113 -30.15 29.77 -15.92
C ALA E 113 -31.24 29.79 -14.86
N LEU E 114 -30.82 29.66 -13.60
CA LEU E 114 -31.70 29.41 -12.48
C LEU E 114 -31.51 30.46 -11.40
N PRO E 115 -32.53 30.71 -10.58
CA PRO E 115 -32.44 31.80 -9.60
C PRO E 115 -31.84 31.38 -8.28
N ASN E 116 -30.83 30.52 -8.33
CA ASN E 116 -30.08 30.13 -7.14
C ASN E 116 -28.61 29.94 -7.46
N SER E 117 -28.17 30.54 -8.55
CA SER E 117 -26.94 30.19 -9.20
C SER E 117 -25.92 31.30 -9.06
N GLU E 118 -24.71 30.90 -8.70
CA GLU E 118 -23.59 31.81 -8.51
C GLU E 118 -22.58 31.55 -9.61
N VAL E 119 -22.54 32.51 -10.53
CA VAL E 119 -21.66 32.47 -11.71
C VAL E 119 -20.79 33.71 -11.63
N MET E 120 -19.71 33.65 -10.88
CA MET E 120 -18.76 34.78 -10.74
C MET E 120 -17.41 34.29 -11.26
N ILE E 121 -16.66 35.13 -11.95
CA ILE E 121 -15.43 34.69 -12.63
C ILE E 121 -14.20 35.50 -12.22
N HIS E 122 -13.08 34.84 -11.90
CA HIS E 122 -11.84 35.60 -11.73
C HIS E 122 -10.78 35.37 -12.80
N GLN E 123 -10.60 34.16 -13.27
CA GLN E 123 -9.50 33.86 -14.19
C GLN E 123 -9.88 32.79 -15.21
N ALA E 138 5.82 28.75 -22.46
CA ALA E 138 4.61 28.76 -21.66
C ALA E 138 4.19 30.18 -21.40
N ALA E 139 5.13 30.95 -20.86
CA ALA E 139 4.84 32.31 -20.43
C ALA E 139 4.39 33.18 -21.58
N LYS E 140 5.15 33.19 -22.68
CA LYS E 140 4.91 34.14 -23.76
C LYS E 140 3.53 33.99 -24.38
N ARG E 141 2.87 32.84 -24.20
CA ARG E 141 1.57 32.58 -24.78
C ARG E 141 0.43 32.70 -23.78
N ILE E 142 0.70 32.40 -22.52
CA ILE E 142 -0.33 32.47 -21.49
C ILE E 142 -0.87 33.89 -21.38
N LEU E 143 0.01 34.87 -21.53
CA LEU E 143 -0.43 36.26 -21.44
C LEU E 143 -1.34 36.62 -22.60
N LEU E 144 -1.31 35.86 -23.68
CA LEU E 144 -2.10 36.21 -24.85
C LEU E 144 -3.53 35.73 -24.71
N LEU E 145 -3.74 34.56 -24.12
CA LEU E 145 -5.08 34.05 -24.01
C LEU E 145 -5.92 34.93 -23.10
N ARG E 146 -5.32 35.44 -22.03
CA ARG E 146 -6.04 36.31 -21.12
C ARG E 146 -6.43 37.62 -21.79
N ASP E 147 -5.74 37.99 -22.88
CA ASP E 147 -6.17 39.12 -23.70
C ASP E 147 -7.15 38.66 -24.77
N LYS E 148 -6.84 37.54 -25.42
CA LYS E 148 -7.77 36.97 -26.40
C LYS E 148 -9.10 36.64 -25.74
N LEU E 149 -9.05 36.20 -24.49
CA LEU E 149 -10.27 35.81 -23.80
C LEU E 149 -11.13 37.02 -23.50
N ASN E 150 -10.53 38.07 -22.93
CA ASN E 150 -11.29 39.27 -22.60
C ASN E 150 -11.85 39.92 -23.86
N LYS E 151 -11.20 39.68 -25.00
CA LYS E 151 -11.73 40.16 -26.28
C LYS E 151 -13.14 39.65 -26.51
N VAL E 152 -13.41 38.43 -26.09
CA VAL E 152 -14.70 37.81 -26.37
C VAL E 152 -15.79 38.45 -25.55
N LEU E 153 -15.64 38.37 -24.22
CA LEU E 153 -16.73 38.72 -23.31
C LEU E 153 -17.14 40.17 -23.48
N ALA E 154 -16.16 41.03 -23.77
CA ALA E 154 -16.45 42.43 -24.03
C ALA E 154 -17.12 42.61 -25.38
N GLU E 155 -16.68 41.85 -26.38
CA GLU E 155 -17.28 41.95 -27.71
C GLU E 155 -18.63 41.27 -27.75
N ARG E 156 -18.92 40.39 -26.81
CA ARG E 156 -20.19 39.70 -26.74
C ARG E 156 -21.33 40.64 -26.38
N THR E 157 -21.05 41.65 -25.55
CA THR E 157 -22.06 42.54 -25.01
C THR E 157 -21.80 44.00 -25.36
N GLY E 158 -20.56 44.45 -25.16
CA GLY E 158 -20.16 45.81 -25.48
C GLY E 158 -19.49 46.54 -24.33
N GLN E 159 -19.32 45.87 -23.19
CA GLN E 159 -18.64 46.45 -22.04
C GLN E 159 -17.20 46.79 -22.40
N PRO E 160 -16.64 47.88 -21.83
CA PRO E 160 -15.21 48.12 -22.08
C PRO E 160 -14.31 47.08 -21.44
N LEU E 161 -13.00 47.25 -21.63
CA LEU E 161 -12.04 46.26 -21.16
C LEU E 161 -11.48 46.63 -19.79
N GLU E 162 -11.61 47.89 -19.39
CA GLU E 162 -11.20 48.28 -18.05
C GLU E 162 -12.19 47.77 -17.02
N VAL E 163 -13.48 47.93 -17.30
CA VAL E 163 -14.51 47.36 -16.44
C VAL E 163 -14.32 45.87 -16.34
N ILE E 164 -13.88 45.25 -17.43
CA ILE E 164 -13.55 43.83 -17.42
C ILE E 164 -12.40 43.57 -16.48
N GLU E 165 -11.27 44.25 -16.70
CA GLU E 165 -10.07 43.98 -15.93
C GLU E 165 -10.24 44.44 -14.48
N ARG E 166 -11.12 45.39 -14.24
CA ARG E 166 -11.33 45.84 -12.86
C ARG E 166 -11.91 44.71 -12.01
N ASP E 167 -12.98 44.08 -12.51
CA ASP E 167 -13.69 43.09 -11.72
C ASP E 167 -13.24 41.67 -12.01
N THR E 168 -12.53 41.45 -13.11
CA THR E 168 -12.01 40.13 -13.42
C THR E 168 -10.84 39.76 -12.53
N ASP E 169 -9.93 40.69 -12.26
CA ASP E 169 -8.80 40.43 -11.38
C ASP E 169 -9.28 39.96 -10.01
N ARG E 170 -10.39 40.52 -9.53
CA ARG E 170 -10.91 40.23 -8.21
C ARG E 170 -11.98 39.14 -8.32
N ASP E 171 -12.73 38.92 -7.24
CA ASP E 171 -13.84 37.99 -7.23
C ASP E 171 -14.92 38.54 -6.30
N ASN E 172 -16.15 38.53 -6.77
CA ASN E 172 -17.28 38.97 -5.98
C ASN E 172 -18.53 38.30 -6.55
N PHE E 173 -19.12 37.42 -5.75
CA PHE E 173 -20.12 36.48 -6.25
C PHE E 173 -21.37 37.21 -6.67
N LYS E 174 -21.54 37.35 -7.98
CA LYS E 174 -22.78 37.82 -8.56
C LYS E 174 -23.78 36.68 -8.62
N SER E 175 -24.99 37.01 -9.04
CA SER E 175 -26.13 36.12 -8.94
C SER E 175 -26.82 36.02 -10.29
N ALA E 176 -27.99 35.41 -10.26
CA ALA E 176 -28.82 35.29 -11.45
C ALA E 176 -29.12 36.65 -12.06
N GLU E 177 -29.85 37.49 -11.33
CA GLU E 177 -30.42 38.69 -11.93
C GLU E 177 -29.34 39.69 -12.30
N GLU E 178 -28.51 40.06 -11.33
CA GLU E 178 -27.49 41.07 -11.55
C GLU E 178 -26.48 40.66 -12.62
N ALA E 179 -26.36 39.36 -12.90
CA ALA E 179 -25.54 38.94 -14.01
C ALA E 179 -26.12 39.36 -15.34
N LEU E 180 -27.46 39.44 -15.41
CA LEU E 180 -28.12 39.72 -16.67
C LEU E 180 -27.70 41.05 -17.27
N GLU E 181 -27.40 42.04 -16.44
CA GLU E 181 -27.07 43.36 -16.95
C GLU E 181 -25.76 43.35 -17.72
N TYR E 182 -24.85 42.43 -17.39
CA TYR E 182 -23.61 42.32 -18.14
C TYR E 182 -23.87 41.92 -19.57
N GLY E 183 -24.86 41.03 -19.77
CA GLY E 183 -25.22 40.55 -21.08
C GLY E 183 -24.89 39.08 -21.28
N LEU E 184 -24.48 38.41 -20.20
CA LEU E 184 -24.28 36.97 -20.24
C LEU E 184 -25.55 36.26 -20.66
N ILE E 185 -26.68 36.72 -20.13
CA ILE E 185 -27.90 35.94 -20.05
C ILE E 185 -29.04 36.74 -20.67
N ASP E 186 -30.02 36.01 -21.18
CA ASP E 186 -31.18 36.57 -21.85
C ASP E 186 -32.48 36.20 -21.17
N LYS E 187 -32.62 34.94 -20.78
CA LYS E 187 -33.81 34.40 -20.13
C LYS E 187 -33.48 33.94 -18.73
N ILE E 188 -34.48 33.39 -18.05
CA ILE E 188 -34.31 32.85 -16.70
C ILE E 188 -35.56 32.08 -16.31
N LEU E 189 -35.39 31.12 -15.41
CA LEU E 189 -36.51 30.41 -14.78
C LEU E 189 -36.01 29.56 -13.62
N ILE F 19 -17.56 3.75 -25.91
CA ILE F 19 -17.41 5.03 -26.58
C ILE F 19 -16.29 4.97 -27.61
N TYR F 20 -16.17 3.81 -28.25
CA TYR F 20 -15.29 3.66 -29.40
C TYR F 20 -15.96 2.98 -30.57
N SER F 21 -17.07 2.28 -30.36
CA SER F 21 -17.63 1.44 -31.41
C SER F 21 -18.17 2.27 -32.56
N ARG F 22 -18.86 3.37 -32.25
CA ARG F 22 -19.47 4.21 -33.27
C ARG F 22 -18.51 5.24 -33.82
N LEU F 23 -17.29 5.29 -33.31
CA LEU F 23 -16.24 6.06 -33.95
C LEU F 23 -15.81 5.38 -35.25
N LEU F 24 -15.62 4.08 -35.18
CA LEU F 24 -14.95 3.39 -36.29
C LEU F 24 -15.90 3.17 -37.44
N LYS F 25 -17.17 3.00 -37.15
CA LYS F 25 -18.19 3.34 -38.13
C LYS F 25 -18.18 4.85 -38.23
N ASP F 26 -18.29 5.36 -39.45
CA ASP F 26 -17.90 6.73 -39.74
C ASP F 26 -16.48 6.93 -39.21
N ARG F 27 -15.56 6.21 -39.84
CA ARG F 27 -14.23 5.95 -39.33
C ARG F 27 -13.50 7.21 -38.90
N ILE F 28 -13.11 7.26 -37.63
CA ILE F 28 -12.36 8.36 -37.05
C ILE F 28 -11.50 7.79 -35.94
N ILE F 29 -10.40 8.46 -35.66
CA ILE F 29 -9.45 8.06 -34.64
C ILE F 29 -9.19 9.25 -33.73
N MET F 30 -8.71 8.99 -32.53
CA MET F 30 -8.28 10.01 -31.60
C MET F 30 -6.90 9.67 -31.05
N LEU F 31 -6.18 10.72 -30.68
CA LEU F 31 -4.79 10.63 -30.28
C LEU F 31 -4.55 11.80 -29.33
N GLY F 32 -4.65 11.54 -28.02
CA GLY F 32 -4.80 12.65 -27.10
C GLY F 32 -4.02 12.67 -25.81
N SER F 33 -3.45 11.55 -25.39
CA SER F 33 -2.92 11.49 -24.03
C SER F 33 -1.44 11.82 -23.98
N ALA F 34 -0.64 11.00 -24.65
CA ALA F 34 0.82 11.06 -24.56
C ALA F 34 1.31 10.02 -25.54
N ILE F 35 2.60 9.73 -25.54
CA ILE F 35 3.20 8.83 -26.50
C ILE F 35 4.16 7.90 -25.78
N ASP F 36 3.85 6.60 -25.81
CA ASP F 36 4.72 5.54 -25.32
C ASP F 36 4.79 4.43 -26.35
N ASP F 37 5.35 3.29 -25.97
CA ASP F 37 5.28 2.10 -26.81
C ASP F 37 3.91 1.44 -26.72
N ASN F 38 3.23 1.60 -25.58
CA ASN F 38 1.95 0.91 -25.38
C ASN F 38 0.93 1.38 -26.41
N VAL F 39 0.70 2.68 -26.46
CA VAL F 39 -0.23 3.25 -27.42
C VAL F 39 0.27 3.02 -28.83
N ALA F 40 1.59 3.02 -29.01
CA ALA F 40 2.17 2.88 -30.33
C ALA F 40 1.72 1.60 -30.99
N ASN F 41 1.51 0.56 -30.19
CA ASN F 41 1.04 -0.71 -30.73
C ASN F 41 -0.46 -0.66 -30.97
N SER F 42 -1.16 0.24 -30.29
CA SER F 42 -2.60 0.30 -30.46
C SER F 42 -2.96 0.99 -31.76
N ILE F 43 -2.29 2.09 -32.07
CA ILE F 43 -2.69 2.91 -33.20
C ILE F 43 -2.53 2.14 -34.50
N VAL F 44 -1.37 1.52 -34.64
CA VAL F 44 -1.03 0.72 -35.81
C VAL F 44 -2.12 -0.28 -36.12
N SER F 45 -2.68 -0.89 -35.08
CA SER F 45 -3.69 -1.91 -35.28
C SER F 45 -4.97 -1.31 -35.81
N GLN F 46 -5.36 -0.15 -35.29
CA GLN F 46 -6.56 0.52 -35.78
C GLN F 46 -6.38 0.89 -37.24
N LEU F 47 -5.19 1.34 -37.58
CA LEU F 47 -4.86 1.64 -38.96
C LEU F 47 -4.92 0.39 -39.80
N LEU F 48 -4.61 -0.75 -39.19
CA LEU F 48 -4.67 -2.02 -39.87
C LEU F 48 -6.08 -2.59 -39.89
N PHE F 49 -6.92 -2.18 -38.93
CA PHE F 49 -8.32 -2.53 -38.95
C PHE F 49 -8.98 -2.06 -40.24
N LEU F 50 -8.90 -0.78 -40.54
CA LEU F 50 -9.53 -0.21 -41.73
C LEU F 50 -9.00 -0.80 -43.01
N ALA F 51 -7.74 -1.25 -43.00
CA ALA F 51 -7.06 -1.66 -44.21
C ALA F 51 -7.77 -2.81 -44.90
N ALA F 52 -7.88 -3.94 -44.19
CA ALA F 52 -8.53 -5.12 -44.72
C ALA F 52 -10.05 -5.03 -44.65
N GLU F 53 -10.60 -3.89 -44.21
CA GLU F 53 -12.04 -3.69 -44.23
C GLU F 53 -12.52 -2.97 -45.48
N ASP F 54 -11.67 -2.15 -46.09
CA ASP F 54 -12.06 -1.38 -47.24
C ASP F 54 -10.80 -0.83 -47.88
N PRO F 55 -10.73 -0.68 -49.22
CA PRO F 55 -9.50 -0.11 -49.82
C PRO F 55 -9.53 1.39 -49.97
N GLU F 56 -10.77 1.87 -49.86
CA GLU F 56 -11.25 3.26 -49.98
C GLU F 56 -12.15 3.56 -48.78
N LYS F 57 -11.63 4.29 -47.80
CA LYS F 57 -12.38 4.83 -46.63
C LYS F 57 -11.48 5.90 -46.01
N GLU F 58 -11.12 6.91 -46.84
CA GLU F 58 -10.25 8.08 -46.55
C GLU F 58 -10.43 8.45 -45.10
N ILE F 59 -9.43 8.29 -44.25
CA ILE F 59 -9.67 8.51 -42.83
C ILE F 59 -9.17 9.89 -42.46
N SER F 60 -9.43 10.26 -41.24
CA SER F 60 -8.96 11.48 -40.64
C SER F 60 -8.21 11.14 -39.38
N LEU F 61 -7.71 12.18 -38.72
CA LEU F 61 -6.96 11.96 -37.50
C LEU F 61 -6.84 13.27 -36.71
N TYR F 62 -7.42 13.27 -35.53
CA TYR F 62 -7.43 14.41 -34.63
C TYR F 62 -6.37 14.19 -33.56
N ILE F 63 -5.84 15.30 -33.05
CA ILE F 63 -4.62 15.28 -32.25
C ILE F 63 -4.76 16.24 -31.09
N ASN F 64 -4.21 15.86 -29.94
CA ASN F 64 -3.93 16.81 -28.87
C ASN F 64 -2.83 16.19 -28.01
N SER F 65 -1.58 16.59 -28.26
CA SER F 65 -0.43 15.89 -27.72
C SER F 65 0.39 16.75 -26.78
N PRO F 66 1.12 16.12 -25.85
CA PRO F 66 2.21 16.82 -25.17
C PRO F 66 3.58 16.59 -25.78
N GLY F 67 3.73 15.59 -26.63
CA GLY F 67 5.03 15.18 -27.11
C GLY F 67 5.16 13.68 -27.16
N GLY F 68 6.41 13.22 -27.22
CA GLY F 68 6.65 11.79 -27.28
C GLY F 68 8.11 11.45 -27.47
N SER F 69 8.35 10.16 -27.70
CA SER F 69 9.68 9.66 -27.99
C SER F 69 9.95 9.77 -29.49
N ILE F 70 11.03 9.14 -29.94
CA ILE F 70 11.52 9.28 -31.31
C ILE F 70 11.25 8.01 -32.10
N THR F 71 11.15 6.88 -31.40
CA THR F 71 11.02 5.61 -32.10
C THR F 71 9.69 5.51 -32.81
N ALA F 72 8.60 5.70 -32.08
CA ALA F 72 7.27 5.55 -32.64
C ALA F 72 7.00 6.55 -33.76
N GLY F 73 7.73 7.66 -33.77
CA GLY F 73 7.47 8.72 -34.72
C GLY F 73 7.59 8.24 -36.14
N MET F 74 8.79 7.80 -36.51
CA MET F 74 8.97 7.26 -37.84
C MET F 74 8.35 5.88 -37.95
N ALA F 75 8.05 5.24 -36.83
CA ALA F 75 7.35 3.97 -36.83
C ALA F 75 6.00 4.07 -37.51
N ILE F 76 5.37 5.23 -37.37
CA ILE F 76 4.03 5.42 -37.89
C ILE F 76 4.06 5.95 -39.31
N TYR F 77 5.00 6.85 -39.60
CA TYR F 77 5.00 7.55 -40.88
C TYR F 77 5.21 6.56 -42.01
N ASP F 78 6.01 5.53 -41.77
CA ASP F 78 6.14 4.47 -42.75
C ASP F 78 4.82 3.76 -42.97
N THR F 79 4.07 3.54 -41.89
CA THR F 79 2.82 2.81 -41.96
C THR F 79 1.81 3.59 -42.78
N MET F 80 1.74 4.89 -42.55
CA MET F 80 0.80 5.76 -43.25
C MET F 80 0.98 5.70 -44.75
N GLN F 81 2.17 5.34 -45.23
CA GLN F 81 2.42 5.26 -46.66
C GLN F 81 2.20 3.87 -47.21
N PHE F 82 2.26 2.84 -46.37
CA PHE F 82 2.00 1.48 -46.85
C PHE F 82 0.51 1.25 -47.11
N ILE F 83 -0.35 2.14 -46.62
CA ILE F 83 -1.79 1.94 -46.61
C ILE F 83 -2.48 2.92 -47.54
N LYS F 84 -1.95 3.03 -48.77
CA LYS F 84 -2.21 4.03 -49.82
C LYS F 84 -3.59 4.68 -49.82
N PRO F 85 -4.69 3.96 -49.47
CA PRO F 85 -5.89 4.65 -48.97
C PRO F 85 -5.57 5.86 -48.10
N LYS F 86 -6.09 7.02 -48.50
CA LYS F 86 -5.51 8.29 -48.12
C LYS F 86 -5.87 8.68 -46.69
N VAL F 87 -5.10 9.62 -46.16
CA VAL F 87 -5.16 10.02 -44.76
C VAL F 87 -5.20 11.53 -44.68
N SER F 88 -6.07 12.03 -43.80
CA SER F 88 -6.20 13.45 -43.53
C SER F 88 -5.88 13.70 -42.07
N THR F 89 -5.47 14.92 -41.76
CA THR F 89 -4.96 15.26 -40.45
C THR F 89 -5.42 16.64 -40.03
N ILE F 90 -5.66 16.76 -38.73
CA ILE F 90 -6.19 17.99 -38.13
C ILE F 90 -5.54 18.17 -36.78
N CYS F 91 -5.31 19.43 -36.40
CA CYS F 91 -4.69 19.79 -35.15
C CYS F 91 -5.65 20.54 -34.25
N ILE F 92 -5.31 20.55 -32.96
CA ILE F 92 -6.15 21.12 -31.92
C ILE F 92 -5.25 21.64 -30.81
N GLY F 93 -5.39 22.90 -30.50
CA GLY F 93 -4.72 23.47 -29.35
C GLY F 93 -3.22 23.44 -29.53
N MET F 94 -2.56 22.58 -28.75
CA MET F 94 -1.11 22.50 -28.73
C MET F 94 -0.72 21.33 -29.62
N ALA F 95 0.17 21.58 -30.56
CA ALA F 95 0.82 20.53 -31.34
C ALA F 95 2.26 20.46 -30.87
N ALA F 96 2.63 19.27 -30.42
CA ALA F 96 3.87 19.04 -29.72
C ALA F 96 5.05 18.92 -30.68
N SER F 97 6.13 18.33 -30.18
CA SER F 97 7.19 17.76 -30.98
C SER F 97 6.65 16.47 -31.61
N MET F 98 7.52 15.50 -31.91
CA MET F 98 7.37 14.50 -32.98
C MET F 98 5.96 14.05 -33.30
N GLY F 99 5.06 14.10 -32.32
CA GLY F 99 3.65 14.01 -32.60
C GLY F 99 3.18 14.95 -33.68
N ALA F 100 3.79 16.14 -33.75
CA ALA F 100 3.41 17.10 -34.77
C ALA F 100 4.05 16.80 -36.10
N PHE F 101 5.19 16.08 -36.10
CA PHE F 101 5.79 15.68 -37.36
C PHE F 101 4.83 14.83 -38.19
N LEU F 102 3.91 14.14 -37.50
CA LEU F 102 2.82 13.46 -38.18
C LEU F 102 2.01 14.43 -39.01
N LEU F 103 1.83 15.65 -38.52
CA LEU F 103 0.83 16.55 -39.06
C LEU F 103 1.03 16.88 -40.52
N ALA F 104 2.23 17.25 -40.93
CA ALA F 104 2.48 17.54 -42.33
C ALA F 104 2.70 16.27 -43.12
N ALA F 105 2.73 15.14 -42.45
CA ALA F 105 3.05 13.89 -43.12
C ALA F 105 1.88 13.34 -43.89
N GLY F 106 0.67 13.86 -43.68
CA GLY F 106 -0.45 13.42 -44.44
C GLY F 106 -0.44 13.98 -45.84
N GLU F 107 -1.55 13.83 -46.56
CA GLU F 107 -1.63 14.32 -47.91
C GLU F 107 -1.52 15.84 -47.91
N LYS F 108 -1.10 16.40 -49.04
CA LYS F 108 -0.72 17.80 -49.08
C LYS F 108 -1.89 18.76 -48.94
N GLY F 109 -3.06 18.40 -49.47
CA GLY F 109 -4.20 19.30 -49.48
C GLY F 109 -5.34 18.85 -48.59
N LYS F 110 -5.01 18.10 -47.54
CA LYS F 110 -5.98 17.62 -46.57
C LYS F 110 -5.42 17.75 -45.18
N ARG F 111 -4.76 18.87 -44.93
CA ARG F 111 -4.22 19.23 -43.63
C ARG F 111 -4.88 20.53 -43.19
N TYR F 112 -5.28 20.58 -41.92
CA TYR F 112 -6.08 21.68 -41.45
C TYR F 112 -5.78 21.91 -39.98
N ALA F 113 -6.19 23.06 -39.49
CA ALA F 113 -5.98 23.43 -38.11
C ALA F 113 -7.01 24.49 -37.73
N LEU F 114 -6.81 25.10 -36.57
CA LEU F 114 -7.81 25.96 -35.94
C LEU F 114 -7.18 27.27 -35.50
N PRO F 115 -7.97 28.33 -35.42
CA PRO F 115 -7.40 29.64 -35.08
C PRO F 115 -7.30 29.90 -33.58
N ASN F 116 -6.89 28.90 -32.83
CA ASN F 116 -6.53 29.08 -31.43
C ASN F 116 -5.35 28.19 -31.06
N SER F 117 -4.64 27.68 -32.05
CA SER F 117 -3.78 26.53 -31.87
C SER F 117 -2.32 26.93 -31.93
N GLU F 118 -1.54 26.24 -31.10
CA GLU F 118 -0.10 26.36 -31.07
C GLU F 118 0.50 25.11 -31.68
N VAL F 119 1.69 25.28 -32.24
CA VAL F 119 2.44 24.16 -32.76
C VAL F 119 3.91 24.46 -32.55
N MET F 120 4.56 23.65 -31.73
CA MET F 120 5.90 23.88 -31.23
C MET F 120 6.80 22.74 -31.64
N ILE F 121 8.04 23.07 -31.99
CA ILE F 121 8.96 22.13 -32.64
C ILE F 121 10.28 22.14 -31.89
N HIS F 122 10.67 21.00 -31.35
CA HIS F 122 12.04 20.76 -30.93
C HIS F 122 12.22 19.24 -30.88
N GLN F 123 13.28 18.80 -30.22
CA GLN F 123 13.47 17.38 -29.99
C GLN F 123 12.26 16.81 -29.24
N ALA F 138 22.84 2.45 -28.47
CA ALA F 138 21.70 3.35 -28.63
C ALA F 138 22.16 4.79 -28.72
N ALA F 139 23.34 4.99 -29.30
CA ALA F 139 23.89 6.31 -29.55
C ALA F 139 24.15 6.58 -31.02
N LYS F 140 24.91 5.72 -31.68
CA LYS F 140 25.18 5.89 -33.10
C LYS F 140 23.90 5.84 -33.90
N ARG F 141 22.85 5.21 -33.36
CA ARG F 141 21.59 5.12 -34.06
C ARG F 141 20.88 6.47 -34.07
N ILE F 142 20.62 7.02 -32.89
CA ILE F 142 19.68 8.12 -32.76
C ILE F 142 20.16 9.35 -33.50
N LEU F 143 21.47 9.49 -33.66
CA LEU F 143 21.99 10.67 -34.35
C LEU F 143 21.59 10.67 -35.82
N LEU F 144 21.15 9.53 -36.34
CA LEU F 144 20.75 9.46 -37.74
C LEU F 144 19.32 9.94 -37.93
N LEU F 145 18.44 9.60 -37.00
CA LEU F 145 17.03 9.93 -37.17
C LEU F 145 16.81 11.43 -37.17
N ARG F 146 17.54 12.14 -36.31
CA ARG F 146 17.40 13.59 -36.27
C ARG F 146 17.93 14.24 -37.54
N ASP F 147 18.71 13.49 -38.33
CA ASP F 147 19.03 13.91 -39.69
C ASP F 147 17.97 13.41 -40.67
N LYS F 148 17.60 12.14 -40.56
CA LYS F 148 16.55 11.60 -41.40
C LYS F 148 15.24 12.35 -41.20
N LEU F 149 15.00 12.84 -40.00
CA LEU F 149 13.78 13.58 -39.72
C LEU F 149 13.78 14.90 -40.48
N ASN F 150 14.81 15.70 -40.27
CA ASN F 150 14.93 16.97 -40.98
C ASN F 150 15.03 16.75 -42.48
N LYS F 151 15.56 15.60 -42.90
CA LYS F 151 15.62 15.28 -44.32
C LYS F 151 14.23 15.29 -44.93
N VAL F 152 13.26 14.76 -44.21
CA VAL F 152 11.89 14.74 -44.69
C VAL F 152 11.31 16.14 -44.70
N LEU F 153 11.21 16.72 -43.51
CA LEU F 153 10.32 17.82 -43.25
C LEU F 153 10.74 19.08 -43.99
N ALA F 154 12.01 19.15 -44.39
CA ALA F 154 12.50 20.25 -45.20
C ALA F 154 12.21 20.06 -46.69
N GLU F 155 11.85 18.85 -47.10
CA GLU F 155 11.51 18.58 -48.49
C GLU F 155 10.05 18.83 -48.81
N ARG F 156 9.20 18.86 -47.79
CA ARG F 156 7.80 19.17 -48.00
C ARG F 156 7.57 20.57 -48.50
N THR F 157 8.48 21.50 -48.19
CA THR F 157 8.34 22.91 -48.53
C THR F 157 9.46 23.36 -49.45
N GLY F 158 10.70 23.11 -49.06
CA GLY F 158 11.89 23.48 -49.81
C GLY F 158 12.86 24.31 -48.99
N GLN F 159 12.63 24.43 -47.69
CA GLN F 159 13.53 25.09 -46.77
C GLN F 159 14.87 24.36 -46.73
N PRO F 160 15.98 25.07 -46.44
CA PRO F 160 17.25 24.35 -46.21
C PRO F 160 17.27 23.59 -44.90
N LEU F 161 18.42 23.03 -44.55
CA LEU F 161 18.61 22.41 -43.24
C LEU F 161 19.03 23.43 -42.19
N GLU F 162 20.01 24.28 -42.51
CA GLU F 162 20.58 25.16 -41.49
C GLU F 162 19.53 26.12 -40.95
N VAL F 163 18.52 26.43 -41.75
CA VAL F 163 17.35 27.14 -41.25
C VAL F 163 16.64 26.34 -40.18
N ILE F 164 16.74 25.01 -40.25
CA ILE F 164 16.05 24.15 -39.29
C ILE F 164 16.81 24.13 -37.97
N GLU F 165 18.12 23.93 -38.03
CA GLU F 165 18.93 23.83 -36.83
C GLU F 165 19.04 25.14 -36.07
N ARG F 166 18.59 26.25 -36.66
CA ARG F 166 18.32 27.43 -35.85
C ARG F 166 16.99 27.31 -35.14
N ASP F 167 16.04 26.62 -35.75
CA ASP F 167 14.68 26.57 -35.25
C ASP F 167 14.42 25.36 -34.37
N THR F 168 15.05 24.23 -34.69
CA THR F 168 14.73 22.99 -33.99
C THR F 168 15.42 22.88 -32.65
N ASP F 169 16.64 23.37 -32.52
CA ASP F 169 17.32 23.39 -31.24
C ASP F 169 16.71 24.37 -30.26
N ARG F 170 16.03 25.41 -30.75
CA ARG F 170 15.47 26.44 -29.89
C ARG F 170 14.04 26.08 -29.55
N ASP F 171 13.32 27.03 -28.94
CA ASP F 171 11.94 26.84 -28.53
C ASP F 171 11.23 28.16 -28.72
N ASN F 172 10.23 28.18 -29.59
CA ASN F 172 9.50 29.40 -29.87
C ASN F 172 8.10 29.03 -30.34
N PHE F 173 7.11 29.29 -29.49
CA PHE F 173 5.75 28.93 -29.81
C PHE F 173 5.24 29.78 -30.95
N LYS F 174 4.79 29.12 -32.00
CA LYS F 174 4.19 29.74 -33.16
C LYS F 174 2.68 29.52 -33.07
N SER F 175 1.98 29.83 -34.15
CA SER F 175 0.53 29.81 -34.12
C SER F 175 0.02 29.38 -35.48
N ALA F 176 -1.27 29.61 -35.72
CA ALA F 176 -1.88 29.25 -36.98
C ALA F 176 -1.16 29.90 -38.15
N GLU F 177 -1.21 31.23 -38.21
CA GLU F 177 -0.79 31.92 -39.42
C GLU F 177 0.72 31.90 -39.58
N GLU F 178 1.44 32.27 -38.52
CA GLU F 178 2.89 32.39 -38.62
C GLU F 178 3.56 31.06 -38.87
N ALA F 179 2.92 29.96 -38.47
CA ALA F 179 3.49 28.65 -38.76
C ALA F 179 3.21 28.22 -40.18
N LEU F 180 2.16 28.76 -40.79
CA LEU F 180 1.87 28.44 -42.18
C LEU F 180 3.04 28.80 -43.09
N GLU F 181 3.74 29.89 -42.80
CA GLU F 181 4.78 30.37 -43.70
C GLU F 181 5.94 29.39 -43.78
N TYR F 182 6.21 28.68 -42.68
CA TYR F 182 7.22 27.62 -42.73
C TYR F 182 6.81 26.55 -43.72
N GLY F 183 5.50 26.34 -43.89
CA GLY F 183 4.99 25.50 -44.95
C GLY F 183 4.44 24.17 -44.47
N LEU F 184 3.92 24.16 -43.24
CA LEU F 184 3.31 22.97 -42.70
C LEU F 184 1.92 22.75 -43.27
N ILE F 185 1.14 23.82 -43.34
CA ILE F 185 -0.29 23.78 -43.60
C ILE F 185 -0.55 24.20 -45.04
N ASP F 186 -1.70 23.76 -45.54
CA ASP F 186 -2.12 24.07 -46.90
C ASP F 186 -3.36 24.96 -46.93
N LYS F 187 -4.18 24.94 -45.88
CA LYS F 187 -5.42 25.69 -45.88
C LYS F 187 -5.96 25.71 -44.47
N ILE F 188 -7.09 26.39 -44.30
CA ILE F 188 -7.78 26.46 -43.03
C ILE F 188 -9.16 27.03 -43.29
N LEU F 189 -10.12 26.66 -42.45
CA LEU F 189 -11.50 27.10 -42.57
C LEU F 189 -11.68 28.53 -42.07
N ILE G 19 -11.83 -5.60 -29.62
CA ILE G 19 -11.01 -5.26 -30.78
C ILE G 19 -10.40 -6.49 -31.42
N TYR G 20 -9.68 -7.27 -30.62
CA TYR G 20 -9.01 -8.45 -31.12
C TYR G 20 -9.95 -9.47 -31.72
N SER G 21 -11.21 -9.47 -31.27
CA SER G 21 -12.19 -10.40 -31.82
C SER G 21 -12.34 -10.21 -33.32
N ARG G 22 -12.21 -8.98 -33.79
CA ARG G 22 -12.37 -8.71 -35.21
C ARG G 22 -11.08 -8.98 -35.96
N LEU G 23 -9.95 -8.79 -35.28
CA LEU G 23 -8.65 -9.05 -35.90
C LEU G 23 -8.57 -10.48 -36.42
N LEU G 24 -8.95 -11.42 -35.58
CA LEU G 24 -8.75 -12.82 -35.92
C LEU G 24 -9.72 -13.28 -36.98
N LYS G 25 -10.78 -12.51 -37.23
CA LYS G 25 -11.69 -12.84 -38.31
C LYS G 25 -11.07 -12.58 -39.66
N ASP G 26 -9.96 -11.84 -39.62
CA ASP G 26 -9.17 -11.49 -40.83
C ASP G 26 -7.92 -12.36 -40.82
N ARG G 27 -7.52 -12.86 -39.67
CA ARG G 27 -6.38 -13.76 -39.73
C ARG G 27 -5.04 -13.06 -39.49
N ILE G 28 -4.95 -12.26 -38.43
CA ILE G 28 -3.72 -11.51 -38.16
C ILE G 28 -3.47 -11.49 -36.67
N ILE G 29 -2.19 -11.45 -36.30
CA ILE G 29 -1.71 -11.50 -34.93
C ILE G 29 -0.83 -10.28 -34.69
N MET G 30 -0.69 -9.91 -33.42
CA MET G 30 0.23 -8.87 -32.99
C MET G 30 1.11 -9.39 -31.88
N LEU G 31 2.30 -8.82 -31.80
CA LEU G 31 3.33 -9.21 -30.84
C LEU G 31 4.26 -8.01 -30.70
N GLY G 32 4.13 -7.27 -29.60
CA GLY G 32 4.88 -6.03 -29.50
C GLY G 32 5.37 -5.58 -28.14
N SER G 33 5.09 -6.33 -27.09
CA SER G 33 5.35 -5.82 -25.75
C SER G 33 6.73 -6.25 -25.24
N ALA G 34 6.89 -7.55 -25.05
CA ALA G 34 8.06 -8.14 -24.41
C ALA G 34 7.83 -9.64 -24.46
N ILE G 35 8.73 -10.42 -23.89
CA ILE G 35 8.70 -11.86 -24.05
C ILE G 35 8.99 -12.52 -22.70
N ASP G 36 7.97 -13.16 -22.15
CA ASP G 36 8.06 -14.03 -20.98
C ASP G 36 7.44 -15.39 -21.32
N ASP G 37 7.30 -16.21 -20.29
CA ASP G 37 6.55 -17.45 -20.44
C ASP G 37 5.05 -17.19 -20.52
N ASN G 38 4.60 -16.13 -19.87
CA ASN G 38 3.17 -15.89 -19.74
C ASN G 38 2.56 -15.58 -21.10
N VAL G 39 3.15 -14.61 -21.80
CA VAL G 39 2.68 -14.26 -23.13
C VAL G 39 3.00 -15.38 -24.10
N ALA G 40 4.11 -16.06 -23.88
CA ALA G 40 4.48 -17.20 -24.72
C ALA G 40 3.40 -18.25 -24.69
N ASN G 41 2.78 -18.45 -23.53
CA ASN G 41 1.68 -19.38 -23.41
C ASN G 41 0.49 -18.93 -24.25
N SER G 42 0.41 -17.64 -24.55
CA SER G 42 -0.77 -17.13 -25.24
C SER G 42 -0.68 -17.36 -26.74
N ILE G 43 0.50 -17.16 -27.31
CA ILE G 43 0.64 -17.10 -28.75
C ILE G 43 0.34 -18.47 -29.35
N VAL G 44 0.97 -19.49 -28.77
CA VAL G 44 0.75 -20.88 -29.13
C VAL G 44 -0.72 -21.18 -29.28
N SER G 45 -1.54 -20.69 -28.36
CA SER G 45 -2.95 -21.00 -28.39
C SER G 45 -3.61 -20.35 -29.59
N GLN G 46 -3.25 -19.11 -29.87
CA GLN G 46 -3.78 -18.43 -31.04
C GLN G 46 -3.37 -19.16 -32.30
N LEU G 47 -2.11 -19.58 -32.35
CA LEU G 47 -1.62 -20.37 -33.46
C LEU G 47 -2.37 -21.68 -33.57
N LEU G 48 -2.78 -22.20 -32.43
CA LEU G 48 -3.51 -23.46 -32.42
C LEU G 48 -4.97 -23.25 -32.72
N PHE G 49 -5.49 -22.06 -32.43
CA PHE G 49 -6.89 -21.78 -32.69
C PHE G 49 -7.15 -21.87 -34.18
N LEU G 50 -6.49 -21.02 -34.98
CA LEU G 50 -6.71 -21.01 -36.41
C LEU G 50 -6.34 -22.33 -37.05
N ALA G 51 -5.42 -23.05 -36.45
CA ALA G 51 -4.94 -24.30 -37.03
C ALA G 51 -6.09 -25.28 -37.21
N ALA G 52 -7.05 -25.28 -36.29
CA ALA G 52 -8.18 -26.19 -36.36
C ALA G 52 -9.34 -25.57 -37.13
N GLU G 53 -9.29 -24.26 -37.40
CA GLU G 53 -10.37 -23.63 -38.16
C GLU G 53 -10.21 -23.90 -39.65
N ASP G 54 -8.98 -23.93 -40.14
CA ASP G 54 -8.76 -24.05 -41.57
C ASP G 54 -7.28 -24.34 -41.81
N PRO G 55 -6.93 -25.11 -42.88
CA PRO G 55 -5.51 -25.28 -43.23
C PRO G 55 -5.01 -24.41 -44.38
N GLU G 56 -5.91 -23.80 -45.15
CA GLU G 56 -5.54 -23.08 -46.38
C GLU G 56 -5.54 -21.58 -46.16
N LYS G 57 -5.05 -21.18 -44.99
CA LYS G 57 -5.22 -19.83 -44.47
C LYS G 57 -3.87 -19.30 -43.99
N GLU G 58 -2.90 -19.28 -44.92
CA GLU G 58 -1.58 -18.73 -44.67
C GLU G 58 -1.65 -17.39 -43.97
N ILE G 59 -1.13 -17.33 -42.75
CA ILE G 59 -1.32 -16.19 -41.89
C ILE G 59 -0.10 -15.29 -41.96
N SER G 60 -0.25 -14.12 -41.39
CA SER G 60 0.81 -13.14 -41.27
C SER G 60 1.18 -12.97 -39.81
N LEU G 61 2.15 -12.11 -39.56
CA LEU G 61 2.60 -11.86 -38.21
C LEU G 61 3.45 -10.60 -38.18
N TYR G 62 3.07 -9.67 -37.31
CA TYR G 62 3.74 -8.40 -37.16
C TYR G 62 4.43 -8.36 -35.82
N ILE G 63 5.46 -7.52 -35.73
CA ILE G 63 6.40 -7.53 -34.62
C ILE G 63 6.78 -6.10 -34.27
N ASN G 64 6.95 -5.84 -32.97
CA ASN G 64 7.71 -4.68 -32.53
C ASN G 64 8.31 -5.02 -31.16
N SER G 65 9.52 -5.58 -31.18
CA SER G 65 10.05 -6.32 -30.04
C SER G 65 11.22 -5.60 -29.38
N PRO G 66 11.33 -5.68 -28.04
CA PRO G 66 12.56 -5.25 -27.38
C PRO G 66 13.57 -6.37 -27.19
N GLY G 67 13.11 -7.60 -27.23
CA GLY G 67 13.93 -8.74 -26.87
C GLY G 67 13.12 -9.78 -26.13
N GLY G 68 13.85 -10.70 -25.50
CA GLY G 68 13.20 -11.76 -24.77
C GLY G 68 14.18 -12.71 -24.13
N SER G 69 13.63 -13.79 -23.57
CA SER G 69 14.42 -14.88 -23.03
C SER G 69 14.84 -15.80 -24.15
N ILE G 70 15.34 -16.98 -23.77
CA ILE G 70 15.85 -17.97 -24.70
C ILE G 70 14.95 -19.19 -24.75
N THR G 71 14.27 -19.50 -23.66
CA THR G 71 13.54 -20.75 -23.56
C THR G 71 12.34 -20.77 -24.49
N ALA G 72 11.68 -19.63 -24.68
CA ALA G 72 10.57 -19.56 -25.59
C ALA G 72 11.02 -19.41 -27.03
N GLY G 73 12.30 -19.11 -27.25
CA GLY G 73 12.78 -18.92 -28.60
C GLY G 73 12.59 -20.14 -29.45
N MET G 74 13.08 -21.28 -28.99
CA MET G 74 12.79 -22.56 -29.61
C MET G 74 11.61 -23.21 -28.92
N ALA G 75 10.53 -22.42 -28.78
CA ALA G 75 9.24 -22.88 -28.36
C ALA G 75 8.16 -22.59 -29.38
N ILE G 76 8.52 -21.98 -30.50
CA ILE G 76 7.58 -21.47 -31.48
C ILE G 76 8.00 -21.96 -32.85
N TYR G 77 9.29 -21.79 -33.16
CA TYR G 77 9.84 -22.31 -34.39
C TYR G 77 9.62 -23.81 -34.49
N ASP G 78 9.61 -24.49 -33.34
CA ASP G 78 9.17 -25.87 -33.29
C ASP G 78 7.79 -26.03 -33.91
N THR G 79 6.87 -25.14 -33.56
CA THR G 79 5.50 -25.27 -34.01
C THR G 79 5.34 -24.79 -35.44
N MET G 80 5.83 -23.58 -35.72
CA MET G 80 5.72 -22.94 -37.02
C MET G 80 6.21 -23.80 -38.16
N GLN G 81 7.15 -24.71 -37.90
CA GLN G 81 7.63 -25.61 -38.94
C GLN G 81 6.64 -26.72 -39.25
N PHE G 82 5.78 -27.08 -38.31
CA PHE G 82 4.99 -28.30 -38.44
C PHE G 82 3.78 -28.10 -39.35
N ILE G 83 2.90 -27.17 -39.00
CA ILE G 83 1.51 -27.23 -39.42
C ILE G 83 1.37 -27.17 -40.94
N LYS G 84 0.21 -27.60 -41.42
CA LYS G 84 -0.08 -27.57 -42.85
C LYS G 84 -0.02 -26.16 -43.45
N PRO G 85 -0.57 -25.11 -42.82
CA PRO G 85 -0.43 -23.77 -43.38
C PRO G 85 1.03 -23.31 -43.37
N LYS G 86 1.24 -22.11 -43.92
CA LYS G 86 2.54 -21.46 -43.90
C LYS G 86 2.41 -20.10 -43.27
N VAL G 87 3.54 -19.53 -42.88
CA VAL G 87 3.59 -18.33 -42.05
C VAL G 87 4.55 -17.32 -42.67
N SER G 88 4.00 -16.18 -43.06
CA SER G 88 4.77 -15.01 -43.43
C SER G 88 4.97 -14.16 -42.18
N THR G 89 5.88 -13.20 -42.29
CA THR G 89 6.20 -12.39 -41.12
C THR G 89 6.85 -11.09 -41.58
N ILE G 90 6.67 -10.07 -40.75
CA ILE G 90 7.03 -8.70 -41.08
C ILE G 90 7.58 -8.04 -39.82
N CYS G 91 8.54 -7.15 -40.02
CA CYS G 91 9.18 -6.40 -38.94
C CYS G 91 8.78 -4.93 -39.00
N ILE G 92 8.86 -4.29 -37.84
CA ILE G 92 8.58 -2.87 -37.66
C ILE G 92 9.58 -2.31 -36.67
N GLY G 93 10.23 -1.22 -37.04
CA GLY G 93 11.06 -0.47 -36.12
C GLY G 93 12.24 -1.25 -35.58
N MET G 94 12.16 -1.62 -34.32
CA MET G 94 13.25 -2.32 -33.65
C MET G 94 12.88 -3.79 -33.55
N ALA G 95 13.75 -4.65 -34.09
CA ALA G 95 13.61 -6.09 -33.97
C ALA G 95 14.85 -6.62 -33.28
N ALA G 96 14.63 -7.35 -32.21
CA ALA G 96 15.70 -7.73 -31.29
C ALA G 96 16.24 -9.11 -31.67
N SER G 97 17.10 -9.66 -30.81
CA SER G 97 17.66 -10.99 -31.00
C SER G 97 16.60 -12.05 -31.24
N MET G 98 15.59 -12.09 -30.37
CA MET G 98 14.61 -13.16 -30.44
C MET G 98 13.71 -13.01 -31.66
N GLY G 99 13.14 -11.84 -31.85
CA GLY G 99 12.26 -11.63 -33.00
C GLY G 99 12.99 -11.83 -34.31
N ALA G 100 14.28 -11.54 -34.32
CA ALA G 100 15.10 -11.79 -35.49
C ALA G 100 15.10 -13.26 -35.86
N PHE G 101 15.39 -14.12 -34.88
CA PHE G 101 15.29 -15.55 -35.13
C PHE G 101 13.90 -15.95 -35.57
N LEU G 102 12.88 -15.22 -35.13
CA LEU G 102 11.53 -15.47 -35.61
C LEU G 102 11.31 -14.90 -36.99
N LEU G 103 11.98 -13.80 -37.32
CA LEU G 103 11.80 -13.19 -38.63
C LEU G 103 12.23 -14.14 -39.73
N ALA G 104 13.49 -14.53 -39.75
CA ALA G 104 13.98 -15.43 -40.79
C ALA G 104 13.67 -16.87 -40.43
N ALA G 105 12.39 -17.13 -40.29
CA ALA G 105 11.89 -18.40 -39.80
C ALA G 105 10.66 -18.89 -40.54
N GLY G 106 9.96 -18.02 -41.25
CA GLY G 106 8.81 -18.43 -42.02
C GLY G 106 9.20 -18.92 -43.40
N GLU G 107 8.38 -18.62 -44.38
CA GLU G 107 8.61 -19.07 -45.74
C GLU G 107 9.81 -18.35 -46.34
N LYS G 108 10.37 -18.94 -47.40
CA LYS G 108 11.53 -18.36 -48.05
C LYS G 108 11.26 -16.95 -48.54
N GLY G 109 10.16 -16.73 -49.27
CA GLY G 109 9.94 -15.50 -50.00
C GLY G 109 8.77 -14.68 -49.50
N LYS G 110 8.54 -14.70 -48.19
CA LYS G 110 7.45 -13.97 -47.57
C LYS G 110 7.90 -13.33 -46.27
N ARG G 111 9.07 -12.69 -46.33
CA ARG G 111 9.71 -12.11 -45.15
C ARG G 111 10.09 -10.66 -45.50
N TYR G 112 9.11 -9.78 -45.36
CA TYR G 112 9.27 -8.38 -45.73
C TYR G 112 9.59 -7.53 -44.53
N ALA G 113 9.92 -6.27 -44.80
CA ALA G 113 10.24 -5.31 -43.75
C ALA G 113 10.08 -3.91 -44.32
N LEU G 114 10.56 -2.92 -43.57
CA LEU G 114 10.32 -1.52 -43.83
C LEU G 114 11.61 -0.72 -43.86
N PRO G 115 11.63 0.43 -44.53
CA PRO G 115 12.86 1.21 -44.62
C PRO G 115 13.08 2.18 -43.47
N ASN G 116 12.77 1.73 -42.27
CA ASN G 116 13.14 2.46 -41.06
C ASN G 116 13.47 1.50 -39.93
N SER G 117 13.75 0.25 -40.26
CA SER G 117 13.63 -0.84 -39.32
C SER G 117 15.00 -1.18 -38.75
N GLU G 118 15.18 -0.86 -37.48
CA GLU G 118 16.35 -1.33 -36.77
C GLU G 118 16.21 -2.83 -36.53
N VAL G 119 17.23 -3.58 -36.92
CA VAL G 119 17.30 -5.00 -36.63
C VAL G 119 18.72 -5.30 -36.20
N MET G 120 18.84 -6.12 -35.16
CA MET G 120 20.14 -6.50 -34.63
C MET G 120 20.03 -7.92 -34.13
N ILE G 121 21.17 -8.47 -33.71
CA ILE G 121 21.26 -9.89 -33.42
C ILE G 121 22.31 -10.12 -32.36
N HIS G 122 21.92 -10.86 -31.32
CA HIS G 122 22.69 -11.00 -30.10
C HIS G 122 22.09 -12.15 -29.32
N GLN G 123 22.45 -12.28 -28.05
CA GLN G 123 21.89 -13.34 -27.23
C GLN G 123 20.41 -13.13 -27.01
N ALA G 138 20.21 -26.40 -15.49
CA ALA G 138 19.95 -25.18 -16.24
C ALA G 138 21.18 -24.82 -17.05
N ALA G 139 22.29 -24.66 -16.34
CA ALA G 139 23.54 -24.24 -16.93
C ALA G 139 24.13 -25.28 -17.86
N LYS G 140 23.86 -26.55 -17.64
CA LYS G 140 24.41 -27.60 -18.49
C LYS G 140 23.65 -27.76 -19.78
N ARG G 141 22.63 -26.93 -20.03
CA ARG G 141 21.72 -27.11 -21.15
C ARG G 141 21.68 -25.87 -22.03
N ILE G 142 21.66 -24.70 -21.39
CA ILE G 142 21.57 -23.45 -22.15
C ILE G 142 22.79 -23.28 -23.04
N LEU G 143 23.93 -23.80 -22.60
CA LEU G 143 25.13 -23.71 -23.43
C LEU G 143 25.00 -24.53 -24.71
N LEU G 144 24.01 -25.41 -24.77
CA LEU G 144 23.81 -26.22 -25.97
C LEU G 144 22.98 -25.47 -27.01
N LEU G 145 22.09 -24.58 -26.59
CA LEU G 145 21.17 -23.97 -27.54
C LEU G 145 21.87 -23.00 -28.47
N ARG G 146 22.61 -22.02 -27.92
CA ARG G 146 23.24 -21.01 -28.76
C ARG G 146 24.31 -21.58 -29.68
N ASP G 147 24.59 -22.88 -29.62
CA ASP G 147 25.24 -23.57 -30.72
C ASP G 147 24.20 -24.16 -31.66
N LYS G 148 23.05 -24.57 -31.12
CA LYS G 148 21.95 -25.03 -31.96
C LYS G 148 21.33 -23.89 -32.75
N LEU G 149 21.21 -22.71 -32.14
CA LEU G 149 20.69 -21.55 -32.85
C LEU G 149 21.56 -21.22 -34.05
N ASN G 150 22.85 -20.99 -33.81
CA ASN G 150 23.77 -20.66 -34.88
C ASN G 150 23.83 -21.74 -35.94
N LYS G 151 23.46 -22.97 -35.60
CA LYS G 151 23.37 -24.02 -36.59
C LYS G 151 22.19 -23.80 -37.53
N VAL G 152 21.26 -22.92 -37.15
CA VAL G 152 20.10 -22.66 -37.99
C VAL G 152 20.44 -21.65 -39.08
N LEU G 153 20.76 -20.42 -38.68
CA LEU G 153 20.79 -19.31 -39.61
C LEU G 153 21.87 -19.47 -40.64
N ALA G 154 22.93 -20.22 -40.33
CA ALA G 154 23.93 -20.55 -41.32
C ALA G 154 23.32 -21.33 -42.48
N GLU G 155 22.21 -22.03 -42.25
CA GLU G 155 21.52 -22.74 -43.32
C GLU G 155 20.53 -21.84 -44.02
N ARG G 156 19.69 -21.14 -43.26
CA ARG G 156 18.71 -20.24 -43.85
C ARG G 156 19.38 -19.15 -44.66
N THR G 157 20.47 -18.60 -44.14
CA THR G 157 21.19 -17.50 -44.75
C THR G 157 22.21 -17.99 -45.78
N GLY G 158 22.70 -19.20 -45.62
CA GLY G 158 23.78 -19.71 -46.44
C GLY G 158 25.16 -19.36 -45.92
N GLN G 159 25.25 -18.32 -45.10
CA GLN G 159 26.49 -17.78 -44.57
C GLN G 159 27.29 -18.84 -43.83
N PRO G 160 28.61 -18.64 -43.66
CA PRO G 160 29.37 -19.57 -42.81
C PRO G 160 29.10 -19.37 -41.33
N LEU G 161 29.86 -20.08 -40.50
CA LEU G 161 29.55 -20.23 -39.08
C LEU G 161 30.41 -19.35 -38.18
N GLU G 162 31.73 -19.34 -38.39
CA GLU G 162 32.58 -18.54 -37.51
C GLU G 162 32.31 -17.06 -37.67
N VAL G 163 31.83 -16.65 -38.85
CA VAL G 163 31.38 -15.28 -39.03
C VAL G 163 30.25 -14.92 -38.08
N ILE G 164 29.50 -15.91 -37.60
CA ILE G 164 28.40 -15.64 -36.69
C ILE G 164 28.93 -15.20 -35.34
N GLU G 165 29.89 -15.94 -34.81
CA GLU G 165 30.27 -15.77 -33.41
C GLU G 165 30.96 -14.45 -33.15
N ARG G 166 31.66 -13.90 -34.13
CA ARG G 166 32.20 -12.56 -33.97
C ARG G 166 31.13 -11.49 -34.16
N ASP G 167 30.06 -11.81 -34.88
CA ASP G 167 28.93 -10.90 -35.04
C ASP G 167 27.89 -11.05 -33.96
N THR G 168 27.72 -12.23 -33.38
CA THR G 168 26.67 -12.44 -32.41
C THR G 168 27.08 -12.00 -31.01
N ASP G 169 28.35 -12.15 -30.66
CA ASP G 169 28.85 -11.67 -29.37
C ASP G 169 28.98 -10.16 -29.30
N ARG G 170 28.91 -9.46 -30.43
CA ARG G 170 29.09 -8.02 -30.47
C ARG G 170 27.74 -7.33 -30.69
N ASP G 171 27.78 -6.01 -30.83
CA ASP G 171 26.58 -5.18 -30.90
C ASP G 171 26.82 -4.14 -31.99
N ASN G 172 26.15 -4.32 -33.13
CA ASN G 172 26.29 -3.42 -34.26
C ASN G 172 24.92 -3.32 -34.93
N PHE G 173 24.19 -2.25 -34.60
CA PHE G 173 22.84 -2.11 -35.10
C PHE G 173 22.83 -1.87 -36.59
N LYS G 174 22.17 -2.77 -37.31
CA LYS G 174 22.06 -2.71 -38.75
C LYS G 174 20.65 -2.23 -39.10
N SER G 175 20.38 -2.19 -40.40
CA SER G 175 19.18 -1.57 -40.91
C SER G 175 18.56 -2.46 -41.96
N ALA G 176 17.63 -1.89 -42.72
CA ALA G 176 16.96 -2.61 -43.78
C ALA G 176 17.96 -3.20 -44.76
N GLU G 177 18.69 -2.35 -45.45
CA GLU G 177 19.43 -2.79 -46.63
C GLU G 177 20.64 -3.60 -46.24
N GLU G 178 21.48 -3.05 -45.37
CA GLU G 178 22.75 -3.69 -45.06
C GLU G 178 22.55 -5.02 -44.35
N ALA G 179 21.43 -5.19 -43.64
CA ALA G 179 21.14 -6.48 -43.05
C ALA G 179 20.66 -7.48 -44.08
N LEU G 180 20.19 -7.01 -45.23
CA LEU G 180 19.74 -7.92 -46.26
C LEU G 180 20.86 -8.84 -46.73
N GLU G 181 22.06 -8.31 -46.85
CA GLU G 181 23.15 -9.05 -47.48
C GLU G 181 23.48 -10.32 -46.69
N TYR G 182 23.25 -10.31 -45.38
CA TYR G 182 23.39 -11.52 -44.59
C TYR G 182 22.39 -12.57 -45.07
N GLY G 183 21.21 -12.13 -45.47
CA GLY G 183 20.21 -13.02 -46.04
C GLY G 183 19.07 -13.32 -45.09
N LEU G 184 18.85 -12.43 -44.13
CA LEU G 184 17.74 -12.58 -43.22
C LEU G 184 16.41 -12.54 -43.95
N ILE G 185 16.34 -11.76 -45.02
CA ILE G 185 15.08 -11.35 -45.60
C ILE G 185 15.23 -11.27 -47.11
N ASP G 186 14.15 -10.96 -47.80
CA ASP G 186 14.03 -11.25 -49.22
C ASP G 186 13.45 -10.13 -50.05
N LYS G 187 12.95 -9.06 -49.45
CA LYS G 187 12.24 -8.06 -50.23
C LYS G 187 11.86 -6.91 -49.32
N ILE G 188 11.41 -5.84 -49.97
CA ILE G 188 11.03 -4.61 -49.30
C ILE G 188 10.29 -3.75 -50.31
N LEU G 189 9.51 -2.79 -49.83
CA LEU G 189 8.68 -1.93 -50.68
C LEU G 189 9.03 -0.45 -50.54
N ILE H 19 23.12 -5.35 20.63
CA ILE H 19 23.87 -6.48 21.19
C ILE H 19 25.07 -6.85 20.34
N TYR H 20 24.90 -6.84 19.02
CA TYR H 20 26.00 -7.23 18.14
C TYR H 20 27.17 -6.28 18.28
N SER H 21 26.90 -5.02 18.57
CA SER H 21 27.97 -4.06 18.80
C SER H 21 28.87 -4.46 19.96
N ARG H 22 28.38 -5.30 20.88
CA ARG H 22 29.18 -5.82 21.97
C ARG H 22 29.88 -7.12 21.62
N LEU H 23 29.38 -7.82 20.61
CA LEU H 23 29.98 -9.09 20.24
C LEU H 23 31.38 -8.91 19.72
N LEU H 24 31.57 -7.95 18.82
CA LEU H 24 32.84 -7.77 18.14
C LEU H 24 33.99 -7.55 19.12
N LYS H 25 33.70 -7.01 20.29
CA LYS H 25 34.67 -6.89 21.35
C LYS H 25 35.03 -8.24 21.96
N ASP H 26 34.14 -9.22 21.87
CA ASP H 26 34.41 -10.60 22.30
C ASP H 26 34.40 -11.44 21.04
N ARG H 27 35.58 -11.64 20.45
CA ARG H 27 35.69 -11.91 19.02
C ARG H 27 34.86 -13.12 18.60
N ILE H 28 33.74 -12.85 17.95
CA ILE H 28 32.74 -13.85 17.64
C ILE H 28 31.90 -13.30 16.49
N ILE H 29 31.43 -14.19 15.63
CA ILE H 29 30.44 -13.88 14.61
C ILE H 29 29.29 -14.85 14.77
N MET H 30 28.11 -14.41 14.34
CA MET H 30 27.00 -15.29 14.07
C MET H 30 26.59 -15.11 12.61
N LEU H 31 26.10 -16.20 12.03
CA LEU H 31 25.79 -16.25 10.61
C LEU H 31 24.66 -17.26 10.45
N GLY H 32 23.42 -16.77 10.40
CA GLY H 32 22.27 -17.60 10.65
C GLY H 32 21.07 -17.45 9.74
N SER H 33 21.05 -16.44 8.88
CA SER H 33 19.85 -16.17 8.08
C SER H 33 19.93 -16.73 6.67
N ALA H 34 20.87 -16.25 5.88
CA ALA H 34 20.92 -16.57 4.47
C ALA H 34 22.21 -16.06 3.87
N ILE H 35 22.35 -16.18 2.55
CA ILE H 35 23.51 -15.69 1.85
C ILE H 35 23.02 -15.02 0.56
N ASP H 36 23.09 -13.69 0.53
CA ASP H 36 22.83 -12.88 -0.64
C ASP H 36 23.89 -11.79 -0.73
N ASP H 37 23.67 -10.82 -1.62
CA ASP H 37 24.67 -9.79 -1.87
C ASP H 37 24.86 -8.89 -0.66
N ASN H 38 23.76 -8.50 -0.01
CA ASN H 38 23.83 -7.50 1.03
C ASN H 38 24.63 -8.01 2.22
N VAL H 39 24.34 -9.24 2.64
CA VAL H 39 24.87 -9.75 3.89
C VAL H 39 26.36 -10.02 3.78
N ALA H 40 26.82 -10.40 2.60
CA ALA H 40 28.20 -10.83 2.43
C ALA H 40 29.17 -9.70 2.73
N ASN H 41 28.75 -8.47 2.46
CA ASN H 41 29.65 -7.34 2.62
C ASN H 41 29.84 -7.02 4.09
N SER H 42 28.85 -7.37 4.91
CA SER H 42 29.00 -7.22 6.34
C SER H 42 30.08 -8.14 6.87
N ILE H 43 30.21 -9.33 6.29
CA ILE H 43 31.02 -10.37 6.89
C ILE H 43 32.49 -10.04 6.70
N VAL H 44 32.87 -9.75 5.46
CA VAL H 44 34.21 -9.29 5.13
C VAL H 44 34.60 -8.12 6.00
N SER H 45 33.69 -7.18 6.16
CA SER H 45 33.96 -6.02 6.99
C SER H 45 34.05 -6.43 8.44
N GLN H 46 33.11 -7.27 8.88
CA GLN H 46 33.19 -7.83 10.22
C GLN H 46 34.49 -8.58 10.41
N LEU H 47 34.99 -9.20 9.34
CA LEU H 47 36.17 -10.02 9.45
C LEU H 47 37.41 -9.19 9.67
N LEU H 48 37.74 -8.33 8.73
CA LEU H 48 39.09 -7.78 8.66
C LEU H 48 39.33 -6.70 9.69
N PHE H 49 38.27 -6.17 10.30
CA PHE H 49 38.48 -5.21 11.38
C PHE H 49 39.31 -5.82 12.49
N LEU H 50 39.18 -7.11 12.71
CA LEU H 50 39.81 -7.80 13.82
C LEU H 50 41.22 -8.24 13.49
N ALA H 51 41.73 -7.87 12.31
CA ALA H 51 42.99 -8.42 11.84
C ALA H 51 44.16 -7.96 12.70
N ALA H 52 44.41 -6.65 12.73
CA ALA H 52 45.60 -6.13 13.38
C ALA H 52 45.52 -6.25 14.90
N GLU H 53 44.33 -6.38 15.45
CA GLU H 53 44.17 -6.32 16.90
C GLU H 53 44.86 -7.48 17.59
N ASP H 54 45.03 -8.60 16.89
CA ASP H 54 45.80 -9.71 17.41
C ASP H 54 46.10 -10.69 16.28
N PRO H 55 47.35 -11.13 16.09
CA PRO H 55 47.56 -12.26 15.18
C PRO H 55 46.96 -13.54 15.72
N GLU H 56 47.11 -13.78 17.02
CA GLU H 56 46.52 -14.95 17.67
C GLU H 56 45.18 -14.54 18.30
N LYS H 57 44.34 -13.99 17.45
CA LYS H 57 42.94 -13.77 17.75
C LYS H 57 42.11 -15.05 17.69
N GLU H 58 42.38 -15.90 16.69
CA GLU H 58 41.70 -17.17 16.42
C GLU H 58 40.21 -17.07 16.70
N ILE H 59 39.57 -16.22 15.91
CA ILE H 59 38.15 -15.93 16.08
C ILE H 59 37.35 -17.21 15.95
N SER H 60 36.26 -17.29 16.69
CA SER H 60 35.30 -18.35 16.48
C SER H 60 34.42 -18.00 15.28
N LEU H 61 33.62 -18.96 14.86
CA LEU H 61 32.66 -18.72 13.82
C LEU H 61 31.56 -19.76 13.86
N TYR H 62 30.33 -19.29 14.04
CA TYR H 62 29.15 -20.10 14.27
C TYR H 62 28.22 -19.95 13.09
N ILE H 63 27.42 -20.98 12.85
CA ILE H 63 26.60 -21.09 11.66
C ILE H 63 25.24 -21.63 12.03
N ASN H 64 24.20 -21.19 11.31
CA ASN H 64 22.99 -22.00 11.19
C ASN H 64 22.21 -21.47 9.98
N SER H 65 22.42 -22.11 8.82
CA SER H 65 21.88 -21.59 7.56
C SER H 65 20.88 -22.53 6.95
N PRO H 66 19.86 -22.02 6.25
CA PRO H 66 18.92 -22.90 5.52
C PRO H 66 19.29 -23.14 4.06
N GLY H 67 20.22 -22.37 3.51
CA GLY H 67 20.53 -22.47 2.10
C GLY H 67 21.88 -21.86 1.82
N GLY H 68 22.04 -21.40 0.59
CA GLY H 68 23.26 -20.71 0.23
C GLY H 68 23.37 -20.39 -1.24
N SER H 69 24.01 -19.27 -1.56
CA SER H 69 24.30 -18.93 -2.94
C SER H 69 25.52 -19.69 -3.44
N ILE H 70 26.04 -19.28 -4.60
CA ILE H 70 27.17 -19.93 -5.24
C ILE H 70 28.30 -18.94 -5.51
N THR H 71 27.97 -17.78 -6.06
CA THR H 71 29.01 -16.83 -6.44
C THR H 71 29.56 -16.10 -5.23
N ALA H 72 28.70 -15.80 -4.26
CA ALA H 72 29.14 -15.09 -3.08
C ALA H 72 29.99 -15.97 -2.18
N GLY H 73 29.87 -17.29 -2.31
CA GLY H 73 30.57 -18.20 -1.46
C GLY H 73 32.07 -18.11 -1.63
N MET H 74 32.51 -18.04 -2.88
CA MET H 74 33.93 -17.95 -3.16
C MET H 74 34.54 -16.70 -2.57
N ALA H 75 33.74 -15.63 -2.47
CA ALA H 75 34.24 -14.35 -1.97
C ALA H 75 34.79 -14.48 -0.56
N ILE H 76 34.23 -15.41 0.20
CA ILE H 76 34.60 -15.53 1.60
C ILE H 76 35.81 -16.45 1.74
N TYR H 77 35.87 -17.50 0.94
CA TYR H 77 36.91 -18.49 1.05
C TYR H 77 38.28 -17.88 0.85
N ASP H 78 38.39 -16.99 -0.15
CA ASP H 78 39.66 -16.31 -0.38
C ASP H 78 40.05 -15.47 0.82
N THR H 79 39.09 -14.70 1.36
CA THR H 79 39.38 -13.83 2.47
C THR H 79 39.78 -14.63 3.69
N MET H 80 39.06 -15.72 3.94
CA MET H 80 39.37 -16.54 5.10
C MET H 80 40.75 -17.15 4.96
N GLN H 81 41.10 -17.55 3.75
CA GLN H 81 42.45 -18.00 3.42
C GLN H 81 43.26 -16.86 2.80
N PHE H 82 43.21 -15.68 3.44
CA PHE H 82 44.06 -14.56 3.08
C PHE H 82 44.75 -13.94 4.29
N ILE H 83 44.06 -13.85 5.42
CA ILE H 83 44.53 -13.00 6.51
C ILE H 83 45.60 -13.71 7.31
N LYS H 84 46.38 -12.93 8.04
CA LYS H 84 47.36 -13.50 8.96
C LYS H 84 46.72 -14.28 10.10
N PRO H 85 45.64 -13.83 10.73
CA PRO H 85 45.04 -14.61 11.82
C PRO H 85 44.58 -15.99 11.40
N LYS H 86 44.40 -16.84 12.40
CA LYS H 86 43.81 -18.16 12.25
C LYS H 86 42.32 -18.11 12.56
N VAL H 87 41.63 -19.21 12.25
CA VAL H 87 40.19 -19.28 12.41
C VAL H 87 39.79 -20.68 12.84
N SER H 88 38.72 -20.76 13.62
CA SER H 88 38.09 -22.01 14.00
C SER H 88 36.61 -21.88 13.77
N THR H 89 35.97 -23.00 13.49
CA THR H 89 34.59 -23.03 13.04
C THR H 89 33.81 -24.12 13.75
N ILE H 90 32.53 -23.85 13.97
CA ILE H 90 31.65 -24.71 14.72
C ILE H 90 30.28 -24.65 14.07
N CYS H 91 29.59 -25.78 14.01
CA CYS H 91 28.33 -25.93 13.30
C CYS H 91 27.18 -26.16 14.25
N ILE H 92 25.99 -25.87 13.76
CA ILE H 92 24.74 -26.07 14.49
C ILE H 92 23.69 -26.54 13.50
N GLY H 93 23.20 -27.76 13.69
CA GLY H 93 22.04 -28.26 12.99
C GLY H 93 22.13 -28.22 11.48
N MET H 94 21.26 -27.40 10.90
CA MET H 94 21.02 -27.38 9.47
C MET H 94 22.13 -26.63 8.76
N ALA H 95 23.02 -27.37 8.11
CA ALA H 95 24.04 -26.80 7.24
C ALA H 95 23.68 -27.13 5.82
N ALA H 96 23.40 -26.08 5.05
CA ALA H 96 23.03 -26.23 3.66
C ALA H 96 24.25 -26.52 2.80
N SER H 97 24.11 -26.34 1.49
CA SER H 97 25.17 -26.63 0.54
C SER H 97 26.45 -25.86 0.85
N MET H 98 26.41 -24.53 0.74
CA MET H 98 27.64 -23.76 0.72
C MET H 98 28.36 -23.77 2.06
N GLY H 99 27.61 -23.72 3.16
CA GLY H 99 28.25 -23.65 4.46
C GLY H 99 29.14 -24.85 4.74
N ALA H 100 28.83 -25.98 4.10
CA ALA H 100 29.66 -27.16 4.22
C ALA H 100 31.07 -26.88 3.72
N PHE H 101 31.17 -26.29 2.53
CA PHE H 101 32.46 -25.83 2.05
C PHE H 101 33.07 -24.88 3.05
N LEU H 102 32.23 -24.00 3.60
CA LEU H 102 32.71 -23.01 4.53
C LEU H 102 33.04 -23.62 5.87
N LEU H 103 32.36 -24.71 6.21
CA LEU H 103 32.67 -25.40 7.45
C LEU H 103 34.08 -25.92 7.45
N ALA H 104 34.45 -26.67 6.41
CA ALA H 104 35.76 -27.28 6.37
C ALA H 104 36.86 -26.24 6.24
N ALA H 105 36.51 -25.02 5.82
CA ALA H 105 37.50 -23.98 5.65
C ALA H 105 38.06 -23.55 6.99
N GLY H 106 39.14 -24.19 7.41
CA GLY H 106 39.79 -23.85 8.65
C GLY H 106 40.94 -24.80 8.87
N GLU H 107 41.41 -24.88 10.10
CA GLU H 107 42.54 -25.75 10.41
C GLU H 107 42.08 -27.20 10.52
N LYS H 108 43.05 -28.10 10.41
CA LYS H 108 42.76 -29.52 10.41
C LYS H 108 42.14 -30.01 11.72
N GLY H 109 42.25 -29.23 12.79
CA GLY H 109 41.88 -29.72 14.11
C GLY H 109 41.09 -28.71 14.93
N LYS H 110 40.35 -27.83 14.25
CA LYS H 110 39.60 -26.78 14.93
C LYS H 110 38.24 -26.62 14.29
N ARG H 111 37.59 -27.74 14.02
CA ARG H 111 36.30 -27.77 13.33
C ARG H 111 35.37 -28.75 14.01
N TYR H 112 34.61 -28.24 14.99
CA TYR H 112 33.83 -29.07 15.87
C TYR H 112 32.37 -29.03 15.46
N ALA H 113 31.56 -29.77 16.21
CA ALA H 113 30.14 -29.89 15.94
C ALA H 113 29.47 -30.52 17.16
N LEU H 114 28.19 -30.83 16.99
CA LEU H 114 27.31 -31.28 18.03
C LEU H 114 26.69 -32.63 17.70
N PRO H 115 26.28 -33.43 18.69
CA PRO H 115 25.71 -34.74 18.38
C PRO H 115 24.21 -34.69 18.11
N ASN H 116 23.78 -33.66 17.39
CA ASN H 116 22.37 -33.47 17.06
C ASN H 116 22.16 -32.92 15.67
N SER H 117 23.21 -32.73 14.89
CA SER H 117 23.15 -31.86 13.75
C SER H 117 23.07 -32.65 12.45
N GLU H 118 22.66 -31.97 11.40
CA GLU H 118 22.49 -32.57 10.08
C GLU H 118 23.11 -31.63 9.06
N VAL H 119 24.18 -32.10 8.44
CA VAL H 119 24.87 -31.36 7.40
C VAL H 119 24.61 -32.05 6.06
N MET H 120 24.36 -31.24 5.04
CA MET H 120 24.06 -31.72 3.70
C MET H 120 25.07 -31.16 2.73
N ILE H 121 24.98 -31.64 1.49
CA ILE H 121 25.85 -31.26 0.40
C ILE H 121 24.99 -31.18 -0.84
N HIS H 122 25.21 -30.15 -1.64
CA HIS H 122 24.37 -29.89 -2.79
C HIS H 122 25.08 -28.78 -3.58
N GLN H 123 24.44 -28.25 -4.61
CA GLN H 123 25.01 -27.09 -5.30
C GLN H 123 24.91 -25.85 -4.42
N ALA H 138 25.91 -16.52 -16.69
CA ALA H 138 27.05 -16.79 -17.56
C ALA H 138 27.47 -18.25 -17.46
N ALA H 139 27.21 -18.98 -18.53
CA ALA H 139 27.46 -20.41 -18.58
C ALA H 139 28.92 -20.75 -18.73
N LYS H 140 29.73 -19.85 -19.29
CA LYS H 140 31.15 -20.08 -19.38
C LYS H 140 31.86 -19.92 -18.04
N ARG H 141 31.16 -19.44 -17.01
CA ARG H 141 31.73 -19.19 -15.71
C ARG H 141 31.04 -19.93 -14.59
N ILE H 142 29.71 -19.95 -14.58
CA ILE H 142 28.98 -20.51 -13.46
C ILE H 142 29.24 -22.00 -13.37
N LEU H 143 29.13 -22.70 -14.49
CA LEU H 143 29.48 -24.10 -14.55
C LEU H 143 30.94 -24.36 -14.20
N LEU H 144 31.79 -23.35 -14.35
CA LEU H 144 33.22 -23.58 -14.23
C LEU H 144 33.71 -23.63 -12.79
N LEU H 145 32.92 -23.17 -11.83
CA LEU H 145 33.44 -22.99 -10.48
C LEU H 145 33.23 -24.21 -9.62
N ARG H 146 32.09 -24.88 -9.78
CA ARG H 146 31.87 -26.11 -9.04
C ARG H 146 32.90 -27.17 -9.40
N ASP H 147 33.53 -27.06 -10.58
CA ASP H 147 34.75 -27.79 -10.84
C ASP H 147 35.80 -27.48 -9.79
N LYS H 148 35.95 -26.21 -9.43
CA LYS H 148 37.00 -25.81 -8.52
C LYS H 148 36.72 -26.29 -7.10
N LEU H 149 35.44 -26.47 -6.76
CA LEU H 149 35.12 -26.94 -5.42
C LEU H 149 35.37 -28.43 -5.30
N ASN H 150 34.87 -29.19 -6.27
CA ASN H 150 35.17 -30.62 -6.34
C ASN H 150 36.67 -30.84 -6.40
N LYS H 151 37.41 -29.89 -6.95
CA LYS H 151 38.85 -29.94 -6.97
C LYS H 151 39.48 -29.85 -5.59
N VAL H 152 38.71 -29.45 -4.58
CA VAL H 152 39.29 -29.03 -3.31
C VAL H 152 39.12 -30.11 -2.25
N LEU H 153 37.88 -30.53 -2.02
CA LEU H 153 37.54 -31.25 -0.80
C LEU H 153 38.28 -32.56 -0.67
N ALA H 154 38.72 -33.15 -1.78
CA ALA H 154 39.59 -34.30 -1.72
C ALA H 154 40.93 -33.98 -1.09
N GLU H 155 41.32 -32.70 -1.06
CA GLU H 155 42.52 -32.27 -0.35
C GLU H 155 42.25 -32.09 1.13
N ARG H 156 41.05 -31.64 1.47
CA ARG H 156 40.67 -31.45 2.87
C ARG H 156 40.17 -32.74 3.49
N THR H 157 39.28 -33.45 2.79
CA THR H 157 38.82 -34.74 3.28
C THR H 157 39.87 -35.82 3.13
N GLY H 158 40.70 -35.74 2.09
CA GLY H 158 41.56 -36.84 1.71
C GLY H 158 40.88 -37.91 0.89
N GLN H 159 39.57 -37.83 0.71
CA GLN H 159 38.83 -38.80 -0.06
C GLN H 159 39.14 -38.61 -1.54
N PRO H 160 38.68 -39.52 -2.40
CA PRO H 160 38.88 -39.32 -3.84
C PRO H 160 38.11 -38.14 -4.41
N LEU H 161 38.21 -37.99 -5.73
CA LEU H 161 37.59 -36.89 -6.45
C LEU H 161 36.23 -37.29 -7.05
N GLU H 162 36.24 -38.24 -7.96
CA GLU H 162 35.04 -38.51 -8.75
C GLU H 162 33.96 -39.19 -7.92
N VAL H 163 34.30 -39.66 -6.71
CA VAL H 163 33.28 -40.13 -5.78
C VAL H 163 32.53 -38.94 -5.16
N ILE H 164 33.22 -37.80 -5.04
CA ILE H 164 32.53 -36.57 -4.65
C ILE H 164 31.47 -36.22 -5.68
N GLU H 165 31.84 -36.29 -6.95
CA GLU H 165 31.07 -35.67 -8.01
C GLU H 165 29.81 -36.47 -8.31
N ARG H 166 29.74 -37.71 -7.81
CA ARG H 166 28.54 -38.53 -7.93
C ARG H 166 27.67 -38.44 -6.69
N ASP H 167 28.28 -38.22 -5.53
CA ASP H 167 27.56 -38.14 -4.27
C ASP H 167 27.22 -36.72 -3.87
N THR H 168 27.71 -35.73 -4.62
CA THR H 168 27.47 -34.34 -4.26
C THR H 168 26.17 -33.83 -4.87
N ASP H 169 25.78 -34.35 -6.04
CA ASP H 169 24.59 -33.89 -6.73
C ASP H 169 23.31 -34.49 -6.18
N ARG H 170 23.41 -35.60 -5.44
CA ARG H 170 22.24 -36.22 -4.84
C ARG H 170 21.85 -35.46 -3.58
N ASP H 171 20.98 -36.06 -2.78
CA ASP H 171 20.52 -35.44 -1.55
C ASP H 171 20.31 -36.55 -0.54
N ASN H 172 21.15 -36.57 0.48
CA ASN H 172 21.01 -37.52 1.59
C ASN H 172 21.66 -36.90 2.82
N PHE H 173 20.83 -36.41 3.73
CA PHE H 173 21.31 -35.70 4.92
C PHE H 173 22.12 -36.67 5.77
N LYS H 174 23.40 -36.40 5.90
CA LYS H 174 24.29 -37.20 6.72
C LYS H 174 24.39 -36.61 8.11
N SER H 175 24.49 -37.48 9.10
CA SER H 175 24.50 -37.08 10.50
C SER H 175 25.82 -36.41 10.84
N ALA H 176 25.97 -36.09 12.11
CA ALA H 176 27.28 -35.76 12.64
C ALA H 176 28.19 -36.98 12.58
N GLU H 177 27.67 -38.12 12.98
CA GLU H 177 28.49 -39.31 13.15
C GLU H 177 29.05 -39.76 11.82
N GLU H 178 28.16 -40.11 10.88
CA GLU H 178 28.62 -40.67 9.62
C GLU H 178 29.32 -39.62 8.76
N ALA H 179 29.27 -38.35 9.15
CA ALA H 179 29.99 -37.32 8.44
C ALA H 179 31.42 -37.15 8.94
N LEU H 180 31.73 -37.67 10.12
CA LEU H 180 33.10 -37.62 10.60
C LEU H 180 34.02 -38.42 9.70
N GLU H 181 33.62 -39.64 9.37
CA GLU H 181 34.48 -40.57 8.65
C GLU H 181 34.96 -40.02 7.32
N TYR H 182 34.24 -39.07 6.73
CA TYR H 182 34.73 -38.40 5.56
C TYR H 182 35.94 -37.53 5.90
N GLY H 183 35.76 -36.61 6.85
CA GLY H 183 36.82 -35.71 7.28
C GLY H 183 36.38 -34.27 7.40
N LEU H 184 35.08 -34.00 7.19
CA LEU H 184 34.55 -32.66 7.34
C LEU H 184 34.82 -32.11 8.73
N ILE H 185 34.72 -32.96 9.73
CA ILE H 185 34.79 -32.58 11.13
C ILE H 185 35.89 -33.38 11.79
N ASP H 186 36.54 -32.75 12.76
CA ASP H 186 37.77 -33.27 13.34
C ASP H 186 37.71 -33.49 14.83
N LYS H 187 36.57 -33.21 15.48
CA LYS H 187 36.40 -33.41 16.92
C LYS H 187 34.95 -33.06 17.20
N ILE H 188 34.40 -33.58 18.29
CA ILE H 188 32.97 -33.48 18.53
C ILE H 188 32.71 -33.18 20.01
N LEU H 189 31.46 -32.87 20.31
CA LEU H 189 31.05 -32.50 21.65
C LEU H 189 29.54 -32.33 21.75
N ILE I 19 30.83 0.23 13.47
CA ILE I 19 31.95 -0.25 12.67
C ILE I 19 32.34 0.79 11.62
N TYR I 20 31.35 1.56 11.15
CA TYR I 20 31.59 2.47 10.05
C TYR I 20 32.35 3.71 10.48
N SER I 21 32.05 4.24 11.65
CA SER I 21 32.95 5.24 12.22
C SER I 21 34.30 4.62 12.55
N ARG I 22 34.31 3.35 12.95
CA ARG I 22 35.58 2.67 13.18
C ARG I 22 36.30 2.40 11.87
N LEU I 23 35.55 2.24 10.78
CA LEU I 23 36.16 2.03 9.47
C LEU I 23 37.02 3.22 9.08
N LEU I 24 36.41 4.41 9.03
CA LEU I 24 37.12 5.59 8.57
C LEU I 24 38.29 5.95 9.44
N LYS I 25 38.20 5.67 10.74
CA LYS I 25 39.35 5.81 11.60
C LYS I 25 40.45 4.82 11.26
N ASP I 26 40.09 3.72 10.60
CA ASP I 26 41.07 2.81 10.03
C ASP I 26 41.50 3.22 8.63
N ARG I 27 40.79 4.18 8.02
CA ARG I 27 41.14 4.73 6.72
C ARG I 27 40.98 3.68 5.63
N ILE I 28 39.81 3.05 5.64
CA ILE I 28 39.49 1.97 4.73
C ILE I 28 38.05 2.13 4.29
N ILE I 29 37.77 1.71 3.06
CA ILE I 29 36.47 1.89 2.42
C ILE I 29 36.00 0.52 1.96
N MET I 30 34.69 0.41 1.79
CA MET I 30 34.11 -0.67 1.01
C MET I 30 33.12 -0.09 0.03
N LEU I 31 33.00 -0.77 -1.10
CA LEU I 31 32.22 -0.31 -2.24
C LEU I 31 31.75 -1.54 -2.99
N GLY I 32 30.53 -2.00 -2.70
CA GLY I 32 30.14 -3.33 -3.07
C GLY I 32 28.72 -3.54 -3.57
N SER I 33 27.91 -2.49 -3.62
CA SER I 33 26.51 -2.65 -3.99
C SER I 33 26.24 -2.30 -5.45
N ALA I 34 26.48 -1.06 -5.82
CA ALA I 34 26.08 -0.56 -7.13
C ALA I 34 26.66 0.83 -7.33
N ILE I 35 26.37 1.46 -8.47
CA ILE I 35 26.82 2.81 -8.75
C ILE I 35 25.65 3.56 -9.37
N ASP I 36 25.06 4.48 -8.61
CA ASP I 36 24.04 5.41 -9.06
C ASP I 36 24.43 6.82 -8.61
N ASP I 37 23.49 7.76 -8.78
CA ASP I 37 23.74 9.14 -8.36
C ASP I 37 23.87 9.25 -6.85
N ASN I 38 23.02 8.53 -6.11
CA ASN I 38 22.97 8.69 -4.66
C ASN I 38 24.29 8.34 -4.02
N VAL I 39 24.76 7.11 -4.25
CA VAL I 39 25.93 6.61 -3.55
C VAL I 39 27.16 7.41 -3.92
N ALA I 40 27.24 7.89 -5.16
CA ALA I 40 28.45 8.52 -5.66
C ALA I 40 28.83 9.74 -4.85
N ASN I 41 27.85 10.39 -4.25
CA ASN I 41 28.14 11.59 -3.46
C ASN I 41 28.70 11.21 -2.11
N SER I 42 28.28 10.05 -1.59
CA SER I 42 28.83 9.57 -0.33
C SER I 42 30.30 9.28 -0.46
N ILE I 43 30.74 8.90 -1.66
CA ILE I 43 32.11 8.43 -1.82
C ILE I 43 33.05 9.62 -1.74
N VAL I 44 32.84 10.59 -2.62
CA VAL I 44 33.66 11.79 -2.75
C VAL I 44 33.90 12.46 -1.41
N SER I 45 32.88 12.44 -0.56
CA SER I 45 33.02 12.98 0.77
C SER I 45 34.08 12.24 1.56
N GLN I 46 34.05 10.92 1.50
CA GLN I 46 34.88 10.10 2.36
C GLN I 46 36.35 10.34 2.06
N LEU I 47 36.69 10.50 0.78
CA LEU I 47 38.09 10.60 0.39
C LEU I 47 38.74 11.83 1.00
N LEU I 48 38.26 13.00 0.58
CA LEU I 48 38.69 14.27 1.14
C LEU I 48 38.60 14.32 2.66
N PHE I 49 37.68 13.58 3.26
CA PHE I 49 37.59 13.60 4.72
C PHE I 49 38.83 12.97 5.33
N LEU I 50 39.38 11.95 4.67
CA LEU I 50 40.67 11.45 5.12
C LEU I 50 41.78 12.46 4.89
N ALA I 51 41.63 13.33 3.89
CA ALA I 51 42.55 14.44 3.73
C ALA I 51 42.29 15.51 4.78
N ALA I 52 41.06 15.55 5.32
CA ALA I 52 40.74 16.51 6.35
C ALA I 52 41.62 16.32 7.58
N GLU I 53 41.68 15.09 8.09
CA GLU I 53 42.56 14.81 9.22
C GLU I 53 44.03 14.96 8.80
N ASP I 54 44.41 14.33 7.69
CA ASP I 54 45.79 14.38 7.22
C ASP I 54 45.83 14.13 5.72
N PRO I 55 46.29 15.10 4.89
CA PRO I 55 46.51 14.80 3.47
C PRO I 55 47.90 14.26 3.19
N GLU I 56 48.41 13.39 4.06
CA GLU I 56 49.62 12.62 3.77
C GLU I 56 49.48 11.31 4.53
N LYS I 57 48.86 10.32 3.89
CA LYS I 57 48.51 9.06 4.50
C LYS I 57 48.05 8.11 3.42
N GLU I 58 48.71 6.96 3.31
CA GLU I 58 48.37 6.03 2.25
C GLU I 58 47.03 5.40 2.54
N ILE I 59 46.20 5.27 1.50
CA ILE I 59 44.80 4.88 1.64
C ILE I 59 44.53 3.67 0.76
N SER I 60 43.58 2.85 1.20
CA SER I 60 43.16 1.64 0.51
C SER I 60 41.78 1.85 -0.10
N LEU I 61 41.37 0.87 -0.90
CA LEU I 61 40.06 0.91 -1.50
C LEU I 61 39.72 -0.47 -2.05
N TYR I 62 38.62 -1.04 -1.57
CA TYR I 62 38.19 -2.39 -1.91
C TYR I 62 36.88 -2.32 -2.69
N ILE I 63 36.58 -3.39 -3.42
CA ILE I 63 35.47 -3.42 -4.36
C ILE I 63 34.80 -4.78 -4.33
N ASN I 64 33.50 -4.81 -4.64
CA ASN I 64 32.89 -5.99 -5.24
C ASN I 64 31.58 -5.55 -5.89
N SER I 65 31.66 -5.27 -7.20
CA SER I 65 30.56 -4.63 -7.90
C SER I 65 29.89 -5.57 -8.90
N PRO I 66 28.57 -5.49 -9.08
CA PRO I 66 27.92 -6.32 -10.10
C PRO I 66 27.83 -5.64 -11.45
N GLY I 67 27.95 -4.33 -11.47
CA GLY I 67 27.70 -3.56 -12.66
C GLY I 67 28.36 -2.22 -12.60
N GLY I 68 27.70 -1.22 -13.16
CA GLY I 68 28.17 0.13 -13.05
C GLY I 68 27.45 1.05 -14.02
N SER I 69 27.44 2.32 -13.66
CA SER I 69 26.90 3.39 -14.48
C SER I 69 28.02 3.90 -15.39
N ILE I 70 27.78 5.06 -16.01
CA ILE I 70 28.70 5.64 -16.98
C ILE I 70 29.01 7.09 -16.65
N THR I 71 27.98 7.90 -16.46
CA THR I 71 28.20 9.32 -16.19
C THR I 71 28.85 9.51 -14.83
N ALA I 72 28.49 8.67 -13.87
CA ALA I 72 29.06 8.76 -12.54
C ALA I 72 30.51 8.31 -12.52
N GLY I 73 30.91 7.49 -13.49
CA GLY I 73 32.28 7.06 -13.55
C GLY I 73 33.24 8.22 -13.71
N MET I 74 32.82 9.24 -14.45
CA MET I 74 33.60 10.47 -14.59
C MET I 74 33.18 11.50 -13.56
N ALA I 75 33.21 11.05 -12.34
CA ALA I 75 33.07 11.83 -11.12
C ALA I 75 34.21 11.55 -10.15
N ILE I 76 34.93 10.47 -10.37
CA ILE I 76 35.78 9.87 -9.35
C ILE I 76 37.23 9.84 -9.79
N TYR I 77 37.43 9.53 -11.07
CA TYR I 77 38.76 9.42 -11.64
C TYR I 77 39.58 10.67 -11.38
N ASP I 78 38.95 11.83 -11.48
CA ASP I 78 39.65 13.10 -11.28
C ASP I 78 40.06 13.27 -9.81
N THR I 79 39.15 12.95 -8.90
CA THR I 79 39.44 13.11 -7.47
C THR I 79 40.62 12.24 -7.09
N MET I 80 40.66 11.03 -7.63
CA MET I 80 41.76 10.12 -7.39
C MET I 80 43.08 10.71 -7.88
N GLN I 81 43.01 11.65 -8.82
CA GLN I 81 44.18 12.33 -9.34
C GLN I 81 44.34 13.74 -8.81
N PHE I 82 43.23 14.36 -8.36
CA PHE I 82 43.30 15.72 -7.85
C PHE I 82 44.02 15.77 -6.50
N ILE I 83 43.68 14.86 -5.59
CA ILE I 83 44.10 15.02 -4.22
C ILE I 83 45.61 14.82 -4.08
N LYS I 84 46.10 15.18 -2.91
CA LYS I 84 47.50 15.01 -2.53
C LYS I 84 47.87 13.55 -2.25
N PRO I 85 47.12 12.82 -1.43
CA PRO I 85 47.58 11.50 -1.02
C PRO I 85 47.58 10.49 -2.17
N LYS I 86 48.26 9.38 -1.91
CA LYS I 86 48.34 8.26 -2.85
C LYS I 86 47.29 7.21 -2.49
N VAL I 87 46.97 6.37 -3.48
CA VAL I 87 45.85 5.45 -3.39
C VAL I 87 46.30 4.08 -3.87
N SER I 88 45.77 3.06 -3.22
CA SER I 88 45.97 1.67 -3.60
C SER I 88 44.62 0.98 -3.68
N THR I 89 44.56 -0.04 -4.52
CA THR I 89 43.31 -0.68 -4.89
C THR I 89 43.46 -2.19 -4.90
N ILE I 90 42.38 -2.85 -4.52
CA ILE I 90 42.34 -4.29 -4.38
C ILE I 90 40.96 -4.75 -4.83
N CYS I 91 40.91 -5.90 -5.49
CA CYS I 91 39.70 -6.42 -6.09
C CYS I 91 39.24 -7.69 -5.41
N ILE I 92 37.94 -7.96 -5.56
CA ILE I 92 37.29 -9.15 -5.04
C ILE I 92 36.25 -9.60 -6.05
N GLY I 93 36.18 -10.92 -6.25
CA GLY I 93 35.08 -11.54 -6.95
C GLY I 93 34.88 -11.05 -8.37
N MET I 94 33.80 -10.29 -8.56
CA MET I 94 33.36 -9.85 -9.86
C MET I 94 33.50 -8.34 -9.98
N ALA I 95 34.26 -7.93 -11.00
CA ALA I 95 34.35 -6.51 -11.35
C ALA I 95 33.71 -6.34 -12.72
N ALA I 96 32.70 -5.51 -12.77
CA ALA I 96 32.03 -5.17 -14.01
C ALA I 96 32.88 -4.19 -14.79
N SER I 97 32.28 -3.53 -15.77
CA SER I 97 32.96 -2.56 -16.60
C SER I 97 33.72 -1.50 -15.80
N MET I 98 33.01 -0.79 -14.93
CA MET I 98 33.56 0.43 -14.37
C MET I 98 34.69 0.19 -13.40
N GLY I 99 34.55 -0.77 -12.50
CA GLY I 99 35.56 -0.97 -11.47
C GLY I 99 36.90 -1.31 -12.06
N ALA I 100 36.89 -1.90 -13.26
CA ALA I 100 38.11 -2.13 -13.98
C ALA I 100 38.85 -0.83 -14.25
N PHE I 101 38.13 0.19 -14.69
CA PHE I 101 38.71 1.51 -14.83
C PHE I 101 39.31 1.95 -13.50
N LEU I 102 38.63 1.60 -12.40
CA LEU I 102 39.11 1.96 -11.09
C LEU I 102 40.18 1.00 -10.64
N LEU I 103 40.13 -0.23 -11.12
CA LEU I 103 41.17 -1.20 -10.80
C LEU I 103 42.50 -0.74 -11.36
N ALA I 104 42.48 -0.09 -12.50
CA ALA I 104 43.67 0.45 -13.14
C ALA I 104 43.86 1.92 -12.83
N ALA I 105 43.47 2.36 -11.64
CA ALA I 105 43.47 3.76 -11.27
C ALA I 105 44.08 3.88 -9.88
N GLY I 106 45.40 4.04 -9.85
CA GLY I 106 46.08 4.23 -8.58
C GLY I 106 47.56 4.09 -8.80
N GLU I 107 48.30 4.06 -7.69
CA GLU I 107 49.73 3.89 -7.76
C GLU I 107 50.05 2.56 -8.41
N LYS I 108 51.10 2.56 -9.23
CA LYS I 108 51.36 1.45 -10.14
C LYS I 108 51.57 0.15 -9.38
N GLY I 109 52.61 0.10 -8.56
CA GLY I 109 52.90 -1.11 -7.81
C GLY I 109 52.09 -1.24 -6.54
N LYS I 110 50.80 -0.89 -6.58
CA LYS I 110 49.92 -0.95 -5.42
C LYS I 110 48.54 -1.45 -5.80
N ARG I 111 48.44 -2.22 -6.87
CA ARG I 111 47.19 -2.76 -7.36
C ARG I 111 47.27 -4.28 -7.36
N TYR I 112 46.47 -4.91 -6.51
CA TYR I 112 46.56 -6.33 -6.25
C TYR I 112 45.23 -7.00 -6.53
N ALA I 113 45.20 -8.30 -6.29
CA ALA I 113 44.01 -9.11 -6.50
C ALA I 113 44.22 -10.46 -5.85
N LEU I 114 43.27 -11.34 -6.08
CA LEU I 114 43.19 -12.67 -5.50
C LEU I 114 43.13 -13.72 -6.59
N PRO I 115 43.47 -14.98 -6.30
CA PRO I 115 43.47 -16.00 -7.35
C PRO I 115 42.11 -16.63 -7.57
N ASN I 116 41.05 -15.84 -7.46
CA ASN I 116 39.71 -16.27 -7.83
C ASN I 116 38.93 -15.14 -8.49
N SER I 117 39.53 -13.97 -8.68
CA SER I 117 38.81 -12.76 -9.00
C SER I 117 38.60 -12.61 -10.49
N GLU I 118 37.50 -13.15 -10.98
CA GLU I 118 37.08 -12.86 -12.35
C GLU I 118 36.92 -11.37 -12.55
N VAL I 119 37.22 -10.91 -13.74
CA VAL I 119 37.07 -9.51 -14.11
C VAL I 119 36.68 -9.43 -15.57
N MET I 120 35.83 -8.45 -15.89
CA MET I 120 35.39 -8.20 -17.25
C MET I 120 35.54 -6.71 -17.53
N ILE I 121 35.35 -6.35 -18.80
CA ILE I 121 35.49 -4.98 -19.25
C ILE I 121 34.59 -4.77 -20.43
N HIS I 122 33.75 -3.74 -20.34
CA HIS I 122 32.58 -3.58 -21.18
C HIS I 122 32.26 -2.09 -21.16
N GLN I 123 31.07 -1.71 -21.61
CA GLN I 123 30.69 -0.30 -21.54
C GLN I 123 30.48 0.13 -20.09
N ALA I 138 22.85 12.61 -23.37
CA ALA I 138 22.85 13.16 -24.71
C ALA I 138 23.79 12.39 -25.62
N ALA I 139 23.61 12.61 -26.92
CA ALA I 139 24.32 11.86 -27.94
C ALA I 139 25.60 12.53 -28.39
N LYS I 140 25.63 13.86 -28.41
CA LYS I 140 26.85 14.58 -28.72
C LYS I 140 27.84 14.58 -27.56
N ARG I 141 27.48 13.98 -26.43
CA ARG I 141 28.32 13.93 -25.24
C ARG I 141 28.79 12.53 -24.92
N ILE I 142 27.86 11.57 -24.87
CA ILE I 142 28.21 10.22 -24.47
C ILE I 142 29.22 9.62 -25.42
N LEU I 143 28.97 9.74 -26.72
CA LEU I 143 29.87 9.21 -27.73
C LEU I 143 31.25 9.84 -27.66
N LEU I 144 31.37 11.00 -27.02
CA LEU I 144 32.68 11.60 -26.79
C LEU I 144 33.37 10.98 -25.59
N LEU I 145 32.60 10.46 -24.63
CA LEU I 145 33.22 10.04 -23.37
C LEU I 145 33.92 8.69 -23.52
N ARG I 146 33.28 7.74 -24.18
CA ARG I 146 33.88 6.44 -24.38
C ARG I 146 34.93 6.43 -25.47
N ASP I 147 35.40 7.60 -25.91
CA ASP I 147 36.66 7.75 -26.59
C ASP I 147 37.77 8.21 -25.67
N LYS I 148 37.41 8.89 -24.58
CA LYS I 148 38.42 9.31 -23.61
C LYS I 148 39.00 8.12 -22.87
N LEU I 149 38.21 7.07 -22.71
CA LEU I 149 38.68 5.90 -21.99
C LEU I 149 39.63 5.07 -22.82
N ASN I 150 39.27 4.84 -24.09
CA ASN I 150 40.17 4.16 -25.00
C ASN I 150 41.46 4.93 -25.14
N LYS I 151 41.39 6.26 -25.01
CA LYS I 151 42.57 7.11 -25.02
C LYS I 151 43.45 6.88 -23.81
N VAL I 152 42.97 6.17 -22.79
CA VAL I 152 43.64 6.11 -21.49
C VAL I 152 44.36 4.79 -21.32
N LEU I 153 43.60 3.69 -21.36
CA LEU I 153 44.09 2.40 -20.86
C LEU I 153 45.36 1.96 -21.56
N ALA I 154 45.54 2.34 -22.81
CA ALA I 154 46.80 2.09 -23.49
C ALA I 154 47.95 2.80 -22.81
N GLU I 155 47.69 3.93 -22.15
CA GLU I 155 48.73 4.62 -21.39
C GLU I 155 49.00 3.94 -20.08
N ARG I 156 47.96 3.40 -19.44
CA ARG I 156 48.12 2.74 -18.16
C ARG I 156 48.60 1.31 -18.33
N THR I 157 48.00 0.59 -19.28
CA THR I 157 48.43 -0.77 -19.58
C THR I 157 49.74 -0.78 -20.36
N GLY I 158 49.91 0.15 -21.29
CA GLY I 158 51.02 0.08 -22.23
C GLY I 158 50.72 -0.77 -23.43
N GLN I 159 49.48 -0.76 -23.90
CA GLN I 159 49.02 -1.64 -24.97
C GLN I 159 48.54 -0.80 -26.16
N PRO I 160 48.23 -1.45 -27.28
CA PRO I 160 47.68 -0.70 -28.42
C PRO I 160 46.28 -0.18 -28.19
N LEU I 161 45.68 0.35 -29.26
CA LEU I 161 44.42 1.08 -29.19
C LEU I 161 43.26 0.27 -29.75
N GLU I 162 43.31 -0.08 -31.03
CA GLU I 162 42.17 -0.73 -31.65
C GLU I 162 42.05 -2.18 -31.22
N VAL I 163 43.07 -2.71 -30.52
CA VAL I 163 42.92 -3.98 -29.85
C VAL I 163 42.15 -3.84 -28.55
N ILE I 164 42.05 -2.62 -28.01
CA ILE I 164 41.17 -2.39 -26.87
C ILE I 164 39.73 -2.59 -27.28
N GLU I 165 39.30 -1.84 -28.28
CA GLU I 165 37.94 -1.95 -28.79
C GLU I 165 37.66 -3.35 -29.33
N ARG I 166 38.70 -4.01 -29.82
CA ARG I 166 38.58 -5.39 -30.28
C ARG I 166 38.05 -6.31 -29.19
N ASP I 167 38.35 -6.02 -27.93
CA ASP I 167 37.86 -6.78 -26.79
C ASP I 167 36.89 -6.02 -25.92
N THR I 168 36.89 -4.70 -25.94
CA THR I 168 36.02 -3.94 -25.06
C THR I 168 34.55 -4.04 -25.46
N ASP I 169 34.27 -4.25 -26.74
CA ASP I 169 32.90 -4.26 -27.25
C ASP I 169 32.23 -5.62 -27.15
N ARG I 170 32.95 -6.66 -26.76
CA ARG I 170 32.42 -8.00 -26.62
C ARG I 170 32.26 -8.34 -25.16
N ASP I 171 31.97 -9.62 -24.89
CA ASP I 171 31.85 -10.14 -23.53
C ASP I 171 32.65 -11.43 -23.46
N ASN I 172 33.73 -11.42 -22.70
CA ASN I 172 34.48 -12.63 -22.41
C ASN I 172 35.26 -12.41 -21.13
N PHE I 173 34.91 -13.16 -20.10
CA PHE I 173 35.52 -12.97 -18.80
C PHE I 173 36.99 -13.38 -18.81
N LYS I 174 37.83 -12.47 -18.36
CA LYS I 174 39.26 -12.72 -18.22
C LYS I 174 39.58 -12.94 -16.76
N SER I 175 40.33 -14.01 -16.50
CA SER I 175 40.64 -14.41 -15.14
C SER I 175 41.70 -13.51 -14.54
N ALA I 176 42.10 -13.85 -13.33
CA ALA I 176 43.21 -13.17 -12.68
C ALA I 176 44.50 -13.36 -13.44
N GLU I 177 44.82 -14.59 -13.79
CA GLU I 177 46.12 -14.90 -14.39
C GLU I 177 46.26 -14.21 -15.73
N GLU I 178 45.28 -14.40 -16.61
CA GLU I 178 45.36 -13.80 -17.93
C GLU I 178 45.17 -12.30 -17.89
N ALA I 179 44.85 -11.74 -16.72
CA ALA I 179 44.79 -10.29 -16.59
C ALA I 179 46.16 -9.71 -16.29
N LEU I 180 47.02 -10.45 -15.60
CA LEU I 180 48.34 -9.94 -15.30
C LEU I 180 49.13 -9.69 -16.57
N GLU I 181 49.12 -10.66 -17.48
CA GLU I 181 49.89 -10.50 -18.71
C GLU I 181 49.36 -9.38 -19.58
N TYR I 182 48.13 -8.97 -19.31
CA TYR I 182 47.58 -7.76 -19.93
C TYR I 182 48.41 -6.63 -19.36
N GLY I 183 48.14 -6.31 -18.09
CA GLY I 183 48.78 -5.21 -17.40
C GLY I 183 47.96 -4.54 -16.33
N LEU I 184 46.72 -5.01 -16.13
CA LEU I 184 45.83 -4.42 -15.13
C LEU I 184 46.38 -4.51 -13.72
N ILE I 185 47.15 -5.56 -13.44
CA ILE I 185 47.49 -5.96 -12.08
C ILE I 185 48.91 -6.49 -12.07
N ASP I 186 49.60 -6.29 -10.95
CA ASP I 186 51.03 -6.48 -10.90
C ASP I 186 51.60 -7.03 -9.58
N LYS I 187 50.78 -7.38 -8.60
CA LYS I 187 51.25 -8.07 -7.39
C LYS I 187 50.09 -8.90 -6.86
N ILE I 188 50.02 -10.17 -7.26
CA ILE I 188 48.88 -11.00 -6.94
C ILE I 188 49.07 -11.66 -5.58
N LEU I 189 47.98 -12.22 -5.07
CA LEU I 189 47.98 -12.89 -3.78
C LEU I 189 46.65 -13.61 -3.53
N ILE J 19 27.28 11.54 9.91
CA ILE J 19 28.25 11.76 8.85
C ILE J 19 28.76 13.20 8.85
N TYR J 20 27.84 14.17 8.96
CA TYR J 20 28.22 15.56 8.77
C TYR J 20 28.50 16.29 10.08
N SER J 21 28.46 15.60 11.23
CA SER J 21 28.83 16.24 12.48
C SER J 21 30.24 16.81 12.41
N ARG J 22 31.14 16.13 11.72
CA ARG J 22 32.49 16.62 11.49
C ARG J 22 32.60 17.36 10.17
N LEU J 23 31.65 17.15 9.26
CA LEU J 23 31.71 17.80 7.96
C LEU J 23 31.58 19.33 8.02
N LEU J 24 30.63 19.86 8.80
CA LEU J 24 30.50 21.31 8.87
C LEU J 24 31.75 21.94 9.43
N LYS J 25 32.35 21.29 10.41
CA LYS J 25 33.71 21.62 10.79
C LYS J 25 34.62 21.40 9.60
N ASP J 26 35.57 22.33 9.43
CA ASP J 26 36.32 22.62 8.18
C ASP J 26 35.66 23.54 7.17
N ARG J 27 34.43 23.98 7.43
CA ARG J 27 33.72 24.91 6.56
C ARG J 27 33.58 24.37 5.14
N ILE J 28 32.88 23.25 5.01
CA ILE J 28 32.72 22.58 3.73
C ILE J 28 31.26 22.17 3.58
N ILE J 29 30.81 22.08 2.34
CA ILE J 29 29.43 21.77 1.99
C ILE J 29 29.47 20.81 0.81
N MET J 30 28.33 20.16 0.57
CA MET J 30 28.09 19.46 -0.68
C MET J 30 26.66 19.70 -1.11
N LEU J 31 26.46 19.63 -2.41
CA LEU J 31 25.18 19.96 -3.04
C LEU J 31 25.09 19.13 -4.30
N GLY J 32 24.40 17.98 -4.20
CA GLY J 32 24.60 16.91 -5.15
C GLY J 32 23.35 16.32 -5.78
N SER J 33 22.17 16.54 -5.20
CA SER J 33 20.98 15.81 -5.62
C SER J 33 20.10 16.62 -6.57
N ALA J 34 19.58 17.74 -6.10
CA ALA J 34 18.56 18.46 -6.84
C ALA J 34 18.29 19.79 -6.18
N ILE J 35 17.28 20.51 -6.68
CA ILE J 35 16.89 21.79 -6.11
C ILE J 35 15.36 21.84 -6.07
N ASP J 36 14.80 21.86 -4.87
CA ASP J 36 13.37 22.05 -4.66
C ASP J 36 13.20 23.04 -3.52
N ASP J 37 11.96 23.13 -3.01
CA ASP J 37 11.72 23.99 -1.86
C ASP J 37 12.32 23.46 -0.55
N ASN J 38 12.39 22.14 -0.40
CA ASN J 38 12.85 21.56 0.85
C ASN J 38 14.31 21.89 1.09
N VAL J 39 15.14 21.55 0.11
CA VAL J 39 16.59 21.61 0.30
C VAL J 39 17.04 23.06 0.33
N ALA J 40 16.37 23.93 -0.41
CA ALA J 40 16.78 25.32 -0.50
C ALA J 40 16.78 25.98 0.87
N ASN J 41 15.69 25.82 1.61
CA ASN J 41 15.67 26.22 3.00
C ASN J 41 16.77 25.58 3.83
N SER J 42 17.19 24.36 3.47
CA SER J 42 18.19 23.66 4.26
C SER J 42 19.57 24.17 3.93
N ILE J 43 19.85 24.34 2.64
CA ILE J 43 21.13 24.85 2.19
C ILE J 43 21.42 26.17 2.87
N VAL J 44 20.39 26.99 3.01
CA VAL J 44 20.52 28.25 3.72
C VAL J 44 21.07 28.02 5.11
N SER J 45 20.38 27.19 5.88
CA SER J 45 20.70 27.02 7.29
C SER J 45 22.14 26.57 7.48
N GLN J 46 22.70 25.90 6.48
CA GLN J 46 24.11 25.56 6.53
C GLN J 46 24.98 26.81 6.41
N LEU J 47 24.55 27.79 5.61
CA LEU J 47 25.38 28.97 5.40
C LEU J 47 25.59 29.71 6.70
N LEU J 48 24.49 30.01 7.39
CA LEU J 48 24.52 31.03 8.42
C LEU J 48 24.71 30.50 9.82
N PHE J 49 24.76 29.18 9.99
CA PHE J 49 25.35 28.63 11.20
C PHE J 49 26.81 29.03 11.29
N LEU J 50 27.47 29.16 10.16
CA LEU J 50 28.84 29.60 10.11
C LEU J 50 28.96 31.11 10.10
N ALA J 51 27.91 31.80 9.69
CA ALA J 51 27.95 33.26 9.57
C ALA J 51 28.24 33.91 10.90
N ALA J 52 27.72 33.33 11.99
CA ALA J 52 27.89 33.93 13.30
C ALA J 52 29.32 33.84 13.80
N GLU J 53 30.04 32.80 13.38
CA GLU J 53 31.31 32.45 13.99
C GLU J 53 32.43 33.43 13.66
N ASP J 54 32.64 33.71 12.38
CA ASP J 54 33.75 34.55 11.96
C ASP J 54 33.38 35.30 10.68
N PRO J 55 33.96 36.48 10.43
CA PRO J 55 33.86 37.10 9.11
C PRO J 55 35.05 36.81 8.19
N GLU J 56 36.11 36.17 8.70
CA GLU J 56 37.31 35.91 7.93
C GLU J 56 37.49 34.45 7.55
N LYS J 57 36.92 33.52 8.31
CA LYS J 57 37.12 32.11 8.03
C LYS J 57 36.48 31.75 6.71
N GLU J 58 37.32 31.53 5.70
CA GLU J 58 36.85 31.28 4.35
C GLU J 58 36.04 30.00 4.31
N ILE J 59 35.27 29.85 3.24
CA ILE J 59 34.34 28.76 3.05
C ILE J 59 34.40 28.32 1.61
N SER J 60 34.19 27.03 1.37
CA SER J 60 34.22 26.42 0.06
C SER J 60 32.81 26.00 -0.34
N LEU J 61 32.67 25.53 -1.58
CA LEU J 61 31.39 25.03 -2.04
C LEU J 61 31.52 24.18 -3.29
N TYR J 62 31.00 22.96 -3.22
CA TYR J 62 31.09 21.95 -4.26
C TYR J 62 29.71 21.65 -4.80
N ILE J 63 29.67 21.17 -6.04
CA ILE J 63 28.42 21.02 -6.78
C ILE J 63 28.43 19.71 -7.55
N ASN J 64 27.24 19.12 -7.70
CA ASN J 64 26.99 18.18 -8.80
C ASN J 64 25.48 18.09 -8.98
N SER J 65 24.96 18.82 -9.96
CA SER J 65 23.51 18.97 -10.13
C SER J 65 23.02 18.31 -11.41
N PRO J 66 21.87 17.65 -11.42
CA PRO J 66 21.26 17.23 -12.69
C PRO J 66 20.24 18.19 -13.26
N GLY J 67 19.97 19.30 -12.60
CA GLY J 67 18.96 20.22 -13.08
C GLY J 67 18.92 21.47 -12.25
N GLY J 68 17.70 21.93 -11.98
CA GLY J 68 17.50 23.07 -11.12
C GLY J 68 16.18 23.78 -11.33
N SER J 69 15.66 24.39 -10.27
CA SER J 69 14.48 25.23 -10.34
C SER J 69 14.86 26.63 -10.79
N ILE J 70 13.91 27.56 -10.66
CA ILE J 70 14.07 28.94 -11.07
C ILE J 70 13.77 29.89 -9.93
N THR J 71 12.65 29.69 -9.24
CA THR J 71 12.29 30.59 -8.15
C THR J 71 13.25 30.43 -6.99
N ALA J 72 13.65 29.21 -6.71
CA ALA J 72 14.61 28.97 -5.64
C ALA J 72 15.98 29.52 -5.98
N GLY J 73 16.28 29.64 -7.27
CA GLY J 73 17.57 30.16 -7.68
C GLY J 73 17.80 31.57 -7.18
N MET J 74 16.74 32.38 -7.18
CA MET J 74 16.80 33.72 -6.60
C MET J 74 16.38 33.67 -5.13
N ALA J 75 17.03 32.78 -4.41
CA ALA J 75 16.95 32.69 -2.96
C ALA J 75 18.33 32.61 -2.34
N ILE J 76 19.37 32.50 -3.14
CA ILE J 76 20.68 32.09 -2.68
C ILE J 76 21.74 33.08 -3.10
N TYR J 77 21.76 33.42 -4.38
CA TYR J 77 22.55 34.55 -4.86
C TYR J 77 22.21 35.80 -4.07
N ASP J 78 20.95 35.96 -3.70
CA ASP J 78 20.58 36.95 -2.70
C ASP J 78 21.31 36.70 -1.41
N THR J 79 21.18 35.49 -0.88
CA THR J 79 21.75 35.16 0.42
C THR J 79 23.26 35.28 0.41
N MET J 80 23.87 34.91 -0.70
CA MET J 80 25.32 34.84 -0.78
C MET J 80 25.98 36.20 -0.67
N GLN J 81 25.21 37.27 -0.82
CA GLN J 81 25.72 38.62 -0.71
C GLN J 81 25.06 39.32 0.48
N PHE J 82 25.86 40.19 1.10
CA PHE J 82 25.65 40.85 2.41
C PHE J 82 25.91 39.97 3.62
N ILE J 83 26.74 38.95 3.47
CA ILE J 83 27.33 38.23 4.59
C ILE J 83 28.77 38.72 4.73
N LYS J 84 29.28 38.64 5.96
CA LYS J 84 30.67 38.98 6.19
C LYS J 84 31.64 38.09 5.41
N PRO J 85 31.55 36.76 5.46
CA PRO J 85 32.65 35.95 4.94
C PRO J 85 32.75 35.93 3.43
N LYS J 86 33.92 35.50 2.97
CA LYS J 86 34.24 35.37 1.55
C LYS J 86 34.01 33.92 1.11
N VAL J 87 33.68 33.73 -0.17
CA VAL J 87 33.21 32.47 -0.69
C VAL J 87 34.00 32.08 -1.93
N SER J 88 34.19 30.77 -2.10
CA SER J 88 34.81 30.19 -3.27
C SER J 88 33.99 29.01 -3.73
N THR J 89 34.20 28.60 -4.98
CA THR J 89 33.37 27.61 -5.62
C THR J 89 34.18 26.73 -6.52
N ILE J 90 33.74 25.47 -6.61
CA ILE J 90 34.40 24.45 -7.40
C ILE J 90 33.32 23.56 -7.99
N CYS J 91 33.52 23.14 -9.23
CA CYS J 91 32.53 22.43 -10.00
C CYS J 91 32.98 21.01 -10.30
N ILE J 92 32.00 20.16 -10.59
CA ILE J 92 32.22 18.75 -10.88
C ILE J 92 31.23 18.32 -11.95
N GLY J 93 31.72 17.51 -12.88
CA GLY J 93 30.86 16.78 -13.80
C GLY J 93 29.92 17.61 -14.63
N MET J 94 28.64 17.51 -14.30
CA MET J 94 27.56 18.01 -15.15
C MET J 94 26.90 19.17 -14.44
N ALA J 95 27.28 20.38 -14.81
CA ALA J 95 26.65 21.59 -14.27
C ALA J 95 25.41 21.86 -15.09
N ALA J 96 24.32 21.36 -14.51
CA ALA J 96 22.96 21.26 -15.08
C ALA J 96 22.43 22.61 -15.51
N SER J 97 21.94 23.45 -14.60
CA SER J 97 21.32 24.78 -14.87
C SER J 97 21.00 25.44 -13.52
N MET J 98 20.73 26.74 -13.57
CA MET J 98 20.40 27.66 -12.45
C MET J 98 21.54 27.65 -11.43
N GLY J 99 21.75 26.58 -10.63
CA GLY J 99 22.86 26.42 -9.66
C GLY J 99 24.16 26.88 -10.27
N ALA J 100 24.44 26.38 -11.48
CA ALA J 100 25.46 26.86 -12.40
C ALA J 100 25.45 28.38 -12.25
N PHE J 101 24.32 29.02 -12.50
CA PHE J 101 24.45 30.46 -12.29
C PHE J 101 25.34 30.73 -11.09
N LEU J 102 25.35 29.82 -10.13
CA LEU J 102 26.12 30.01 -8.91
C LEU J 102 27.59 29.81 -9.14
N LEU J 103 27.94 29.04 -10.18
CA LEU J 103 29.33 28.87 -10.55
C LEU J 103 30.01 30.20 -10.78
N ALA J 104 29.28 31.17 -11.31
CA ALA J 104 29.81 32.50 -11.57
C ALA J 104 29.43 33.50 -10.49
N ALA J 105 29.42 33.05 -9.24
CA ALA J 105 28.90 33.86 -8.15
C ALA J 105 29.93 34.40 -7.15
N GLY J 106 31.14 33.88 -7.15
CA GLY J 106 32.15 34.32 -6.20
C GLY J 106 33.06 35.36 -6.80
N GLU J 107 34.30 35.37 -6.37
CA GLU J 107 35.29 36.32 -6.87
C GLU J 107 35.91 35.79 -8.16
N LYS J 108 36.42 36.72 -8.95
CA LYS J 108 36.98 36.46 -10.27
C LYS J 108 38.12 35.44 -10.26
N GLY J 109 38.68 35.08 -9.12
CA GLY J 109 39.83 34.19 -9.05
C GLY J 109 39.67 33.08 -8.02
N LYS J 110 38.45 32.60 -7.80
CA LYS J 110 38.17 31.58 -6.80
C LYS J 110 37.17 30.57 -7.32
N ARG J 111 37.19 30.30 -8.62
CA ARG J 111 36.14 29.52 -9.29
C ARG J 111 36.81 28.49 -10.18
N TYR J 112 37.21 27.37 -9.60
CA TYR J 112 37.99 26.38 -10.31
C TYR J 112 37.08 25.30 -10.90
N ALA J 113 37.73 24.31 -11.50
CA ALA J 113 37.03 23.21 -12.13
C ALA J 113 38.03 22.10 -12.42
N LEU J 114 37.58 21.10 -13.17
CA LEU J 114 38.31 19.87 -13.40
C LEU J 114 38.31 19.52 -14.88
N PRO J 115 39.36 18.85 -15.38
CA PRO J 115 39.46 18.64 -16.82
C PRO J 115 38.70 17.41 -17.32
N ASN J 116 37.52 17.18 -16.80
CA ASN J 116 36.61 16.22 -17.44
C ASN J 116 35.16 16.64 -17.33
N SER J 117 34.87 17.78 -16.71
CA SER J 117 33.71 18.55 -16.30
C SER J 117 33.08 19.20 -17.51
N GLU J 118 31.79 18.98 -17.67
CA GLU J 118 30.99 19.68 -18.65
C GLU J 118 30.08 20.68 -17.94
N VAL J 119 29.54 21.60 -18.72
CA VAL J 119 28.69 22.64 -18.17
C VAL J 119 27.76 23.14 -19.26
N MET J 120 26.51 23.38 -18.89
CA MET J 120 25.50 23.92 -19.77
C MET J 120 24.84 25.10 -19.10
N ILE J 121 24.05 25.83 -19.87
CA ILE J 121 23.41 27.05 -19.40
C ILE J 121 22.12 27.23 -20.17
N HIS J 122 21.02 27.36 -19.44
CA HIS J 122 19.68 27.20 -19.98
C HIS J 122 18.74 27.92 -19.02
N GLN J 123 17.43 27.67 -19.14
CA GLN J 123 16.48 28.31 -18.25
C GLN J 123 16.62 27.80 -16.81
N ALA J 138 3.61 32.67 -11.48
CA ALA J 138 2.89 33.69 -12.23
C ALA J 138 3.66 34.13 -13.45
N ALA J 139 2.98 34.87 -14.31
CA ALA J 139 3.56 35.30 -15.57
C ALA J 139 4.24 36.67 -15.42
N LYS J 140 3.65 37.56 -14.65
CA LYS J 140 4.22 38.90 -14.50
C LYS J 140 5.58 38.86 -13.86
N ARG J 141 5.89 37.82 -13.09
CA ARG J 141 7.20 37.74 -12.46
C ARG J 141 8.20 36.81 -13.14
N ILE J 142 7.74 35.72 -13.74
CA ILE J 142 8.70 34.77 -14.29
C ILE J 142 9.36 35.36 -15.51
N LEU J 143 8.57 35.90 -16.43
CA LEU J 143 9.14 36.59 -17.58
C LEU J 143 10.00 37.77 -17.17
N LEU J 144 9.77 38.30 -15.98
CA LEU J 144 10.61 39.39 -15.49
C LEU J 144 11.97 38.88 -15.03
N LEU J 145 12.02 37.65 -14.51
CA LEU J 145 13.20 37.23 -13.76
C LEU J 145 14.30 36.76 -14.68
N ARG J 146 13.97 35.97 -15.68
CA ARG J 146 14.99 35.50 -16.62
C ARG J 146 15.49 36.61 -17.53
N ASP J 147 14.95 37.81 -17.41
CA ASP J 147 15.56 39.02 -17.96
C ASP J 147 16.42 39.74 -16.94
N LYS J 148 15.99 39.75 -15.69
CA LYS J 148 16.83 40.28 -14.61
C LYS J 148 18.14 39.52 -14.53
N LEU J 149 18.05 38.20 -14.67
CA LEU J 149 19.24 37.36 -14.56
C LEU J 149 20.24 37.68 -15.65
N ASN J 150 19.77 37.95 -16.86
CA ASN J 150 20.68 38.31 -17.94
C ASN J 150 21.43 39.59 -17.61
N LYS J 151 20.76 40.58 -17.04
CA LYS J 151 21.41 41.79 -16.59
C LYS J 151 22.43 41.53 -15.51
N VAL J 152 22.35 40.39 -14.83
CA VAL J 152 23.39 40.02 -13.86
C VAL J 152 24.70 39.68 -14.56
N LEU J 153 24.63 39.24 -15.81
CA LEU J 153 25.82 39.02 -16.62
C LEU J 153 26.11 40.22 -17.52
N ALA J 154 25.33 41.30 -17.37
CA ALA J 154 25.79 42.63 -17.72
C ALA J 154 26.87 43.11 -16.76
N GLU J 155 27.20 42.22 -15.80
CA GLU J 155 28.33 42.43 -14.86
C GLU J 155 29.43 41.38 -15.05
N ARG J 156 29.08 40.10 -15.10
CA ARG J 156 30.07 38.99 -15.13
C ARG J 156 30.05 38.24 -16.46
N THR J 157 31.18 37.59 -16.77
CA THR J 157 31.46 36.75 -17.97
C THR J 157 31.39 37.48 -19.30
N GLY J 158 31.22 36.70 -20.38
CA GLY J 158 31.16 37.05 -21.82
C GLY J 158 30.42 38.32 -22.18
N GLN J 159 30.96 39.47 -21.76
CA GLN J 159 30.41 40.85 -21.85
C GLN J 159 29.20 41.00 -22.77
N PRO J 160 29.38 41.13 -24.10
CA PRO J 160 28.28 41.37 -25.06
C PRO J 160 26.98 40.60 -24.79
N LEU J 161 26.16 41.15 -23.89
CA LEU J 161 24.88 40.57 -23.43
C LEU J 161 24.12 40.09 -24.66
N GLU J 162 23.55 41.04 -25.37
CA GLU J 162 22.93 40.49 -26.58
C GLU J 162 23.60 39.15 -26.86
N VAL J 163 24.80 38.81 -26.34
CA VAL J 163 25.11 37.43 -26.72
C VAL J 163 24.90 36.48 -25.54
N ILE J 164 24.61 37.00 -24.37
CA ILE J 164 24.15 36.14 -23.30
C ILE J 164 22.84 35.47 -23.71
N GLU J 165 21.94 36.27 -24.28
CA GLU J 165 20.67 35.75 -24.75
C GLU J 165 20.88 34.81 -25.92
N ARG J 166 21.97 34.98 -26.66
CA ARG J 166 22.24 34.18 -27.84
C ARG J 166 22.39 32.71 -27.48
N ASP J 167 22.82 32.42 -26.26
CA ASP J 167 23.27 31.09 -25.91
C ASP J 167 22.33 30.34 -24.99
N THR J 168 21.79 30.98 -23.96
CA THR J 168 21.02 30.25 -22.96
C THR J 168 19.76 29.63 -23.56
N ASP J 169 19.23 30.23 -24.62
CA ASP J 169 18.12 29.63 -25.37
C ASP J 169 18.53 28.40 -26.16
N ARG J 170 19.83 28.14 -26.31
CA ARG J 170 20.34 27.03 -27.08
C ARG J 170 20.67 25.86 -26.17
N ASP J 171 20.65 24.66 -26.73
CA ASP J 171 21.06 23.43 -26.06
C ASP J 171 22.32 22.93 -26.76
N ASN J 172 23.47 23.29 -26.21
CA ASN J 172 24.74 22.73 -26.64
C ASN J 172 25.71 22.81 -25.48
N PHE J 173 26.23 21.66 -25.09
CA PHE J 173 27.08 21.59 -23.91
C PHE J 173 28.46 22.13 -24.21
N LYS J 174 29.21 22.38 -23.14
CA LYS J 174 30.55 22.94 -23.22
C LYS J 174 31.48 22.14 -22.35
N SER J 175 32.76 22.40 -22.53
CA SER J 175 33.84 21.78 -21.79
C SER J 175 34.43 22.79 -20.83
N ALA J 176 35.48 22.37 -20.14
CA ALA J 176 36.19 23.26 -19.26
C ALA J 176 36.84 24.39 -20.03
N GLU J 177 37.89 24.06 -20.80
CA GLU J 177 38.64 25.08 -21.51
C GLU J 177 37.80 25.74 -22.56
N GLU J 178 36.86 24.99 -23.14
CA GLU J 178 35.93 25.56 -24.09
C GLU J 178 35.02 26.59 -23.42
N ALA J 179 34.96 26.59 -22.08
CA ALA J 179 34.19 27.56 -21.33
C ALA J 179 35.05 28.64 -20.70
N LEU J 180 36.36 28.42 -20.59
CA LEU J 180 37.22 29.44 -20.02
C LEU J 180 37.19 30.71 -20.84
N GLU J 181 37.04 30.59 -22.16
CA GLU J 181 37.06 31.77 -23.01
C GLU J 181 35.95 32.78 -22.76
N TYR J 182 34.95 32.41 -21.94
CA TYR J 182 33.99 33.38 -21.44
C TYR J 182 34.54 34.09 -20.21
N GLY J 183 34.79 33.32 -19.15
CA GLY J 183 35.17 33.85 -17.86
C GLY J 183 34.37 33.26 -16.72
N LEU J 184 33.60 32.21 -17.00
CA LEU J 184 32.94 31.43 -15.96
C LEU J 184 33.94 30.87 -14.96
N ILE J 185 35.14 30.58 -15.43
CA ILE J 185 36.14 29.83 -14.69
C ILE J 185 37.47 30.53 -14.83
N ASP J 186 38.32 30.39 -13.82
CA ASP J 186 39.46 31.28 -13.66
C ASP J 186 40.77 30.60 -13.30
N LYS J 187 40.76 29.36 -12.80
CA LYS J 187 42.00 28.66 -12.44
C LYS J 187 41.70 27.16 -12.49
N ILE J 188 42.08 26.52 -13.59
CA ILE J 188 41.71 25.13 -13.79
C ILE J 188 42.68 24.21 -13.07
N LEU J 189 42.30 22.95 -12.96
CA LEU J 189 43.11 21.92 -12.32
C LEU J 189 42.51 20.53 -12.52
N ILE K 19 20.74 19.69 14.28
CA ILE K 19 21.00 20.97 13.62
C ILE K 19 20.24 22.11 14.30
N TYR K 20 19.07 21.81 14.86
CA TYR K 20 18.17 22.86 15.30
C TYR K 20 18.40 23.24 16.75
N SER K 21 18.82 22.29 17.58
CA SER K 21 19.15 22.64 18.95
C SER K 21 20.31 23.62 19.02
N ARG K 22 21.16 23.63 17.99
CA ARG K 22 22.23 24.62 17.91
C ARG K 22 21.72 25.95 17.39
N LEU K 23 20.71 25.92 16.53
CA LEU K 23 20.08 27.16 16.09
C LEU K 23 19.48 27.90 17.27
N LEU K 24 18.66 27.20 18.06
CA LEU K 24 17.98 27.83 19.18
C LEU K 24 18.96 28.38 20.18
N LYS K 25 20.11 27.74 20.33
CA LYS K 25 21.18 28.28 21.15
C LYS K 25 21.84 29.49 20.52
N ASP K 26 21.47 29.84 19.29
CA ASP K 26 21.91 31.06 18.64
C ASP K 26 20.83 32.14 18.65
N ARG K 27 19.68 31.87 19.25
CA ARG K 27 18.56 32.82 19.33
C ARG K 27 18.06 33.18 17.92
N ILE K 28 17.87 32.13 17.10
CA ILE K 28 17.45 32.30 15.72
C ILE K 28 16.44 31.23 15.38
N ILE K 29 15.52 31.57 14.47
CA ILE K 29 14.38 30.75 14.08
C ILE K 29 14.38 30.68 12.56
N MET K 30 13.68 29.69 12.02
CA MET K 30 13.36 29.65 10.61
C MET K 30 11.93 29.18 10.43
N LEU K 31 11.34 29.62 9.34
CA LEU K 31 9.93 29.38 9.02
C LEU K 31 9.83 29.42 7.50
N GLY K 32 9.81 28.24 6.87
CA GLY K 32 10.08 28.16 5.46
C GLY K 32 9.23 27.25 4.63
N SER K 33 8.26 26.55 5.24
CA SER K 33 7.53 25.50 4.56
C SER K 33 6.08 25.87 4.28
N ALA K 34 5.30 26.10 5.33
CA ALA K 34 3.86 26.25 5.18
C ALA K 34 3.30 26.66 6.53
N ILE K 35 1.98 26.74 6.61
CA ILE K 35 1.29 27.05 7.85
C ILE K 35 0.07 26.15 7.95
N ASP K 36 0.04 25.32 8.99
CA ASP K 36 -1.09 24.45 9.28
C ASP K 36 -1.32 24.47 10.79
N ASP K 37 -2.07 23.49 11.29
CA ASP K 37 -2.23 23.36 12.73
C ASP K 37 -0.96 22.87 13.38
N ASN K 38 -0.27 21.93 12.74
CA ASN K 38 0.83 21.22 13.39
C ASN K 38 1.98 22.15 13.71
N VAL K 39 2.46 22.87 12.70
CA VAL K 39 3.69 23.61 12.83
C VAL K 39 3.52 24.78 13.80
N ALA K 40 2.34 25.38 13.81
CA ALA K 40 2.08 26.53 14.67
C ALA K 40 2.28 26.18 16.14
N ASN K 41 1.94 24.95 16.49
CA ASN K 41 2.12 24.51 17.87
C ASN K 41 3.60 24.44 18.20
N SER K 42 4.43 24.18 17.19
CA SER K 42 5.86 24.12 17.40
C SER K 42 6.42 25.51 17.64
N ILE K 43 5.96 26.47 16.84
CA ILE K 43 6.62 27.76 16.77
C ILE K 43 6.43 28.52 18.07
N VAL K 44 5.21 28.48 18.60
CA VAL K 44 4.91 29.07 19.90
C VAL K 44 5.85 28.53 20.96
N SER K 45 6.15 27.24 20.88
CA SER K 45 7.04 26.66 21.85
C SER K 45 8.46 27.16 21.66
N GLN K 46 8.89 27.27 20.41
CA GLN K 46 10.16 27.92 20.12
C GLN K 46 10.15 29.34 20.65
N LEU K 47 9.04 30.04 20.44
CA LEU K 47 8.87 31.36 21.04
C LEU K 47 8.93 31.27 22.54
N LEU K 48 8.33 30.23 23.11
CA LEU K 48 8.16 30.14 24.54
C LEU K 48 9.32 29.47 25.24
N PHE K 49 10.22 28.83 24.50
CA PHE K 49 11.43 28.30 25.12
C PHE K 49 12.23 29.43 25.73
N LEU K 50 12.25 30.58 25.07
CA LEU K 50 12.96 31.73 25.58
C LEU K 50 12.25 32.39 26.73
N ALA K 51 10.97 32.06 26.94
CA ALA K 51 10.27 32.56 28.11
C ALA K 51 10.96 32.12 29.40
N ALA K 52 11.29 30.83 29.50
CA ALA K 52 12.02 30.35 30.65
C ALA K 52 13.42 30.94 30.72
N GLU K 53 14.00 31.29 29.58
CA GLU K 53 15.27 31.99 29.55
C GLU K 53 15.07 33.46 29.89
N ASP K 54 16.12 34.24 29.75
CA ASP K 54 16.01 35.65 30.01
C ASP K 54 15.06 36.27 28.98
N PRO K 55 14.14 37.16 29.39
CA PRO K 55 13.39 37.91 28.38
C PRO K 55 14.18 39.02 27.70
N GLU K 56 15.47 39.12 27.96
CA GLU K 56 16.39 39.98 27.23
C GLU K 56 16.93 39.18 26.04
N LYS K 57 18.01 39.66 25.44
CA LYS K 57 18.72 38.93 24.39
C LYS K 57 17.81 38.72 23.17
N GLU K 58 17.54 39.83 22.52
CA GLU K 58 16.60 39.87 21.40
C GLU K 58 17.00 38.88 20.32
N ILE K 59 16.04 38.62 19.43
CA ILE K 59 16.14 37.52 18.48
C ILE K 59 15.93 38.07 17.08
N SER K 60 15.90 37.15 16.14
CA SER K 60 15.63 37.41 14.74
C SER K 60 14.51 36.50 14.28
N LEU K 61 14.09 36.67 13.03
CA LEU K 61 13.08 35.81 12.46
C LEU K 61 13.11 35.92 10.95
N TYR K 62 13.31 34.78 10.29
CA TYR K 62 13.47 34.67 8.85
C TYR K 62 12.30 33.89 8.29
N ILE K 63 11.98 34.16 7.03
CA ILE K 63 10.76 33.65 6.41
C ILE K 63 11.07 33.18 5.00
N ASN K 64 10.35 32.14 4.55
CA ASN K 64 10.16 31.91 3.12
C ASN K 64 8.91 31.05 2.97
N SER K 65 7.78 31.71 2.71
CA SER K 65 6.47 31.06 2.71
C SER K 65 5.87 31.03 1.32
N PRO K 66 5.21 29.95 0.91
CA PRO K 66 4.46 29.98 -0.35
C PRO K 66 3.00 30.36 -0.17
N GLY K 67 2.55 30.45 1.07
CA GLY K 67 1.13 30.61 1.33
C GLY K 67 0.89 30.88 2.79
N GLY K 68 -0.33 30.56 3.22
CA GLY K 68 -0.68 30.65 4.62
C GLY K 68 -2.16 30.55 4.88
N SER K 69 -2.52 30.03 6.04
CA SER K 69 -3.91 29.97 6.48
C SER K 69 -4.28 31.26 7.18
N ILE K 70 -5.44 31.25 7.83
CA ILE K 70 -6.06 32.44 8.38
C ILE K 70 -6.31 32.29 9.88
N THR K 71 -6.82 31.13 10.30
CA THR K 71 -7.11 30.93 11.71
C THR K 71 -5.84 30.89 12.53
N ALA K 72 -4.79 30.28 12.00
CA ALA K 72 -3.52 30.23 12.71
C ALA K 72 -2.82 31.58 12.70
N GLY K 73 -3.20 32.45 11.77
CA GLY K 73 -2.60 33.77 11.72
C GLY K 73 -2.81 34.55 13.01
N MET K 74 -4.01 34.44 13.56
CA MET K 74 -4.33 35.05 14.84
C MET K 74 -4.08 34.07 15.97
N ALA K 75 -2.87 33.50 15.94
CA ALA K 75 -2.35 32.65 16.99
C ALA K 75 -1.01 33.17 17.48
N ILE K 76 -0.42 34.08 16.71
CA ILE K 76 0.99 34.41 16.80
C ILE K 76 1.15 35.89 17.06
N TYR K 77 0.38 36.68 16.32
CA TYR K 77 0.43 38.13 16.41
C TYR K 77 0.28 38.60 17.84
N ASP K 78 -0.72 38.07 18.53
CA ASP K 78 -0.88 38.37 19.95
C ASP K 78 0.32 37.92 20.75
N THR K 79 0.90 36.78 20.38
CA THR K 79 1.97 36.19 21.18
C THR K 79 3.17 37.11 21.23
N MET K 80 3.46 37.77 20.11
CA MET K 80 4.63 38.63 20.04
C MET K 80 4.54 39.81 21.00
N GLN K 81 3.34 40.20 21.37
CA GLN K 81 3.14 41.37 22.22
C GLN K 81 3.06 40.99 23.68
N PHE K 82 2.60 39.77 23.99
CA PHE K 82 2.51 39.33 25.37
C PHE K 82 3.88 39.23 26.01
N ILE K 83 4.89 38.82 25.24
CA ILE K 83 6.18 38.53 25.83
C ILE K 83 6.90 39.84 26.15
N LYS K 84 7.93 39.73 26.99
CA LYS K 84 8.78 40.87 27.29
C LYS K 84 9.82 41.19 26.21
N PRO K 85 10.46 40.21 25.56
CA PRO K 85 11.51 40.54 24.60
C PRO K 85 11.04 41.40 23.45
N LYS K 86 12.02 41.99 22.76
CA LYS K 86 11.82 42.76 21.54
C LYS K 86 12.24 41.91 20.35
N VAL K 87 11.62 42.16 19.20
CA VAL K 87 11.71 41.26 18.05
C VAL K 87 11.95 42.06 16.79
N SER K 88 12.71 41.46 15.87
CA SER K 88 12.96 41.99 14.55
C SER K 88 12.66 40.92 13.52
N THR K 89 12.54 41.36 12.27
CA THR K 89 12.09 40.48 11.20
C THR K 89 12.84 40.77 9.92
N ILE K 90 13.05 39.73 9.13
CA ILE K 90 13.75 39.81 7.87
C ILE K 90 13.08 38.84 6.92
N CYS K 91 12.95 39.26 5.66
CA CYS K 91 12.25 38.52 4.64
C CYS K 91 13.20 38.01 3.58
N ILE K 92 12.71 37.04 2.82
CA ILE K 92 13.46 36.39 1.75
C ILE K 92 12.49 36.06 0.62
N GLY K 93 12.89 36.40 -0.59
CA GLY K 93 12.23 35.88 -1.77
C GLY K 93 10.78 36.26 -1.83
N MET K 94 9.93 35.30 -1.49
CA MET K 94 8.50 35.42 -1.62
C MET K 94 7.85 35.54 -0.25
N ALA K 95 6.75 36.26 -0.11
CA ALA K 95 6.00 36.33 1.17
C ALA K 95 4.55 36.06 0.87
N ALA K 96 4.20 34.78 0.65
CA ALA K 96 2.88 34.24 0.27
C ALA K 96 1.73 35.13 0.78
N SER K 97 1.41 35.12 2.08
CA SER K 97 0.35 35.89 2.80
C SER K 97 0.25 35.33 4.22
N MET K 98 -0.36 36.12 5.12
CA MET K 98 -0.64 35.87 6.56
C MET K 98 0.65 35.89 7.37
N GLY K 99 1.65 35.06 7.11
CA GLY K 99 2.94 35.22 7.79
C GLY K 99 3.47 36.59 7.46
N ALA K 100 3.42 36.91 6.15
CA ALA K 100 3.77 38.19 5.51
C ALA K 100 3.39 39.34 6.44
N PHE K 101 2.10 39.42 6.79
CA PHE K 101 1.49 40.35 7.75
C PHE K 101 2.50 40.37 8.90
N LEU K 102 2.94 39.18 9.28
CA LEU K 102 3.95 39.14 10.31
C LEU K 102 5.15 39.97 9.94
N LEU K 103 5.33 40.25 8.65
CA LEU K 103 6.40 41.12 8.22
C LEU K 103 6.35 42.46 8.91
N ALA K 104 5.15 42.98 9.12
CA ALA K 104 4.96 44.28 9.74
C ALA K 104 4.55 44.16 11.21
N ALA K 105 5.10 43.16 11.90
CA ALA K 105 4.69 42.86 13.26
C ALA K 105 5.61 43.43 14.31
N GLY K 106 6.87 43.64 13.98
CA GLY K 106 7.82 44.15 14.95
C GLY K 106 7.71 45.64 15.07
N GLU K 107 8.86 46.31 15.12
CA GLU K 107 8.92 47.74 15.26
C GLU K 107 9.13 48.38 13.90
N LYS K 108 8.76 49.65 13.82
CA LYS K 108 8.91 50.45 12.61
C LYS K 108 10.34 50.54 12.08
N GLY K 109 11.36 50.08 12.82
CA GLY K 109 12.74 50.23 12.40
C GLY K 109 13.60 48.99 12.50
N LYS K 110 12.99 47.81 12.50
CA LYS K 110 13.73 46.55 12.56
C LYS K 110 13.11 45.51 11.64
N ARG K 111 12.79 45.94 10.42
CA ARG K 111 12.08 45.08 9.46
C ARG K 111 12.77 45.23 8.11
N TYR K 112 13.83 44.47 7.91
CA TYR K 112 14.66 44.60 6.73
C TYR K 112 14.21 43.65 5.65
N ALA K 113 14.93 43.71 4.53
CA ALA K 113 14.63 42.88 3.38
C ALA K 113 15.81 42.94 2.42
N LEU K 114 15.61 42.40 1.23
CA LEU K 114 16.65 42.19 0.25
C LEU K 114 16.19 42.70 -1.11
N PRO K 115 17.11 43.02 -2.01
CA PRO K 115 16.69 43.65 -3.28
C PRO K 115 16.27 42.66 -4.35
N ASN K 116 15.61 41.59 -3.94
CA ASN K 116 14.96 40.67 -4.87
C ASN K 116 13.67 40.10 -4.29
N SER K 117 13.28 40.51 -3.09
CA SER K 117 12.25 39.82 -2.32
C SER K 117 10.89 40.37 -2.72
N GLU K 118 10.25 39.67 -3.62
CA GLU K 118 8.88 40.00 -3.98
C GLU K 118 7.95 39.66 -2.82
N VAL K 119 6.92 40.47 -2.64
CA VAL K 119 5.93 40.24 -1.62
C VAL K 119 4.55 40.59 -2.19
N MET K 120 3.57 39.76 -1.86
CA MET K 120 2.21 39.97 -2.31
C MET K 120 1.31 40.01 -1.08
N ILE K 121 0.03 40.27 -1.33
CA ILE K 121 -0.98 40.42 -0.30
C ILE K 121 -2.23 39.73 -0.80
N HIS K 122 -2.96 39.09 0.08
CA HIS K 122 -4.20 38.41 -0.26
C HIS K 122 -4.87 37.98 1.03
N GLN K 123 -5.92 37.18 0.91
CA GLN K 123 -6.57 36.60 2.08
C GLN K 123 -5.65 35.57 2.73
N ALA K 138 -16.33 28.71 10.46
CA ALA K 138 -17.63 29.33 10.70
C ALA K 138 -17.73 30.70 10.06
N ALA K 139 -18.93 31.02 9.59
CA ALA K 139 -19.13 32.28 8.90
C ALA K 139 -19.09 33.45 9.85
N LYS K 140 -19.74 33.33 11.00
CA LYS K 140 -19.96 34.46 11.89
C LYS K 140 -18.67 35.11 12.38
N ARG K 141 -17.53 34.44 12.23
CA ARG K 141 -16.24 34.97 12.68
C ARG K 141 -15.19 35.06 11.59
N ILE K 142 -15.26 34.20 10.58
CA ILE K 142 -14.24 34.26 9.53
C ILE K 142 -14.32 35.58 8.81
N LEU K 143 -15.54 36.06 8.57
CA LEU K 143 -15.71 37.41 8.03
C LEU K 143 -15.09 38.44 8.95
N LEU K 144 -15.15 38.19 10.26
CA LEU K 144 -14.87 39.24 11.23
C LEU K 144 -13.39 39.57 11.28
N LEU K 145 -12.54 38.65 10.87
CA LEU K 145 -11.12 38.79 11.15
C LEU K 145 -10.39 39.48 10.01
N ARG K 146 -10.73 39.15 8.77
CA ARG K 146 -10.19 39.90 7.65
C ARG K 146 -10.67 41.34 7.63
N ASP K 147 -11.69 41.66 8.42
CA ASP K 147 -12.02 43.03 8.77
C ASP K 147 -11.12 43.54 9.88
N LYS K 148 -10.80 42.69 10.86
CA LYS K 148 -9.96 43.11 11.97
C LYS K 148 -8.56 43.46 11.49
N LEU K 149 -8.05 42.71 10.51
CA LEU K 149 -6.71 42.98 10.02
C LEU K 149 -6.65 44.29 9.29
N ASN K 150 -7.64 44.55 8.43
CA ASN K 150 -7.68 45.81 7.70
C ASN K 150 -7.76 47.00 8.63
N LYS K 151 -8.28 46.80 9.83
CA LYS K 151 -8.27 47.84 10.85
C LYS K 151 -6.88 48.09 11.42
N VAL K 152 -5.90 47.25 11.07
CA VAL K 152 -4.61 47.27 11.76
C VAL K 152 -3.57 48.02 10.94
N LEU K 153 -3.36 47.57 9.70
CA LEU K 153 -2.17 47.97 8.95
C LEU K 153 -2.15 49.47 8.70
N ALA K 154 -3.30 50.11 8.62
CA ALA K 154 -3.36 51.56 8.60
C ALA K 154 -2.75 52.19 9.84
N GLU K 155 -2.75 51.48 10.97
CA GLU K 155 -2.05 51.95 12.15
C GLU K 155 -0.55 51.76 12.05
N ARG K 156 -0.11 50.77 11.27
CA ARG K 156 1.30 50.47 11.11
C ARG K 156 1.90 51.21 9.92
N THR K 157 1.25 51.13 8.76
CA THR K 157 1.67 51.90 7.60
C THR K 157 1.32 53.38 7.71
N GLY K 158 0.21 53.71 8.36
CA GLY K 158 -0.30 55.05 8.35
C GLY K 158 -1.26 55.37 7.22
N GLN K 159 -1.41 54.46 6.25
CA GLN K 159 -2.28 54.69 5.11
C GLN K 159 -3.74 54.64 5.52
N PRO K 160 -4.68 55.00 4.65
CA PRO K 160 -6.10 54.89 4.98
C PRO K 160 -6.62 53.47 5.02
N LEU K 161 -7.94 53.33 5.14
CA LEU K 161 -8.61 52.04 5.18
C LEU K 161 -9.06 51.57 3.82
N GLU K 162 -9.97 52.31 3.20
CA GLU K 162 -10.71 51.78 2.05
C GLU K 162 -9.83 51.68 0.81
N VAL K 163 -8.59 52.15 0.90
CA VAL K 163 -7.59 51.82 -0.11
C VAL K 163 -6.97 50.45 0.18
N ILE K 164 -7.02 50.00 1.43
CA ILE K 164 -6.45 48.70 1.79
C ILE K 164 -7.28 47.58 1.18
N GLU K 165 -8.57 47.53 1.52
CA GLU K 165 -9.47 46.55 0.92
C GLU K 165 -9.51 46.70 -0.59
N ARG K 166 -9.30 47.91 -1.08
CA ARG K 166 -9.24 48.17 -2.51
C ARG K 166 -8.06 47.43 -3.14
N ASP K 167 -6.97 47.25 -2.38
CA ASP K 167 -5.74 46.68 -2.90
C ASP K 167 -5.47 45.26 -2.41
N THR K 168 -6.06 44.84 -1.31
CA THR K 168 -5.79 43.51 -0.76
C THR K 168 -6.63 42.42 -1.42
N ASP K 169 -7.79 42.77 -1.95
CA ASP K 169 -8.69 41.81 -2.57
C ASP K 169 -8.23 41.36 -3.95
N ARG K 170 -7.37 42.14 -4.60
CA ARG K 170 -6.86 41.79 -5.91
C ARG K 170 -5.62 40.93 -5.75
N ASP K 171 -4.87 40.76 -6.84
CA ASP K 171 -3.60 40.06 -6.83
C ASP K 171 -2.63 40.83 -7.70
N ASN K 172 -1.50 41.23 -7.10
CA ASN K 172 -0.47 41.92 -7.85
C ASN K 172 0.77 42.00 -6.98
N PHE K 173 1.90 41.61 -7.57
CA PHE K 173 3.15 41.47 -6.83
C PHE K 173 3.87 42.81 -6.79
N LYS K 174 4.44 43.12 -5.64
CA LYS K 174 5.21 44.33 -5.44
C LYS K 174 6.56 43.97 -4.86
N SER K 175 7.58 44.67 -5.33
CA SER K 175 8.96 44.42 -4.94
C SER K 175 9.29 45.20 -3.69
N ALA K 176 10.58 45.32 -3.41
CA ALA K 176 11.03 45.99 -2.20
C ALA K 176 10.58 47.44 -2.13
N GLU K 177 11.16 48.32 -2.97
CA GLU K 177 10.88 49.74 -2.84
C GLU K 177 9.43 50.04 -3.18
N GLU K 178 8.79 49.17 -3.95
CA GLU K 178 7.38 49.29 -4.18
C GLU K 178 6.58 49.14 -2.90
N ALA K 179 7.18 48.55 -1.86
CA ALA K 179 6.59 48.46 -0.54
C ALA K 179 7.17 49.46 0.45
N LEU K 180 8.40 49.93 0.21
CA LEU K 180 8.95 50.96 1.08
C LEU K 180 8.11 52.21 1.09
N GLU K 181 7.44 52.52 -0.03
CA GLU K 181 6.54 53.65 -0.08
C GLU K 181 5.45 53.53 0.97
N TYR K 182 5.04 52.30 1.29
CA TYR K 182 3.99 52.10 2.26
C TYR K 182 4.51 52.23 3.69
N GLY K 183 5.42 51.36 4.08
CA GLY K 183 5.89 51.27 5.45
C GLY K 183 6.05 49.85 5.96
N LEU K 184 5.81 48.87 5.09
CA LEU K 184 6.09 47.48 5.41
C LEU K 184 7.54 47.27 5.80
N ILE K 185 8.44 48.06 5.24
CA ILE K 185 9.86 47.85 5.33
C ILE K 185 10.52 49.18 5.64
N ASP K 186 11.66 49.12 6.33
CA ASP K 186 12.24 50.29 6.95
C ASP K 186 13.74 50.45 6.76
N LYS K 187 14.48 49.41 6.39
CA LYS K 187 15.93 49.50 6.19
C LYS K 187 16.33 48.34 5.27
N ILE K 188 16.58 48.67 4.01
CA ILE K 188 16.81 47.65 3.00
C ILE K 188 18.27 47.24 2.98
N LEU K 189 18.53 46.11 2.33
CA LEU K 189 19.86 45.58 2.13
C LEU K 189 19.79 44.38 1.21
N ILE L 19 14.33 19.92 24.26
CA ILE L 19 13.12 20.73 24.10
C ILE L 19 11.96 20.14 24.90
N TYR L 20 11.67 18.86 24.71
CA TYR L 20 10.47 18.28 25.28
C TYR L 20 10.64 17.95 26.76
N SER L 21 11.84 17.56 27.16
CA SER L 21 12.16 17.58 28.58
C SER L 21 12.37 19.00 29.06
N ARG L 22 12.99 19.83 28.22
CA ARG L 22 13.15 21.23 28.52
C ARG L 22 11.83 21.97 28.46
N LEU L 23 10.83 21.38 27.82
CA LEU L 23 9.46 21.83 28.01
C LEU L 23 8.99 21.53 29.43
N LEU L 24 9.13 20.27 29.84
CA LEU L 24 8.82 19.88 31.20
C LEU L 24 9.61 20.64 32.22
N LYS L 25 10.87 20.85 31.84
CA LYS L 25 11.75 21.75 32.60
C LYS L 25 10.89 22.97 32.90
N ASP L 26 11.19 23.68 33.99
CA ASP L 26 10.47 24.87 34.51
C ASP L 26 8.95 24.74 34.44
N ARG L 27 8.40 23.58 34.82
CA ARG L 27 6.96 23.32 34.95
C ARG L 27 6.10 23.98 33.86
N ILE L 28 6.14 23.48 32.64
CA ILE L 28 5.30 23.94 31.53
C ILE L 28 4.88 22.76 30.67
N ILE L 29 3.68 22.87 30.12
CA ILE L 29 3.04 21.88 29.27
C ILE L 29 2.56 22.60 28.02
N MET L 30 2.32 21.83 26.96
CA MET L 30 1.50 22.30 25.86
C MET L 30 0.50 21.21 25.50
N LEU L 31 -0.64 21.67 25.01
CA LEU L 31 -1.75 20.79 24.67
C LEU L 31 -2.53 21.46 23.55
N GLY L 32 -2.23 21.08 22.31
CA GLY L 32 -2.63 21.91 21.19
C GLY L 32 -3.09 21.20 19.93
N SER L 33 -3.12 19.87 19.94
CA SER L 33 -3.51 19.11 18.75
C SER L 33 -4.95 18.63 18.82
N ALA L 34 -5.24 17.77 19.77
CA ALA L 34 -6.53 17.12 19.90
C ALA L 34 -6.52 16.40 21.23
N ILE L 35 -7.56 15.64 21.49
CA ILE L 35 -7.67 14.90 22.73
C ILE L 35 -7.01 13.53 22.57
N ASP L 36 -6.19 13.14 23.57
CA ASP L 36 -5.59 11.83 23.62
C ASP L 36 -5.39 11.40 25.06
N ASP L 37 -5.09 10.12 25.24
CA ASP L 37 -5.20 9.48 26.54
C ASP L 37 -3.93 9.51 27.36
N ASN L 38 -3.03 10.44 27.10
CA ASN L 38 -1.62 10.25 27.43
C ASN L 38 -0.99 11.41 28.16
N VAL L 39 -1.76 12.42 28.54
CA VAL L 39 -1.18 13.60 29.16
C VAL L 39 -1.06 13.46 30.67
N ALA L 40 -1.93 12.70 31.31
CA ALA L 40 -1.77 12.44 32.73
C ALA L 40 -0.42 11.82 33.01
N ASN L 41 0.00 10.95 32.09
CA ASN L 41 1.34 10.38 32.14
C ASN L 41 2.38 11.48 32.15
N SER L 42 2.17 12.51 31.34
CA SER L 42 3.08 13.65 31.31
C SER L 42 2.97 14.51 32.55
N ILE L 43 2.00 14.24 33.41
CA ILE L 43 1.69 15.14 34.51
C ILE L 43 2.19 14.60 35.83
N VAL L 44 2.07 13.29 36.05
CA VAL L 44 2.16 12.81 37.42
C VAL L 44 3.60 12.86 37.91
N SER L 45 4.56 12.88 37.00
CA SER L 45 5.92 13.24 37.39
C SER L 45 5.92 14.60 38.05
N GLN L 46 5.27 15.57 37.42
CA GLN L 46 5.27 16.93 37.93
C GLN L 46 4.57 17.00 39.27
N LEU L 47 3.32 16.52 39.32
CA LEU L 47 2.55 16.63 40.55
C LEU L 47 3.23 15.91 41.70
N LEU L 48 3.92 14.83 41.40
CA LEU L 48 4.59 14.06 42.44
C LEU L 48 5.99 14.61 42.71
N PHE L 49 6.75 14.90 41.66
CA PHE L 49 8.11 15.38 41.88
C PHE L 49 8.10 16.80 42.42
N LEU L 50 7.14 17.62 42.00
CA LEU L 50 7.12 19.01 42.46
C LEU L 50 6.51 19.13 43.84
N ALA L 51 5.37 18.49 44.10
CA ALA L 51 4.82 18.47 45.45
C ALA L 51 5.80 17.83 46.42
N ALA L 52 6.65 16.94 45.92
CA ALA L 52 7.81 16.51 46.69
C ALA L 52 8.79 17.66 46.88
N GLU L 53 9.03 18.44 45.82
CA GLU L 53 9.92 19.59 45.93
C GLU L 53 9.22 20.76 46.58
N ASP L 54 8.26 21.34 45.89
CA ASP L 54 7.42 22.40 46.42
C ASP L 54 6.12 22.43 45.62
N PRO L 55 4.96 22.15 46.23
CA PRO L 55 3.71 22.24 45.47
C PRO L 55 3.20 23.66 45.23
N GLU L 56 3.98 24.69 45.55
CA GLU L 56 3.56 26.08 45.43
C GLU L 56 4.21 26.82 44.28
N LYS L 57 5.20 26.24 43.61
CA LYS L 57 5.91 26.95 42.55
C LYS L 57 4.99 27.21 41.36
N GLU L 58 5.44 28.09 40.47
CA GLU L 58 4.63 28.54 39.34
C GLU L 58 4.59 27.45 38.26
N ILE L 59 3.57 26.59 38.38
CA ILE L 59 3.20 25.66 37.30
C ILE L 59 2.14 26.33 36.43
N SER L 60 2.07 25.90 35.17
CA SER L 60 1.26 26.56 34.16
C SER L 60 0.59 25.50 33.29
N LEU L 61 -0.24 25.96 32.37
CA LEU L 61 -0.87 25.09 31.40
C LEU L 61 -1.50 25.91 30.29
N TYR L 62 -1.18 25.54 29.05
CA TYR L 62 -1.58 26.27 27.86
C TYR L 62 -2.41 25.33 26.99
N ILE L 63 -3.21 25.92 26.10
CA ILE L 63 -4.16 25.18 25.30
C ILE L 63 -4.22 25.76 23.89
N ASN L 64 -4.51 24.91 22.90
CA ASN L 64 -5.14 25.37 21.66
C ASN L 64 -5.76 24.16 20.98
N SER L 65 -7.08 23.96 21.21
CA SER L 65 -7.72 22.73 20.77
C SER L 65 -8.88 23.01 19.81
N PRO L 66 -9.16 22.08 18.87
CA PRO L 66 -10.34 22.23 18.02
C PRO L 66 -11.58 21.52 18.58
N GLY L 67 -11.36 20.59 19.50
CA GLY L 67 -12.46 19.82 20.06
C GLY L 67 -11.92 18.73 20.94
N GLY L 68 -12.84 17.90 21.44
CA GLY L 68 -12.45 16.76 22.23
C GLY L 68 -13.63 15.86 22.50
N SER L 69 -13.34 14.78 23.21
CA SER L 69 -14.34 13.78 23.56
C SER L 69 -14.99 14.15 24.89
N ILE L 70 -15.72 13.20 25.44
CA ILE L 70 -16.53 13.41 26.63
C ILE L 70 -16.09 12.52 27.78
N THR L 71 -15.76 11.26 27.48
CA THR L 71 -15.38 10.33 28.52
C THR L 71 -13.94 10.58 28.95
N ALA L 72 -13.07 10.92 28.00
CA ALA L 72 -11.69 11.24 28.33
C ALA L 72 -11.61 12.50 29.15
N GLY L 73 -12.58 13.40 28.99
CA GLY L 73 -12.56 14.63 29.77
C GLY L 73 -12.64 14.37 31.26
N MET L 74 -13.34 13.31 31.64
CA MET L 74 -13.43 12.90 33.04
C MET L 74 -12.35 11.88 33.36
N ALA L 75 -11.15 12.28 33.05
CA ALA L 75 -9.90 11.66 33.43
C ALA L 75 -8.98 12.65 34.11
N ILE L 76 -9.31 13.93 34.06
CA ILE L 76 -8.35 14.99 34.25
C ILE L 76 -8.80 15.94 35.33
N TYR L 77 -10.06 16.36 35.25
CA TYR L 77 -10.62 17.31 36.21
C TYR L 77 -10.50 16.79 37.62
N ASP L 78 -10.68 15.48 37.78
CA ASP L 78 -10.40 14.85 39.07
C ASP L 78 -8.93 14.97 39.41
N THR L 79 -8.06 14.70 38.43
CA THR L 79 -6.64 14.63 38.70
C THR L 79 -6.09 15.97 39.14
N MET L 80 -6.72 17.05 38.69
CA MET L 80 -6.32 18.40 39.04
C MET L 80 -6.77 18.81 40.43
N GLN L 81 -7.37 17.90 41.19
CA GLN L 81 -7.85 18.16 42.54
C GLN L 81 -7.41 17.09 43.52
N PHE L 82 -7.11 15.88 43.05
CA PHE L 82 -6.57 14.83 43.91
C PHE L 82 -5.26 15.27 44.54
N ILE L 83 -4.49 16.10 43.84
CA ILE L 83 -3.17 16.50 44.29
C ILE L 83 -3.21 17.70 45.23
N LYS L 84 -2.05 18.00 45.81
CA LYS L 84 -1.85 19.18 46.65
C LYS L 84 -1.57 20.46 45.86
N PRO L 85 -0.67 20.46 44.87
CA PRO L 85 -0.29 21.70 44.20
C PRO L 85 -1.46 22.45 43.55
N LYS L 86 -1.19 23.72 43.25
CA LYS L 86 -2.14 24.60 42.59
C LYS L 86 -1.74 24.81 41.14
N VAL L 87 -2.72 25.20 40.33
CA VAL L 87 -2.59 25.17 38.89
C VAL L 87 -3.22 26.44 38.31
N SER L 88 -2.62 26.92 37.23
CA SER L 88 -3.11 28.06 36.48
C SER L 88 -3.35 27.63 35.04
N THR L 89 -4.12 28.44 34.32
CA THR L 89 -4.60 28.05 33.02
C THR L 89 -4.68 29.26 32.13
N ILE L 90 -4.33 29.06 30.86
CA ILE L 90 -4.25 30.12 29.88
C ILE L 90 -4.70 29.58 28.53
N CYS L 91 -5.38 30.42 27.75
CA CYS L 91 -6.06 30.02 26.55
C CYS L 91 -5.44 30.62 25.29
N ILE L 92 -5.72 29.97 24.16
CA ILE L 92 -5.32 30.45 22.84
C ILE L 92 -6.46 30.14 21.88
N GLY L 93 -7.19 31.15 21.47
CA GLY L 93 -8.08 31.03 20.34
C GLY L 93 -9.23 30.07 20.54
N MET L 94 -9.13 28.93 19.86
CA MET L 94 -10.20 27.95 19.81
C MET L 94 -10.26 27.21 21.14
N ALA L 95 -11.18 27.54 22.02
CA ALA L 95 -11.38 26.69 23.23
C ALA L 95 -12.45 25.71 22.80
N ALA L 96 -12.15 25.02 21.69
CA ALA L 96 -12.98 24.05 20.93
C ALA L 96 -14.19 23.54 21.74
N SER L 97 -14.01 22.60 22.66
CA SER L 97 -15.09 21.96 23.47
C SER L 97 -14.47 21.04 24.50
N MET L 98 -15.27 20.55 25.45
CA MET L 98 -14.87 19.77 26.64
C MET L 98 -13.64 20.52 27.14
N GLY L 99 -12.37 20.19 26.82
CA GLY L 99 -11.10 20.83 27.26
C GLY L 99 -11.26 22.12 28.04
N ALA L 100 -11.85 23.11 27.35
CA ALA L 100 -12.35 24.38 27.90
C ALA L 100 -12.88 24.08 29.29
N PHE L 101 -13.89 23.21 29.38
CA PHE L 101 -14.22 22.98 30.78
C PHE L 101 -12.98 23.17 31.66
N LEU L 102 -11.83 22.81 31.13
CA LEU L 102 -10.58 22.88 31.87
C LEU L 102 -10.11 24.29 32.04
N LEU L 103 -10.59 25.20 31.20
CA LEU L 103 -10.25 26.60 31.38
C LEU L 103 -10.68 27.09 32.75
N ALA L 104 -11.86 26.67 33.19
CA ALA L 104 -12.43 27.10 34.46
C ALA L 104 -12.18 26.08 35.55
N ALA L 105 -11.00 25.45 35.50
CA ALA L 105 -10.68 24.30 36.32
C ALA L 105 -9.35 24.52 37.02
N GLY L 106 -9.19 25.70 37.57
CA GLY L 106 -7.99 26.03 38.32
C GLY L 106 -8.32 27.05 39.37
N GLU L 107 -7.29 27.71 39.88
CA GLU L 107 -7.52 28.71 40.92
C GLU L 107 -8.28 29.88 40.33
N LYS L 108 -9.17 30.46 41.14
CA LYS L 108 -10.16 31.41 40.65
C LYS L 108 -9.59 32.79 40.34
N GLY L 109 -8.28 32.96 40.36
CA GLY L 109 -7.65 34.21 39.98
C GLY L 109 -6.43 33.99 39.11
N LYS L 110 -6.35 32.85 38.45
CA LYS L 110 -5.19 32.49 37.66
C LYS L 110 -5.62 31.85 36.35
N ARG L 111 -6.62 32.45 35.71
CA ARG L 111 -7.22 31.94 34.49
C ARG L 111 -7.28 33.06 33.47
N TYR L 112 -6.17 33.29 32.77
CA TYR L 112 -6.02 34.44 31.92
C TYR L 112 -6.33 34.06 30.48
N ALA L 113 -6.23 35.06 29.60
CA ALA L 113 -6.56 34.89 28.20
C ALA L 113 -6.08 36.09 27.42
N LEU L 114 -6.43 36.12 26.15
CA LEU L 114 -5.95 37.10 25.19
C LEU L 114 -7.12 37.76 24.46
N PRO L 115 -6.92 38.98 23.93
CA PRO L 115 -8.05 39.70 23.33
C PRO L 115 -8.29 39.34 21.87
N ASN L 116 -8.19 38.05 21.55
CA ASN L 116 -8.29 37.60 20.16
C ASN L 116 -9.01 36.26 20.01
N SER L 117 -9.57 35.71 21.08
CA SER L 117 -9.89 34.29 21.14
C SER L 117 -11.40 34.09 21.02
N GLU L 118 -11.79 33.14 20.15
CA GLU L 118 -13.19 32.78 19.95
C GLU L 118 -13.52 31.49 20.70
N VAL L 119 -13.41 31.57 22.03
CA VAL L 119 -13.87 30.50 22.90
C VAL L 119 -15.35 30.21 22.65
N MET L 120 -15.70 28.93 22.75
CA MET L 120 -17.09 28.49 22.71
C MET L 120 -17.28 27.35 23.70
N ILE L 121 -18.51 26.91 23.82
CA ILE L 121 -18.87 25.84 24.76
C ILE L 121 -20.07 25.10 24.20
N HIS L 122 -20.05 23.79 24.36
CA HIS L 122 -20.94 22.89 23.64
C HIS L 122 -20.92 21.55 24.37
N GLN L 123 -21.40 20.52 23.70
CA GLN L 123 -21.39 19.17 24.26
C GLN L 123 -19.98 18.65 24.50
N ALA L 138 -22.14 3.78 26.27
CA ALA L 138 -23.43 3.38 26.80
C ALA L 138 -24.43 4.51 26.72
N ALA L 139 -25.54 4.35 27.44
CA ALA L 139 -26.58 5.36 27.51
C ALA L 139 -26.90 5.77 28.95
N LYS L 140 -26.90 4.82 29.88
CA LYS L 140 -27.18 5.15 31.26
C LYS L 140 -26.14 6.06 31.86
N ARG L 141 -24.95 6.15 31.26
CA ARG L 141 -23.88 7.00 31.74
C ARG L 141 -23.82 8.33 31.02
N ILE L 142 -23.78 8.29 29.69
CA ILE L 142 -23.52 9.48 28.91
C ILE L 142 -24.60 10.52 29.14
N LEU L 143 -25.85 10.09 29.25
CA LEU L 143 -26.92 11.02 29.57
C LEU L 143 -26.81 11.53 31.00
N LEU L 144 -25.96 10.92 31.81
CA LEU L 144 -25.78 11.36 33.19
C LEU L 144 -24.76 12.48 33.29
N LEU L 145 -23.72 12.45 32.46
CA LEU L 145 -22.54 13.26 32.75
C LEU L 145 -22.64 14.65 32.15
N ARG L 146 -23.24 14.78 30.97
CA ARG L 146 -23.48 16.12 30.45
C ARG L 146 -24.48 16.88 31.32
N ASP L 147 -25.22 16.17 32.18
CA ASP L 147 -25.95 16.82 33.25
C ASP L 147 -25.04 17.14 34.43
N LYS L 148 -24.09 16.26 34.73
CA LYS L 148 -23.19 16.46 35.85
C LYS L 148 -22.39 17.74 35.69
N LEU L 149 -21.92 18.02 34.47
CA LEU L 149 -21.12 19.20 34.25
C LEU L 149 -21.95 20.46 34.38
N ASN L 150 -23.17 20.41 33.83
CA ASN L 150 -24.12 21.49 34.01
C ASN L 150 -24.37 21.81 35.47
N LYS L 151 -24.15 20.85 36.35
CA LYS L 151 -24.28 21.05 37.79
C LYS L 151 -23.07 21.76 38.40
N VAL L 152 -22.07 22.11 37.60
CA VAL L 152 -20.77 22.51 38.13
C VAL L 152 -20.53 23.99 37.91
N LEU L 153 -20.65 24.42 36.66
CA LEU L 153 -20.14 25.74 36.26
C LEU L 153 -20.86 26.86 36.98
N ALA L 154 -22.09 26.61 37.43
CA ALA L 154 -22.75 27.54 38.33
C ALA L 154 -21.98 27.71 39.63
N GLU L 155 -21.23 26.69 40.04
CA GLU L 155 -20.38 26.80 41.21
C GLU L 155 -19.11 27.57 40.92
N ARG L 156 -18.62 27.50 39.69
CA ARG L 156 -17.40 28.19 39.30
C ARG L 156 -17.65 29.58 38.75
N THR L 157 -18.72 29.77 37.99
CA THR L 157 -19.15 31.10 37.58
C THR L 157 -19.94 31.81 38.66
N GLY L 158 -21.08 31.23 39.04
CA GLY L 158 -22.04 31.85 39.91
C GLY L 158 -23.40 32.04 39.29
N GLN L 159 -23.59 31.58 38.05
CA GLN L 159 -24.85 31.74 37.35
C GLN L 159 -25.79 30.63 37.75
N PRO L 160 -27.04 30.66 37.30
CA PRO L 160 -27.94 29.55 37.61
C PRO L 160 -27.65 28.31 36.79
N LEU L 161 -28.50 27.30 36.95
CA LEU L 161 -28.34 25.99 36.36
C LEU L 161 -29.04 25.86 35.02
N GLU L 162 -30.35 26.10 35.02
CA GLU L 162 -31.16 25.79 33.85
C GLU L 162 -30.92 26.82 32.74
N VAL L 163 -30.26 27.93 33.04
CA VAL L 163 -29.81 28.83 31.98
C VAL L 163 -28.65 28.21 31.23
N ILE L 164 -27.88 27.33 31.88
CA ILE L 164 -26.79 26.63 31.21
C ILE L 164 -27.36 25.66 30.19
N GLU L 165 -28.41 24.94 30.56
CA GLU L 165 -29.04 23.95 29.69
C GLU L 165 -29.42 24.55 28.33
N ARG L 166 -29.77 25.83 28.32
CA ARG L 166 -30.27 26.46 27.10
C ARG L 166 -29.16 27.13 26.31
N ASP L 167 -28.00 27.35 26.94
CA ASP L 167 -26.93 28.12 26.33
C ASP L 167 -25.76 27.26 25.84
N THR L 168 -25.78 25.96 26.09
CA THR L 168 -24.70 25.06 25.66
C THR L 168 -25.20 24.12 24.58
N ASP L 169 -26.48 23.76 24.64
CA ASP L 169 -27.08 22.98 23.58
C ASP L 169 -27.07 23.73 22.26
N ARG L 170 -27.15 25.06 22.31
CA ARG L 170 -27.03 25.89 21.12
C ARG L 170 -25.56 26.00 20.74
N ASP L 171 -25.31 26.82 19.72
CA ASP L 171 -23.97 26.98 19.16
C ASP L 171 -23.81 28.45 18.80
N ASN L 172 -23.14 29.20 19.67
CA ASN L 172 -22.84 30.59 19.41
C ASN L 172 -21.54 30.96 20.12
N PHE L 173 -20.64 31.55 19.36
CA PHE L 173 -19.31 31.89 19.84
C PHE L 173 -19.41 33.11 20.75
N LYS L 174 -18.50 33.18 21.72
CA LYS L 174 -18.35 34.35 22.56
C LYS L 174 -16.87 34.68 22.66
N SER L 175 -16.59 35.97 22.66
CA SER L 175 -15.23 36.46 22.66
C SER L 175 -14.68 36.47 24.08
N ALA L 176 -13.50 37.07 24.21
CA ALA L 176 -12.93 37.32 25.53
C ALA L 176 -13.88 38.16 26.38
N GLU L 177 -14.17 39.37 25.91
CA GLU L 177 -14.92 40.33 26.72
C GLU L 177 -16.29 39.79 27.07
N GLU L 178 -16.91 39.08 26.13
CA GLU L 178 -18.21 38.50 26.41
C GLU L 178 -18.12 37.38 27.43
N ALA L 179 -16.91 36.86 27.67
CA ALA L 179 -16.74 35.74 28.57
C ALA L 179 -16.38 36.17 29.97
N LEU L 180 -15.69 37.31 30.11
CA LEU L 180 -15.37 37.80 31.44
C LEU L 180 -16.62 38.08 32.25
N GLU L 181 -17.67 38.57 31.60
CA GLU L 181 -18.88 38.89 32.32
C GLU L 181 -19.54 37.65 32.92
N TYR L 182 -19.21 36.47 32.42
CA TYR L 182 -19.71 35.23 33.00
C TYR L 182 -18.91 34.90 34.25
N GLY L 183 -17.62 34.65 34.07
CA GLY L 183 -16.75 34.22 35.14
C GLY L 183 -15.72 33.18 34.73
N LEU L 184 -15.75 32.78 33.46
CA LEU L 184 -14.74 31.86 32.93
C LEU L 184 -13.33 32.38 33.12
N ILE L 185 -13.16 33.69 32.97
CA ILE L 185 -11.86 34.33 32.91
C ILE L 185 -11.84 35.47 33.90
N ASP L 186 -10.67 35.74 34.47
CA ASP L 186 -10.57 36.61 35.62
C ASP L 186 -9.44 37.64 35.55
N LYS L 187 -8.60 37.61 34.52
CA LYS L 187 -7.54 38.62 34.34
C LYS L 187 -7.07 38.53 32.89
N ILE L 188 -7.40 39.53 32.11
CA ILE L 188 -7.12 39.52 30.68
C ILE L 188 -5.79 40.21 30.41
N LEU L 189 -5.29 40.01 29.20
CA LEU L 189 -4.06 40.61 28.74
C LEU L 189 -3.88 40.44 27.24
N ILE M 19 10.99 10.19 30.11
CA ILE M 19 10.04 10.17 31.22
C ILE M 19 9.75 8.74 31.67
N TYR M 20 10.08 7.74 30.83
CA TYR M 20 9.65 6.39 31.12
C TYR M 20 10.57 5.69 32.12
N SER M 21 11.87 5.91 32.00
CA SER M 21 12.74 5.54 33.11
C SER M 21 12.42 6.37 34.34
N ARG M 22 11.94 7.60 34.14
CA ARG M 22 11.51 8.44 35.25
C ARG M 22 10.17 7.96 35.78
N LEU M 23 9.31 7.46 34.90
CA LEU M 23 8.12 6.76 35.36
C LEU M 23 8.52 5.57 36.18
N LEU M 24 9.40 4.79 35.54
CA LEU M 24 9.98 3.56 36.09
C LEU M 24 10.84 3.93 37.28
N LYS M 25 11.16 5.20 37.46
CA LYS M 25 11.83 5.60 38.70
C LYS M 25 10.75 5.78 39.76
N ASP M 26 11.17 5.83 41.02
CA ASP M 26 10.21 5.89 42.16
C ASP M 26 9.00 4.97 41.94
N ARG M 27 9.24 3.72 41.54
CA ARG M 27 8.27 2.62 41.41
C ARG M 27 6.86 3.05 40.97
N ILE M 28 6.59 3.29 39.69
CA ILE M 28 5.21 3.61 39.22
C ILE M 28 5.01 3.08 37.81
N ILE M 29 3.82 2.60 37.48
CA ILE M 29 3.45 2.05 36.19
C ILE M 29 2.19 2.77 35.75
N MET M 30 1.91 2.71 34.44
CA MET M 30 0.60 3.01 33.92
C MET M 30 0.20 1.91 32.95
N LEU M 31 -1.12 1.77 32.77
CA LEU M 31 -1.69 0.65 32.05
C LEU M 31 -3.04 1.13 31.49
N GLY M 32 -3.06 1.46 30.20
CA GLY M 32 -4.12 2.31 29.68
C GLY M 32 -4.83 1.90 28.41
N SER M 33 -4.31 0.92 27.66
CA SER M 33 -4.82 0.64 26.32
C SER M 33 -5.47 -0.73 26.21
N ALA M 34 -4.80 -1.86 26.52
CA ALA M 34 -5.53 -3.16 26.46
C ALA M 34 -4.78 -4.37 27.04
N ILE M 35 -4.15 -5.29 26.30
CA ILE M 35 -3.54 -6.52 26.90
C ILE M 35 -2.25 -6.95 26.18
N ASP M 36 -1.05 -6.83 26.80
CA ASP M 36 0.22 -7.35 26.22
C ASP M 36 1.33 -7.55 27.28
N ASP M 37 1.33 -8.71 27.97
CA ASP M 37 2.32 -9.23 28.97
C ASP M 37 3.56 -8.36 29.14
N ASN M 38 3.59 -7.29 28.38
CA ASN M 38 4.77 -6.47 28.35
C ASN M 38 5.08 -5.80 29.67
N VAL M 39 4.41 -6.19 30.75
CA VAL M 39 4.50 -5.46 32.02
C VAL M 39 5.07 -6.37 33.08
N ALA M 40 4.79 -7.67 32.97
CA ALA M 40 5.49 -8.63 33.81
C ALA M 40 6.97 -8.51 33.58
N ASN M 41 7.34 -8.26 32.34
CA ASN M 41 8.69 -7.86 32.01
C ASN M 41 9.06 -6.62 32.80
N SER M 42 8.23 -5.58 32.71
CA SER M 42 8.50 -4.34 33.42
C SER M 42 8.46 -4.55 34.92
N ILE M 43 7.67 -5.53 35.38
CA ILE M 43 7.47 -5.69 36.80
C ILE M 43 8.64 -6.39 37.45
N VAL M 44 9.21 -7.37 36.78
CA VAL M 44 10.09 -8.30 37.48
C VAL M 44 11.41 -7.63 37.80
N SER M 45 11.78 -6.61 37.02
CA SER M 45 12.96 -5.82 37.35
C SER M 45 12.78 -5.15 38.70
N GLN M 46 11.72 -4.37 38.83
CA GLN M 46 11.61 -3.46 39.96
C GLN M 46 11.30 -4.23 41.22
N LEU M 47 10.36 -5.16 41.15
CA LEU M 47 10.01 -5.91 42.34
C LEU M 47 11.15 -6.83 42.75
N LEU M 48 12.04 -7.15 41.81
CA LEU M 48 13.29 -7.78 42.20
C LEU M 48 14.27 -6.75 42.72
N PHE M 49 14.43 -5.64 42.00
CA PHE M 49 15.41 -4.65 42.39
C PHE M 49 15.00 -3.95 43.68
N LEU M 50 13.72 -3.69 43.87
CA LEU M 50 13.24 -3.08 45.09
C LEU M 50 13.30 -4.03 46.27
N ALA M 51 12.92 -5.28 46.08
CA ALA M 51 13.17 -6.30 47.10
C ALA M 51 14.66 -6.53 47.29
N ALA M 52 15.48 -6.10 46.34
CA ALA M 52 16.92 -6.11 46.56
C ALA M 52 17.32 -5.12 47.64
N GLU M 53 16.70 -3.94 47.66
CA GLU M 53 16.97 -2.94 48.69
C GLU M 53 15.99 -3.05 49.84
N ASP M 54 14.70 -2.94 49.56
CA ASP M 54 13.66 -2.94 50.60
C ASP M 54 12.37 -3.47 49.99
N PRO M 55 12.02 -4.73 50.23
CA PRO M 55 10.72 -5.20 49.74
C PRO M 55 9.55 -4.62 50.49
N GLU M 56 9.72 -4.32 51.79
CA GLU M 56 8.69 -3.66 52.57
C GLU M 56 8.25 -2.34 51.93
N LYS M 57 9.17 -1.63 51.29
CA LYS M 57 8.83 -0.46 50.53
C LYS M 57 7.87 -0.86 49.41
N GLU M 58 6.77 -0.11 49.29
CA GLU M 58 5.63 -0.53 48.50
C GLU M 58 5.55 0.24 47.20
N ILE M 59 4.80 -0.36 46.27
CA ILE M 59 4.74 0.06 44.88
C ILE M 59 3.33 0.52 44.57
N SER M 60 3.20 1.26 43.46
CA SER M 60 1.94 1.82 43.01
C SER M 60 1.55 1.18 41.70
N LEU M 61 0.30 1.39 41.30
CA LEU M 61 -0.19 0.86 40.04
C LEU M 61 -1.50 1.54 39.68
N TYR M 62 -1.56 2.09 38.47
CA TYR M 62 -2.66 2.88 37.97
C TYR M 62 -3.21 2.23 36.71
N ILE M 63 -4.51 2.44 36.46
CA ILE M 63 -5.18 1.89 35.28
C ILE M 63 -6.05 2.96 34.65
N ASN M 64 -6.23 2.86 33.33
CA ASN M 64 -7.43 3.38 32.70
C ASN M 64 -7.67 2.53 31.44
N SER M 65 -8.46 1.44 31.60
CA SER M 65 -8.59 0.45 30.55
C SER M 65 -10.00 0.40 29.97
N PRO M 66 -10.16 0.04 28.70
CA PRO M 66 -11.50 -0.11 28.11
C PRO M 66 -12.03 -1.53 28.05
N GLY M 67 -11.19 -2.53 28.30
CA GLY M 67 -11.61 -3.91 28.11
C GLY M 67 -10.57 -4.87 28.62
N GLY M 68 -10.67 -6.11 28.13
CA GLY M 68 -9.66 -7.09 28.46
C GLY M 68 -9.93 -8.49 28.01
N SER M 69 -8.86 -9.28 27.87
CA SER M 69 -8.95 -10.69 27.55
C SER M 69 -9.16 -11.50 28.83
N ILE M 70 -8.98 -12.81 28.72
CA ILE M 70 -9.22 -13.74 29.82
C ILE M 70 -7.98 -14.56 30.14
N THR M 71 -7.29 -15.07 29.13
CA THR M 71 -6.16 -15.94 29.37
C THR M 71 -4.98 -15.14 29.91
N ALA M 72 -4.78 -13.93 29.38
CA ALA M 72 -3.72 -13.07 29.87
C ALA M 72 -4.00 -12.61 31.30
N GLY M 73 -5.27 -12.57 31.68
CA GLY M 73 -5.61 -12.14 33.02
C GLY M 73 -5.01 -13.02 34.09
N MET M 74 -4.94 -14.32 33.81
CA MET M 74 -4.28 -15.26 34.71
C MET M 74 -2.83 -15.44 34.31
N ALA M 75 -2.15 -14.30 34.17
CA ALA M 75 -0.72 -14.22 33.94
C ALA M 75 -0.07 -13.30 34.97
N ILE M 76 -0.89 -12.55 35.69
CA ILE M 76 -0.45 -11.40 36.45
C ILE M 76 -0.79 -11.55 37.92
N TYR M 77 -2.04 -11.94 38.17
CA TYR M 77 -2.49 -12.27 39.52
C TYR M 77 -1.57 -13.29 40.18
N ASP M 78 -0.96 -14.14 39.38
CA ASP M 78 0.09 -15.02 39.88
C ASP M 78 1.23 -14.22 40.48
N THR M 79 1.78 -13.30 39.69
CA THR M 79 3.04 -12.67 40.05
C THR M 79 2.89 -11.80 41.28
N MET M 80 1.72 -11.19 41.44
CA MET M 80 1.49 -10.32 42.58
C MET M 80 1.54 -11.12 43.87
N GLN M 81 1.12 -12.37 43.79
CA GLN M 81 1.17 -13.26 44.95
C GLN M 81 2.47 -14.05 44.99
N PHE M 82 3.19 -14.11 43.86
CA PHE M 82 4.47 -14.82 43.80
C PHE M 82 5.48 -14.20 44.74
N ILE M 83 5.62 -12.87 44.67
CA ILE M 83 6.67 -12.18 45.39
C ILE M 83 6.24 -11.90 46.82
N LYS M 84 7.16 -11.41 47.63
CA LYS M 84 6.89 -10.92 48.98
C LYS M 84 6.48 -9.44 49.02
N PRO M 85 7.10 -8.56 48.18
CA PRO M 85 6.82 -7.10 48.17
C PRO M 85 5.32 -6.74 48.10
N LYS M 86 4.87 -5.72 48.85
CA LYS M 86 3.43 -5.29 48.95
C LYS M 86 3.05 -4.28 47.85
N VAL M 87 1.93 -4.48 47.15
CA VAL M 87 1.51 -3.65 45.99
C VAL M 87 0.21 -2.91 46.29
N SER M 88 0.09 -1.68 45.76
CA SER M 88 -1.07 -0.81 45.84
C SER M 88 -1.68 -0.66 44.46
N THR M 89 -2.90 -0.18 44.45
CA THR M 89 -3.68 -0.11 43.22
C THR M 89 -4.66 1.03 43.33
N ILE M 90 -4.82 1.75 42.22
CA ILE M 90 -5.65 2.94 42.18
C ILE M 90 -6.30 3.00 40.81
N CYS M 91 -7.57 3.40 40.78
CA CYS M 91 -8.40 3.32 39.59
C CYS M 91 -8.75 4.69 39.04
N ILE M 92 -9.10 4.69 37.76
CA ILE M 92 -9.48 5.90 37.03
C ILE M 92 -10.56 5.51 36.02
N GLY M 93 -11.68 6.20 36.07
CA GLY M 93 -12.72 6.08 35.05
C GLY M 93 -13.25 4.69 34.86
N MET M 94 -12.91 4.10 33.73
CA MET M 94 -13.39 2.78 33.38
C MET M 94 -12.48 1.71 33.96
N ALA M 95 -13.06 0.85 34.78
CA ALA M 95 -12.46 -0.44 35.08
C ALA M 95 -13.35 -1.43 34.37
N ALA M 96 -12.96 -1.61 33.12
CA ALA M 96 -13.58 -2.45 32.08
C ALA M 96 -13.67 -3.88 32.62
N SER M 97 -13.78 -4.91 31.78
CA SER M 97 -13.77 -6.32 32.24
C SER M 97 -12.33 -6.77 32.52
N MET M 98 -12.23 -7.97 33.10
CA MET M 98 -10.99 -8.63 33.54
C MET M 98 -10.20 -7.55 34.28
N GLY M 99 -9.16 -6.88 33.74
CA GLY M 99 -8.29 -5.85 34.38
C GLY M 99 -8.57 -5.60 35.85
N ALA M 100 -9.73 -5.00 36.10
CA ALA M 100 -10.38 -4.82 37.41
C ALA M 100 -10.02 -6.03 38.25
N PHE M 101 -10.43 -7.25 37.89
CA PHE M 101 -10.03 -8.20 38.91
C PHE M 101 -8.71 -7.79 39.55
N LEU M 102 -7.84 -7.15 38.77
CA LEU M 102 -6.56 -6.69 39.28
C LEU M 102 -6.73 -5.64 40.34
N LEU M 103 -7.86 -4.94 40.34
CA LEU M 103 -8.12 -3.97 41.38
C LEU M 103 -8.08 -4.63 42.75
N ALA M 104 -8.89 -5.66 42.91
CA ALA M 104 -9.00 -6.35 44.20
C ALA M 104 -7.99 -7.49 44.26
N ALA M 105 -6.74 -7.06 44.12
CA ALA M 105 -5.54 -7.89 44.17
C ALA M 105 -4.44 -6.97 44.64
N GLY M 106 -4.59 -6.39 45.83
CA GLY M 106 -3.58 -5.45 46.32
C GLY M 106 -3.37 -5.59 47.79
N GLU M 107 -2.21 -5.15 48.29
CA GLU M 107 -1.82 -5.15 49.73
C GLU M 107 -3.06 -4.72 50.52
N LYS M 108 -3.83 -5.68 50.99
CA LYS M 108 -5.15 -5.54 51.67
C LYS M 108 -5.43 -4.12 52.19
N GLY M 109 -6.29 -3.44 51.43
CA GLY M 109 -6.83 -2.09 51.67
C GLY M 109 -6.36 -1.04 50.69
N LYS M 110 -5.07 -0.93 50.46
CA LYS M 110 -4.53 0.11 49.56
C LYS M 110 -5.19 0.00 48.20
N ARG M 111 -6.50 0.21 48.10
CA ARG M 111 -7.24 0.11 46.86
C ARG M 111 -8.19 1.29 46.75
N TYR M 112 -7.65 2.43 46.30
CA TYR M 112 -8.36 3.69 46.32
C TYR M 112 -9.07 3.90 45.01
N ALA M 113 -9.69 5.07 44.89
CA ALA M 113 -10.45 5.42 43.70
C ALA M 113 -10.75 6.91 43.74
N LEU M 114 -11.56 7.36 42.79
CA LEU M 114 -11.84 8.75 42.56
C LEU M 114 -13.35 8.97 42.48
N PRO M 115 -13.85 10.13 42.89
CA PRO M 115 -15.29 10.33 42.89
C PRO M 115 -15.86 10.79 41.55
N ASN M 116 -15.37 10.21 40.46
CA ASN M 116 -16.03 10.39 39.18
C ASN M 116 -15.89 9.15 38.30
N SER M 117 -15.59 8.00 38.88
CA SER M 117 -15.12 6.84 38.13
C SER M 117 -16.23 5.83 37.96
N GLU M 118 -16.14 5.06 36.88
CA GLU M 118 -17.02 3.95 36.65
C GLU M 118 -16.34 2.66 37.08
N VAL M 119 -17.09 1.58 37.00
CA VAL M 119 -16.56 0.25 37.25
C VAL M 119 -17.56 -0.77 36.73
N MET M 120 -17.08 -1.89 36.22
CA MET M 120 -17.95 -2.90 35.64
C MET M 120 -17.41 -4.27 35.97
N ILE M 121 -18.22 -5.27 35.65
CA ILE M 121 -17.90 -6.67 35.88
C ILE M 121 -18.50 -7.44 34.73
N HIS M 122 -17.72 -8.30 34.11
CA HIS M 122 -18.16 -9.03 32.93
C HIS M 122 -17.11 -10.12 32.70
N GLN M 123 -17.24 -10.85 31.60
CA GLN M 123 -16.19 -11.79 31.22
C GLN M 123 -14.95 -11.03 30.74
N ALA M 138 -9.46 -23.27 24.24
CA ALA M 138 -10.20 -24.51 24.32
C ALA M 138 -11.51 -24.34 25.05
N ALA M 139 -12.41 -25.30 24.86
CA ALA M 139 -13.75 -25.21 25.41
C ALA M 139 -13.88 -25.87 26.76
N LYS M 140 -13.31 -27.07 26.91
CA LYS M 140 -13.35 -27.75 28.20
C LYS M 140 -12.62 -26.96 29.28
N ARG M 141 -11.70 -26.08 28.88
CA ARG M 141 -10.77 -25.47 29.82
C ARG M 141 -11.09 -24.00 30.08
N ILE M 142 -11.54 -23.26 29.06
CA ILE M 142 -11.92 -21.88 29.30
C ILE M 142 -13.11 -21.83 30.24
N LEU M 143 -14.08 -22.72 30.03
CA LEU M 143 -15.28 -22.75 30.85
C LEU M 143 -14.95 -23.15 32.29
N LEU M 144 -13.74 -23.67 32.52
CA LEU M 144 -13.31 -23.96 33.87
C LEU M 144 -12.88 -22.70 34.61
N LEU M 145 -12.42 -21.68 33.88
CA LEU M 145 -11.67 -20.60 34.51
C LEU M 145 -12.58 -19.49 35.00
N ARG M 146 -13.59 -19.13 34.22
CA ARG M 146 -14.52 -18.11 34.69
C ARG M 146 -15.34 -18.57 35.89
N ASP M 147 -15.25 -19.85 36.25
CA ASP M 147 -15.68 -20.33 37.55
C ASP M 147 -14.60 -20.12 38.61
N LYS M 148 -13.33 -20.23 38.22
CA LYS M 148 -12.24 -20.07 39.17
C LYS M 148 -12.18 -18.66 39.73
N LEU M 149 -12.75 -17.68 39.01
CA LEU M 149 -12.75 -16.31 39.49
C LEU M 149 -13.89 -16.08 40.47
N ASN M 150 -15.08 -16.53 40.10
CA ASN M 150 -16.21 -16.58 41.01
C ASN M 150 -15.85 -17.28 42.31
N LYS M 151 -14.93 -18.24 42.27
CA LYS M 151 -14.40 -18.90 43.44
C LYS M 151 -13.60 -17.96 44.35
N VAL M 152 -13.27 -16.76 43.89
CA VAL M 152 -12.27 -15.93 44.56
C VAL M 152 -12.92 -14.82 45.36
N LEU M 153 -13.65 -13.95 44.65
CA LEU M 153 -14.03 -12.65 45.20
C LEU M 153 -14.89 -12.76 46.45
N ALA M 154 -15.53 -13.89 46.67
CA ALA M 154 -16.22 -14.13 47.94
C ALA M 154 -15.26 -14.07 49.12
N GLU M 155 -13.98 -14.38 48.90
CA GLU M 155 -12.98 -14.27 49.96
C GLU M 155 -12.51 -12.84 50.11
N ARG M 156 -12.47 -12.11 49.01
CA ARG M 156 -12.06 -10.70 49.05
C ARG M 156 -13.22 -9.80 49.43
N THR M 157 -14.32 -9.88 48.70
CA THR M 157 -15.51 -9.11 49.03
C THR M 157 -16.16 -9.59 50.32
N GLY M 158 -16.02 -10.86 50.66
CA GLY M 158 -16.73 -11.43 51.79
C GLY M 158 -18.13 -11.86 51.49
N GLN M 159 -18.59 -11.72 50.26
CA GLN M 159 -19.99 -11.92 49.88
C GLN M 159 -20.17 -13.30 49.27
N PRO M 160 -21.42 -13.73 49.05
CA PRO M 160 -21.63 -15.08 48.51
C PRO M 160 -21.16 -15.29 47.09
N LEU M 161 -21.48 -16.46 46.56
CA LEU M 161 -20.96 -16.96 45.29
C LEU M 161 -22.00 -16.88 44.18
N GLU M 162 -23.15 -17.50 44.40
CA GLU M 162 -24.19 -17.51 43.37
C GLU M 162 -24.80 -16.14 43.17
N VAL M 163 -24.61 -15.23 44.13
CA VAL M 163 -24.98 -13.83 43.93
C VAL M 163 -24.04 -13.15 42.95
N ILE M 164 -22.81 -13.63 42.84
CA ILE M 164 -21.86 -13.07 41.89
C ILE M 164 -22.32 -13.31 40.47
N GLU M 165 -22.50 -14.58 40.11
CA GLU M 165 -22.75 -14.95 38.73
C GLU M 165 -24.02 -14.32 38.19
N ARG M 166 -25.02 -14.11 39.04
CA ARG M 166 -26.25 -13.47 38.57
C ARG M 166 -26.02 -12.01 38.27
N ASP M 167 -25.14 -11.37 39.04
CA ASP M 167 -24.80 -9.97 38.85
C ASP M 167 -23.60 -9.78 37.93
N THR M 168 -22.86 -10.84 37.63
CA THR M 168 -21.64 -10.77 36.85
C THR M 168 -21.88 -11.01 35.37
N ASP M 169 -22.77 -11.92 35.03
CA ASP M 169 -23.07 -12.22 33.64
C ASP M 169 -23.71 -11.06 32.90
N ARG M 170 -24.27 -10.09 33.61
CA ARG M 170 -24.98 -8.98 33.00
C ARG M 170 -24.02 -7.83 32.71
N ASP M 171 -24.58 -6.65 32.45
CA ASP M 171 -23.80 -5.44 32.25
C ASP M 171 -24.54 -4.34 33.02
N ASN M 172 -24.09 -4.10 34.26
CA ASN M 172 -24.75 -3.18 35.17
C ASN M 172 -23.70 -2.28 35.78
N PHE M 173 -23.53 -1.10 35.20
CA PHE M 173 -22.42 -0.24 35.55
C PHE M 173 -22.66 0.50 36.85
N LYS M 174 -21.74 0.34 37.78
CA LYS M 174 -21.82 0.92 39.10
C LYS M 174 -21.03 2.22 39.14
N SER M 175 -20.91 2.76 40.34
CA SER M 175 -20.24 4.03 40.60
C SER M 175 -19.03 3.78 41.46
N ALA M 176 -18.44 4.86 41.95
CA ALA M 176 -17.51 4.76 43.05
C ALA M 176 -18.25 4.32 44.29
N GLU M 177 -19.41 4.95 44.52
CA GLU M 177 -20.08 4.83 45.81
C GLU M 177 -20.69 3.45 45.98
N GLU M 178 -21.64 3.11 45.11
CA GLU M 178 -22.36 1.86 45.29
C GLU M 178 -21.48 0.65 45.01
N ALA M 179 -20.28 0.86 44.46
CA ALA M 179 -19.33 -0.21 44.29
C ALA M 179 -18.43 -0.38 45.50
N LEU M 180 -18.43 0.59 46.42
CA LEU M 180 -17.70 0.40 47.66
C LEU M 180 -18.24 -0.77 48.45
N GLU M 181 -19.54 -0.77 48.73
CA GLU M 181 -20.14 -1.71 49.66
C GLU M 181 -19.94 -3.16 49.26
N TYR M 182 -19.71 -3.43 47.98
CA TYR M 182 -19.36 -4.78 47.55
C TYR M 182 -18.03 -5.20 48.15
N GLY M 183 -17.18 -4.24 48.50
CA GLY M 183 -15.90 -4.50 49.13
C GLY M 183 -14.71 -4.32 48.21
N LEU M 184 -14.97 -4.00 46.95
CA LEU M 184 -13.90 -3.77 45.99
C LEU M 184 -12.97 -2.66 46.42
N ILE M 185 -13.53 -1.56 46.87
CA ILE M 185 -12.79 -0.39 47.30
C ILE M 185 -12.77 -0.36 48.82
N ASP M 186 -11.72 0.21 49.39
CA ASP M 186 -11.61 0.27 50.86
C ASP M 186 -11.25 1.69 51.29
N LYS M 187 -11.25 2.63 50.37
CA LYS M 187 -10.99 4.03 50.70
C LYS M 187 -11.17 4.85 49.43
N ILE M 188 -11.50 6.13 49.60
CA ILE M 188 -11.71 7.05 48.50
C ILE M 188 -11.01 8.37 48.80
N LEU M 189 -11.13 9.30 47.87
CA LEU M 189 -10.50 10.61 47.97
C LEU M 189 -11.09 11.57 46.95
N ILE N 19 15.90 -1.21 29.83
CA ILE N 19 15.56 -2.33 30.69
C ILE N 19 16.13 -3.64 30.11
N TYR N 20 16.32 -3.67 28.79
CA TYR N 20 16.69 -4.93 28.15
C TYR N 20 18.15 -5.28 28.37
N SER N 21 19.04 -4.28 28.34
CA SER N 21 20.37 -4.53 28.85
C SER N 21 20.33 -4.84 30.35
N ARG N 22 19.44 -4.17 31.09
CA ARG N 22 19.27 -4.48 32.49
C ARG N 22 18.60 -5.83 32.69
N LEU N 23 17.80 -6.27 31.72
CA LEU N 23 17.29 -7.62 31.76
C LEU N 23 18.42 -8.62 31.70
N LEU N 24 19.33 -8.41 30.74
CA LEU N 24 20.53 -9.23 30.65
C LEU N 24 21.37 -9.15 31.90
N LYS N 25 21.38 -8.02 32.58
CA LYS N 25 22.04 -7.95 33.85
C LYS N 25 21.34 -8.87 34.82
N ASP N 26 22.09 -9.30 35.85
CA ASP N 26 21.72 -10.37 36.79
C ASP N 26 21.15 -11.60 36.10
N ARG N 27 21.54 -11.86 34.85
CA ARG N 27 21.38 -13.15 34.19
C ARG N 27 19.92 -13.59 34.15
N ILE N 28 19.13 -12.83 33.41
CA ILE N 28 17.71 -13.12 33.25
C ILE N 28 17.31 -12.92 31.79
N ILE N 29 16.38 -13.75 31.34
CA ILE N 29 15.91 -13.83 29.96
C ILE N 29 14.39 -13.85 30.01
N MET N 30 13.77 -13.47 28.90
CA MET N 30 12.37 -13.77 28.66
C MET N 30 12.19 -14.31 27.25
N LEU N 31 11.14 -15.11 27.11
CA LEU N 31 10.84 -15.83 25.88
C LEU N 31 9.33 -16.02 25.86
N GLY N 32 8.63 -15.15 25.13
CA GLY N 32 7.20 -15.01 25.32
C GLY N 32 6.33 -14.88 24.09
N SER N 33 6.92 -14.78 22.90
CA SER N 33 6.13 -14.53 21.69
C SER N 33 5.88 -15.80 20.89
N ALA N 34 6.95 -16.43 20.41
CA ALA N 34 6.83 -17.50 19.44
C ALA N 34 8.17 -18.17 19.24
N ILE N 35 8.25 -19.08 18.29
CA ILE N 35 9.48 -19.73 17.92
C ILE N 35 9.55 -19.81 16.40
N ASP N 36 10.43 -19.00 15.82
CA ASP N 36 10.74 -19.05 14.40
C ASP N 36 12.24 -18.88 14.20
N ASP N 37 12.66 -18.70 12.95
CA ASP N 37 14.09 -18.66 12.65
C ASP N 37 14.76 -17.43 13.25
N ASN N 38 14.10 -16.28 13.17
CA ASN N 38 14.74 -15.02 13.55
C ASN N 38 15.05 -15.01 15.03
N VAL N 39 14.07 -15.38 15.84
CA VAL N 39 14.18 -15.22 17.28
C VAL N 39 15.17 -16.20 17.86
N ALA N 40 15.29 -17.38 17.24
CA ALA N 40 16.13 -18.43 17.79
C ALA N 40 17.58 -18.00 17.86
N ASN N 41 18.00 -17.15 16.93
CA ASN N 41 19.40 -16.77 16.86
C ASN N 41 19.74 -15.77 17.95
N SER N 42 18.79 -14.92 18.30
CA SER N 42 18.99 -13.98 19.39
C SER N 42 19.17 -14.72 20.69
N ILE N 43 18.27 -15.66 20.96
CA ILE N 43 18.25 -16.40 22.21
C ILE N 43 19.56 -17.15 22.37
N VAL N 44 20.07 -17.67 21.27
CA VAL N 44 21.39 -18.26 21.25
C VAL N 44 22.42 -17.23 21.68
N SER N 45 22.43 -16.09 21.01
CA SER N 45 23.43 -15.08 21.30
C SER N 45 23.29 -14.57 22.72
N GLN N 46 22.05 -14.44 23.18
CA GLN N 46 21.82 -14.04 24.57
C GLN N 46 22.48 -15.02 25.52
N LEU N 47 22.39 -16.31 25.22
CA LEU N 47 23.07 -17.30 26.03
C LEU N 47 24.58 -17.15 25.93
N LEU N 48 25.05 -16.68 24.79
CA LEU N 48 26.48 -16.75 24.51
C LEU N 48 27.22 -15.57 25.08
N PHE N 49 26.58 -14.39 25.08
CA PHE N 49 27.20 -13.25 25.71
C PHE N 49 27.43 -13.52 27.18
N LEU N 50 26.46 -14.16 27.81
CA LEU N 50 26.56 -14.51 29.22
C LEU N 50 27.55 -15.62 29.47
N ALA N 51 27.92 -16.37 28.43
CA ALA N 51 28.80 -17.50 28.63
C ALA N 51 30.21 -17.05 28.97
N ALA N 52 30.62 -15.88 28.49
CA ALA N 52 32.00 -15.48 28.57
C ALA N 52 32.41 -15.00 29.96
N GLU N 53 31.48 -14.46 30.73
CA GLU N 53 31.88 -13.74 31.94
C GLU N 53 32.25 -14.68 33.07
N ASP N 54 31.43 -15.68 33.33
CA ASP N 54 31.76 -16.74 34.27
C ASP N 54 31.14 -18.02 33.77
N PRO N 55 31.74 -19.18 34.08
CA PRO N 55 31.11 -20.45 33.72
C PRO N 55 30.27 -21.00 34.86
N GLU N 56 30.12 -20.23 35.95
CA GLU N 56 29.50 -20.69 37.18
C GLU N 56 28.35 -19.83 37.64
N LYS N 57 28.30 -18.55 37.27
CA LYS N 57 27.20 -17.70 37.70
C LYS N 57 25.90 -18.19 37.09
N GLU N 58 25.04 -18.74 37.94
CA GLU N 58 23.85 -19.41 37.46
C GLU N 58 22.91 -18.40 36.78
N ILE N 59 21.88 -18.95 36.18
CA ILE N 59 21.03 -18.23 35.24
C ILE N 59 19.60 -18.72 35.38
N SER N 60 18.67 -17.82 35.05
CA SER N 60 17.25 -18.08 35.12
C SER N 60 16.70 -18.13 33.71
N LEU N 61 15.46 -18.56 33.59
CA LEU N 61 14.81 -18.58 32.28
C LEU N 61 13.31 -18.72 32.45
N TYR N 62 12.56 -17.79 31.86
CA TYR N 62 11.12 -17.67 32.00
C TYR N 62 10.49 -17.84 30.63
N ILE N 63 9.22 -18.22 30.62
CA ILE N 63 8.50 -18.58 29.40
C ILE N 63 7.08 -18.08 29.45
N ASN N 64 6.51 -17.79 28.28
CA ASN N 64 5.06 -17.87 28.11
C ASN N 64 4.80 -17.96 26.61
N SER N 65 4.60 -19.18 26.12
CA SER N 65 4.61 -19.44 24.68
C SER N 65 3.25 -19.90 24.18
N PRO N 66 2.81 -19.50 22.98
CA PRO N 66 1.55 -20.01 22.44
C PRO N 66 1.70 -21.25 21.57
N GLY N 67 2.92 -21.60 21.17
CA GLY N 67 3.13 -22.68 20.23
C GLY N 67 4.57 -23.12 20.19
N GLY N 68 5.03 -23.56 19.02
CA GLY N 68 6.42 -23.90 18.85
C GLY N 68 6.71 -24.71 17.61
N SER N 69 7.85 -24.43 16.97
CA SER N 69 8.32 -25.23 15.85
C SER N 69 9.03 -26.48 16.34
N ILE N 70 9.71 -27.17 15.42
CA ILE N 70 10.29 -28.48 15.67
C ILE N 70 11.77 -28.45 15.33
N THR N 71 12.11 -27.92 14.16
CA THR N 71 13.50 -27.92 13.74
C THR N 71 14.32 -26.94 14.56
N ALA N 72 13.75 -25.77 14.86
CA ALA N 72 14.41 -24.81 15.71
C ALA N 72 14.57 -25.35 17.12
N GLY N 73 13.69 -26.25 17.52
CA GLY N 73 13.73 -26.76 18.89
C GLY N 73 14.99 -27.54 19.16
N MET N 74 15.50 -28.25 18.16
CA MET N 74 16.76 -28.97 18.30
C MET N 74 17.91 -28.08 17.85
N ALA N 75 17.95 -26.89 18.43
CA ALA N 75 19.02 -25.94 18.30
C ALA N 75 19.49 -25.43 19.64
N ILE N 76 18.81 -25.80 20.72
CA ILE N 76 18.89 -25.12 21.99
C ILE N 76 19.21 -26.10 23.10
N TYR N 77 18.48 -27.22 23.08
CA TYR N 77 18.65 -28.29 24.05
C TYR N 77 20.10 -28.71 24.13
N ASP N 78 20.75 -28.83 22.98
CA ASP N 78 22.19 -29.08 22.95
C ASP N 78 22.95 -27.97 23.65
N THR N 79 22.65 -26.72 23.31
CA THR N 79 23.40 -25.60 23.84
C THR N 79 23.26 -25.50 25.34
N MET N 80 22.05 -25.71 25.82
CA MET N 80 21.81 -25.70 27.26
C MET N 80 22.53 -26.82 27.95
N GLN N 81 22.87 -27.88 27.22
CA GLN N 81 23.71 -28.94 27.76
C GLN N 81 25.19 -28.70 27.45
N PHE N 82 25.48 -27.91 26.42
CA PHE N 82 26.86 -27.68 26.00
C PHE N 82 27.63 -26.92 27.06
N ILE N 83 27.09 -25.79 27.53
CA ILE N 83 27.91 -24.83 28.25
C ILE N 83 28.28 -25.36 29.63
N LYS N 84 29.19 -24.65 30.27
CA LYS N 84 29.64 -24.95 31.62
C LYS N 84 28.61 -24.55 32.68
N PRO N 85 28.01 -23.35 32.61
CA PRO N 85 27.04 -22.98 33.64
C PRO N 85 25.82 -23.88 33.66
N LYS N 86 25.13 -23.85 34.80
CA LYS N 86 23.85 -24.52 34.97
C LYS N 86 22.72 -23.64 34.46
N VAL N 87 21.51 -24.17 34.55
CA VAL N 87 20.30 -23.45 34.15
C VAL N 87 19.17 -23.88 35.08
N SER N 88 18.34 -22.92 35.46
CA SER N 88 17.11 -23.17 36.19
C SER N 88 15.97 -22.49 35.46
N THR N 89 14.80 -23.11 35.53
CA THR N 89 13.71 -22.77 34.65
C THR N 89 12.41 -22.69 35.41
N ILE N 90 11.53 -21.84 34.89
CA ILE N 90 10.29 -21.46 35.54
C ILE N 90 9.27 -21.21 34.45
N CYS N 91 8.03 -21.60 34.71
CA CYS N 91 6.96 -21.56 33.73
C CYS N 91 5.83 -20.65 34.14
N ILE N 92 5.02 -20.29 33.16
CA ILE N 92 3.89 -19.38 33.33
C ILE N 92 2.80 -19.81 32.36
N GLY N 93 1.66 -20.22 32.91
CA GLY N 93 0.46 -20.43 32.13
C GLY N 93 0.59 -21.37 30.95
N MET N 94 0.33 -20.81 29.78
CA MET N 94 0.18 -21.58 28.56
C MET N 94 1.55 -22.05 28.10
N ALA N 95 1.96 -23.23 28.56
CA ALA N 95 3.14 -23.89 28.01
C ALA N 95 2.68 -24.75 26.85
N ALA N 96 3.03 -24.31 25.66
CA ALA N 96 2.61 -24.92 24.41
C ALA N 96 3.46 -26.14 24.11
N SER N 97 3.48 -26.48 22.84
CA SER N 97 4.23 -27.61 22.26
C SER N 97 5.69 -27.20 22.08
N MET N 98 6.52 -28.20 21.75
CA MET N 98 7.99 -28.13 21.61
C MET N 98 8.46 -27.28 22.79
N GLY N 99 8.76 -25.97 22.71
CA GLY N 99 9.33 -25.10 23.76
C GLY N 99 9.36 -25.67 25.17
N ALA N 100 8.16 -25.99 25.68
CA ALA N 100 7.92 -26.74 26.91
C ALA N 100 8.99 -27.80 26.96
N PHE N 101 9.08 -28.60 25.89
CA PHE N 101 10.16 -29.55 26.07
C PHE N 101 11.25 -28.96 26.95
N LEU N 102 11.46 -27.65 26.82
CA LEU N 102 12.53 -26.99 27.54
C LEU N 102 12.22 -26.87 29.01
N LEU N 103 10.96 -27.03 29.39
CA LEU N 103 10.60 -27.04 30.78
C LEU N 103 11.40 -28.07 31.54
N ALA N 104 11.51 -29.28 31.00
CA ALA N 104 12.19 -30.38 31.64
C ALA N 104 13.60 -30.55 31.08
N ALA N 105 14.26 -29.43 30.80
CA ALA N 105 15.54 -29.39 30.12
C ALA N 105 16.55 -28.62 30.93
N GLY N 106 16.56 -28.87 32.22
CA GLY N 106 17.51 -28.25 33.10
C GLY N 106 17.92 -29.21 34.16
N GLU N 107 18.34 -28.66 35.29
CA GLU N 107 18.74 -29.49 36.40
C GLU N 107 17.55 -30.33 36.87
N LYS N 108 17.87 -31.48 37.46
CA LYS N 108 16.84 -32.38 37.97
C LYS N 108 15.97 -31.75 39.04
N GLY N 109 16.40 -30.65 39.66
CA GLY N 109 15.69 -30.08 40.79
C GLY N 109 15.62 -28.58 40.83
N LYS N 110 15.49 -27.93 39.67
CA LYS N 110 15.31 -26.49 39.61
C LYS N 110 14.26 -26.12 38.58
N ARG N 111 13.15 -26.83 38.60
CA ARG N 111 12.05 -26.63 37.67
C ARG N 111 10.79 -26.29 38.44
N TYR N 112 10.52 -25.01 38.60
CA TYR N 112 9.40 -24.54 39.38
C TYR N 112 8.26 -24.13 38.47
N ALA N 113 7.15 -23.75 39.08
CA ALA N 113 5.95 -23.38 38.35
C ALA N 113 4.99 -22.70 39.30
N LEU N 114 3.78 -22.46 38.80
CA LEU N 114 2.75 -21.70 39.46
C LEU N 114 1.47 -22.51 39.56
N PRO N 115 0.65 -22.28 40.59
CA PRO N 115 -0.55 -23.11 40.77
C PRO N 115 -1.74 -22.63 39.96
N ASN N 116 -1.50 -22.20 38.72
CA ASN N 116 -2.56 -21.66 37.87
C ASN N 116 -2.38 -22.00 36.40
N SER N 117 -1.37 -22.79 36.06
CA SER N 117 -0.88 -22.87 34.71
C SER N 117 -1.28 -24.17 34.04
N GLU N 118 -1.44 -24.11 32.73
CA GLU N 118 -1.82 -25.24 31.90
C GLU N 118 -0.68 -25.54 30.94
N VAL N 119 -0.20 -26.77 30.99
CA VAL N 119 0.90 -27.23 30.14
C VAL N 119 0.40 -28.34 29.23
N MET N 120 0.89 -28.33 27.99
CA MET N 120 0.54 -29.32 26.99
C MET N 120 1.82 -29.96 26.47
N ILE N 121 1.65 -31.08 25.78
CA ILE N 121 2.75 -31.79 25.16
C ILE N 121 2.25 -32.49 23.91
N HIS N 122 2.80 -32.12 22.77
CA HIS N 122 2.25 -32.43 21.47
C HIS N 122 3.42 -32.51 20.49
N GLN N 123 3.15 -32.36 19.20
CA GLN N 123 4.21 -32.39 18.20
C GLN N 123 5.02 -31.10 18.20
N ALA N 138 12.22 -32.40 5.53
CA ALA N 138 12.31 -33.65 4.80
C ALA N 138 11.68 -34.79 5.57
N ALA N 139 11.10 -35.73 4.80
CA ALA N 139 10.34 -36.81 5.42
C ALA N 139 11.26 -37.92 5.92
N LYS N 140 12.38 -38.15 5.23
CA LYS N 140 13.29 -39.20 5.64
C LYS N 140 13.93 -38.91 6.99
N ARG N 141 13.90 -37.66 7.46
CA ARG N 141 14.59 -37.26 8.66
C ARG N 141 13.68 -36.68 9.73
N ILE N 142 12.63 -35.96 9.36
CA ILE N 142 11.72 -35.44 10.37
C ILE N 142 11.11 -36.56 11.17
N LEU N 143 10.85 -37.70 10.53
CA LEU N 143 10.32 -38.84 11.24
C LEU N 143 11.32 -39.38 12.25
N LEU N 144 12.59 -38.97 12.16
CA LEU N 144 13.57 -39.39 13.15
C LEU N 144 13.40 -38.62 14.45
N LEU N 145 12.88 -37.40 14.38
CA LEU N 145 13.06 -36.45 15.46
C LEU N 145 11.95 -36.57 16.49
N ARG N 146 10.70 -36.60 16.03
CA ARG N 146 9.62 -36.72 17.02
C ARG N 146 9.60 -38.08 17.71
N ASP N 147 10.39 -39.03 17.19
CA ASP N 147 10.77 -40.23 17.93
C ASP N 147 12.00 -40.02 18.79
N LYS N 148 12.91 -39.15 18.36
CA LYS N 148 14.12 -38.89 19.12
C LYS N 148 13.80 -38.22 20.45
N LEU N 149 12.74 -37.43 20.49
CA LEU N 149 12.34 -36.80 21.75
C LEU N 149 11.70 -37.82 22.68
N ASN N 150 10.90 -38.70 22.12
CA ASN N 150 10.32 -39.78 22.89
C ASN N 150 11.39 -40.68 23.47
N LYS N 151 12.59 -40.67 22.89
CA LYS N 151 13.73 -41.39 23.44
C LYS N 151 14.20 -40.78 24.75
N VAL N 152 13.75 -39.56 25.08
CA VAL N 152 14.43 -38.75 26.08
C VAL N 152 13.68 -38.80 27.40
N LEU N 153 12.43 -38.38 27.39
CA LEU N 153 11.72 -38.02 28.61
C LEU N 153 11.53 -39.19 29.56
N ALA N 154 11.66 -40.42 29.10
CA ALA N 154 11.73 -41.54 30.02
C ALA N 154 12.99 -41.46 30.88
N GLU N 155 13.96 -40.73 30.34
CA GLU N 155 15.28 -40.46 30.94
C GLU N 155 15.15 -39.22 31.82
N ARG N 156 14.53 -38.18 31.28
CA ARG N 156 14.32 -36.90 32.00
C ARG N 156 13.22 -37.07 33.05
N THR N 157 12.11 -37.74 32.76
CA THR N 157 11.04 -37.98 33.77
C THR N 157 11.32 -39.30 34.50
N GLY N 158 11.32 -40.42 33.76
CA GLY N 158 11.49 -41.77 34.32
C GLY N 158 10.33 -42.70 34.01
N GLN N 159 9.31 -42.25 33.27
CA GLN N 159 8.10 -43.05 32.90
C GLN N 159 8.38 -43.90 31.66
N PRO N 160 7.85 -45.13 31.50
CA PRO N 160 8.17 -45.92 30.31
C PRO N 160 7.83 -45.27 28.97
N LEU N 161 8.44 -45.72 27.89
CA LEU N 161 8.31 -45.15 26.52
C LEU N 161 6.87 -45.06 25.97
N GLU N 162 6.13 -46.15 25.83
CA GLU N 162 4.82 -46.12 25.14
C GLU N 162 3.84 -45.17 25.83
N VAL N 163 3.83 -45.15 27.16
CA VAL N 163 2.96 -44.23 27.95
C VAL N 163 3.24 -42.81 27.44
N ILE N 164 4.52 -42.40 27.46
CA ILE N 164 4.99 -41.06 27.00
C ILE N 164 4.39 -40.81 25.63
N GLU N 165 4.64 -41.74 24.72
CA GLU N 165 4.20 -41.66 23.31
C GLU N 165 2.71 -41.31 23.22
N ARG N 166 1.81 -42.15 23.75
CA ARG N 166 0.36 -41.95 23.52
C ARG N 166 -0.11 -40.61 24.12
N ASP N 167 0.36 -40.35 25.35
CA ASP N 167 -0.09 -39.12 26.04
C ASP N 167 0.31 -37.93 25.17
N THR N 168 1.56 -37.92 24.74
CA THR N 168 2.21 -36.88 23.90
C THR N 168 1.49 -36.64 22.58
N ASP N 169 0.90 -37.69 21.99
CA ASP N 169 0.23 -37.61 20.67
C ASP N 169 -1.24 -37.16 20.76
N ARG N 170 -1.91 -37.14 21.92
CA ARG N 170 -3.33 -36.61 21.97
C ARG N 170 -3.35 -35.13 22.39
N ASP N 171 -4.52 -34.46 22.50
CA ASP N 171 -4.56 -33.13 23.10
C ASP N 171 -5.26 -33.26 24.43
N ASN N 172 -4.52 -33.05 25.51
CA ASN N 172 -5.04 -33.22 26.86
C ASN N 172 -4.31 -32.21 27.75
N PHE N 173 -4.91 -31.04 27.91
CA PHE N 173 -4.25 -29.96 28.63
C PHE N 173 -4.28 -30.24 30.12
N LYS N 174 -3.12 -30.56 30.66
CA LYS N 174 -2.97 -30.91 32.06
C LYS N 174 -2.62 -29.66 32.86
N SER N 175 -2.82 -29.78 34.17
CA SER N 175 -2.66 -28.68 35.10
C SER N 175 -1.26 -28.67 35.64
N ALA N 176 -1.04 -27.81 36.63
CA ALA N 176 0.17 -27.88 37.42
C ALA N 176 0.22 -29.18 38.19
N GLU N 177 -0.87 -29.51 38.87
CA GLU N 177 -0.87 -30.60 39.82
C GLU N 177 -0.71 -31.93 39.11
N GLU N 178 -1.67 -32.28 38.27
CA GLU N 178 -1.65 -33.60 37.64
C GLU N 178 -0.46 -33.78 36.71
N ALA N 179 0.18 -32.69 36.31
CA ALA N 179 1.37 -32.78 35.48
C ALA N 179 2.63 -32.91 36.30
N LEU N 180 2.56 -32.73 37.62
CA LEU N 180 3.72 -32.97 38.46
C LEU N 180 4.14 -34.43 38.41
N GLU N 181 3.20 -35.33 38.69
CA GLU N 181 3.54 -36.73 38.89
C GLU N 181 4.14 -37.38 37.67
N TYR N 182 3.94 -36.81 36.48
CA TYR N 182 4.69 -37.25 35.32
C TYR N 182 6.17 -36.96 35.50
N GLY N 183 6.50 -35.95 36.33
CA GLY N 183 7.87 -35.68 36.71
C GLY N 183 8.47 -34.44 36.09
N LEU N 184 7.64 -33.64 35.43
CA LEU N 184 8.13 -32.44 34.76
C LEU N 184 8.64 -31.40 35.74
N ILE N 185 8.19 -31.44 36.99
CA ILE N 185 8.40 -30.36 37.93
C ILE N 185 8.42 -30.95 39.33
N ASP N 186 9.17 -30.31 40.21
CA ASP N 186 9.33 -30.80 41.57
C ASP N 186 9.36 -29.68 42.61
N LYS N 187 8.66 -28.58 42.38
CA LYS N 187 8.39 -27.58 43.41
C LYS N 187 7.46 -26.54 42.79
N ILE N 188 6.68 -25.88 43.62
CA ILE N 188 5.65 -24.96 43.19
C ILE N 188 5.56 -23.80 44.18
N LEU N 189 4.73 -22.83 43.84
CA LEU N 189 4.71 -21.56 44.55
C LEU N 189 3.67 -20.60 43.97
#